data_8DX4
#
_entry.id   8DX4
#
_cell.length_a   65.326
_cell.length_b   81.796
_cell.length_c   102.964
_cell.angle_alpha   92.440
_cell.angle_beta   90.950
_cell.angle_gamma   113.370
#
_symmetry.space_group_name_H-M   'P 1'
#
loop_
_entity.id
_entity.type
_entity.pdbx_description
1 polymer 'Maltodextrin-binding protein,Putative pilin protein'
2 non-polymer 1,2-ETHANEDIOL
3 non-polymer '4-(2-HYDROXYETHYL)-1-PIPERAZINE ETHANESULFONIC ACID'
4 non-polymer 'TRIETHYLENE GLYCOL'
5 non-polymer DI(HYDROXYETHYL)ETHER
6 water water
#
_entity_poly.entity_id   1
_entity_poly.type   'polypeptide(L)'
_entity_poly.pdbx_seq_one_letter_code
;MKIEEGKLVIWINGDKGYNGLAEVGKKFEKDTGIKVTVEHPDKLEEKFPQVAATGDGPDIIFWAHDRFGGYAQSGLLAEI
TPAAAFQDKLYPFTWDAVRYNGKLIAYPIAVEALSLIYNKDLLPNPPKTWEEIPALDKELKAKGKSALMFNLQEPYFTWP
LIAADGGYAFKYAAGKYDIKDVGVDNAGAKAGLTFLVDLIKNKHMNADTDYSIAEAAFNKGETAMTINGPWAWSNIDTSA
VNYGVTVLPTFKGQPSKPFVGVLSAGINAASPNKELAKEFLENYLLTDEGLEAVNKDKPLGAVALKSYEEELAKDPRIAA
TMENAQKGEIMPNIPQMSAFWYAVRTAVINAASGRQTVDAALAAAQTNAAAKNIEKAKIAKLEADISAIKSASLSYYADE
SKYTDGGMISWVKKDGKIIINGGFKDDPLADKIENLGMPYNGSYLLMSSPGHEKYLELSILPEGEISKSGLDKLKNDYGN
LIDITNDQNKINIVIKLLNNKSNTLEHHHHHH
;
_entity_poly.pdbx_strand_id   A,B,C,D
#
# COMPACT_ATOMS: atom_id res chain seq x y z
N LYS A 2 9.66 -50.52 11.71
CA LYS A 2 10.26 -49.22 12.01
C LYS A 2 11.62 -49.37 12.69
N ILE A 3 11.81 -48.63 13.78
CA ILE A 3 13.04 -48.69 14.55
C ILE A 3 12.96 -49.86 15.52
N GLU A 4 14.00 -50.69 15.55
CA GLU A 4 14.03 -51.87 16.40
C GLU A 4 14.24 -51.47 17.85
N GLU A 5 13.36 -51.95 18.73
CA GLU A 5 13.48 -51.67 20.15
C GLU A 5 14.60 -52.52 20.76
N GLY A 6 15.15 -52.04 21.87
CA GLY A 6 16.20 -52.75 22.55
C GLY A 6 17.61 -52.42 22.09
N LYS A 7 17.78 -51.44 21.21
CA LYS A 7 19.09 -51.14 20.66
C LYS A 7 19.16 -49.65 20.34
N LEU A 8 20.37 -49.19 20.04
CA LEU A 8 20.62 -47.80 19.65
C LEU A 8 21.31 -47.76 18.30
N VAL A 9 20.69 -47.09 17.34
CA VAL A 9 21.35 -46.71 16.09
C VAL A 9 21.66 -45.22 16.15
N ILE A 10 22.92 -44.87 15.91
CA ILE A 10 23.37 -43.48 15.98
C ILE A 10 23.94 -43.09 14.63
N TRP A 11 23.50 -41.94 14.13
CA TRP A 11 24.02 -41.35 12.91
C TRP A 11 24.87 -40.13 13.28
N ILE A 12 26.11 -40.11 12.78
CA ILE A 12 26.98 -38.96 12.93
C ILE A 12 27.77 -38.81 11.63
N ASN A 13 28.19 -37.58 11.33
CA ASN A 13 28.84 -37.32 10.05
C ASN A 13 30.24 -37.95 10.00
N GLY A 14 30.64 -38.31 8.77
CA GLY A 14 31.91 -38.98 8.54
C GLY A 14 33.14 -38.18 8.96
N ASP A 15 33.03 -36.86 9.07
CA ASP A 15 34.18 -36.06 9.47
C ASP A 15 34.34 -35.97 10.98
N LYS A 16 33.44 -36.60 11.74
CA LYS A 16 33.51 -36.62 13.19
C LYS A 16 34.10 -37.96 13.64
N GLY A 17 34.40 -38.02 14.94
CA GLY A 17 35.01 -39.21 15.52
C GLY A 17 34.09 -40.40 15.73
N TYR A 18 33.73 -41.07 14.63
CA TYR A 18 32.84 -42.24 14.73
C TYR A 18 33.48 -43.41 15.46
N ASN A 19 34.81 -43.56 15.38
CA ASN A 19 35.46 -44.66 16.10
C ASN A 19 35.39 -44.45 17.60
N GLY A 20 35.72 -43.24 18.06
CA GLY A 20 35.60 -42.92 19.49
C GLY A 20 34.19 -43.05 20.00
N LEU A 21 33.20 -42.61 19.22
CA LEU A 21 31.81 -42.72 19.64
C LEU A 21 31.41 -44.18 19.78
N ALA A 22 31.86 -45.02 18.86
CA ALA A 22 31.61 -46.45 18.97
C ALA A 22 32.23 -47.04 20.23
N GLU A 23 33.35 -46.48 20.69
CA GLU A 23 33.97 -46.99 21.90
C GLU A 23 33.15 -46.61 23.14
N VAL A 24 32.61 -45.40 23.17
CA VAL A 24 31.60 -45.06 24.17
C VAL A 24 30.43 -46.03 24.09
N GLY A 25 30.04 -46.40 22.86
CA GLY A 25 29.02 -47.41 22.69
C GLY A 25 29.39 -48.75 23.31
N LYS A 26 30.66 -49.14 23.21
CA LYS A 26 31.10 -50.41 23.77
C LYS A 26 31.03 -50.40 25.30
N LYS A 27 31.37 -49.26 25.92
CA LYS A 27 31.22 -49.16 27.37
C LYS A 27 29.75 -49.22 27.77
N PHE A 28 28.88 -48.68 26.91
CA PHE A 28 27.44 -48.72 27.18
C PHE A 28 26.92 -50.16 27.10
N GLU A 29 27.36 -50.92 26.10
CA GLU A 29 26.90 -52.31 26.00
CA GLU A 29 26.92 -52.32 25.98
C GLU A 29 27.46 -53.17 27.12
N LYS A 30 28.67 -52.88 27.59
CA LYS A 30 29.22 -53.63 28.71
C LYS A 30 28.37 -53.46 29.96
N ASP A 31 27.97 -52.22 30.25
CA ASP A 31 27.26 -51.92 31.48
C ASP A 31 25.79 -52.33 31.41
N THR A 32 25.22 -52.39 30.22
CA THR A 32 23.78 -52.58 30.07
C THR A 32 23.38 -53.77 29.20
N GLY A 33 24.26 -54.25 28.34
CA GLY A 33 23.92 -55.32 27.42
C GLY A 33 23.34 -54.87 26.10
N ILE A 34 23.07 -53.58 25.94
CA ILE A 34 22.41 -53.06 24.74
C ILE A 34 23.48 -52.66 23.74
N LYS A 35 23.40 -53.23 22.54
CA LYS A 35 24.37 -52.92 21.49
C LYS A 35 24.11 -51.53 20.92
N VAL A 36 25.19 -50.84 20.58
CA VAL A 36 25.12 -49.49 19.99
C VAL A 36 25.77 -49.54 18.62
N THR A 37 24.99 -49.22 17.60
CA THR A 37 25.48 -49.20 16.22
C THR A 37 25.70 -47.74 15.80
N VAL A 38 26.97 -47.35 15.66
CA VAL A 38 27.33 -46.03 15.17
C VAL A 38 27.67 -46.17 13.69
N GLU A 39 26.87 -45.57 12.83
CA GLU A 39 27.16 -45.48 11.40
C GLU A 39 27.31 -44.02 11.00
N HIS A 40 28.07 -43.79 9.93
CA HIS A 40 28.19 -42.46 9.33
C HIS A 40 27.79 -42.52 7.85
N PRO A 41 26.50 -42.63 7.58
CA PRO A 41 26.02 -42.67 6.20
C PRO A 41 26.24 -41.33 5.51
N ASP A 42 26.12 -41.36 4.19
CA ASP A 42 26.30 -40.17 3.37
C ASP A 42 25.00 -39.37 3.29
N LYS A 43 25.15 -38.05 3.14
CA LYS A 43 24.01 -37.12 3.05
C LYS A 43 23.08 -37.30 4.24
N LEU A 44 23.68 -37.44 5.43
CA LEU A 44 22.92 -37.68 6.65
C LEU A 44 21.93 -36.56 6.93
N GLU A 45 22.24 -35.33 6.53
CA GLU A 45 21.36 -34.20 6.80
C GLU A 45 20.05 -34.30 6.03
N GLU A 46 20.07 -34.93 4.85
CA GLU A 46 18.87 -35.08 4.03
C GLU A 46 18.20 -36.43 4.22
N LYS A 47 18.97 -37.46 4.61
CA LYS A 47 18.42 -38.80 4.74
C LYS A 47 17.49 -38.91 5.95
N PHE A 48 17.88 -38.30 7.07
CA PHE A 48 17.05 -38.36 8.28
C PHE A 48 15.64 -37.84 8.07
N PRO A 49 15.41 -36.62 7.57
CA PRO A 49 14.03 -36.14 7.41
C PRO A 49 13.18 -37.06 6.53
N GLN A 50 13.81 -37.73 5.57
CA GLN A 50 13.10 -38.70 4.75
C GLN A 50 12.68 -39.93 5.56
N VAL A 51 13.67 -40.63 6.11
CA VAL A 51 13.37 -41.90 6.78
C VAL A 51 12.64 -41.67 8.10
N ALA A 52 12.90 -40.55 8.78
CA ALA A 52 12.26 -40.32 10.07
C ALA A 52 10.78 -40.00 9.92
N ALA A 53 10.38 -39.36 8.82
CA ALA A 53 8.97 -39.03 8.63
C ALA A 53 8.12 -40.28 8.49
N THR A 54 8.66 -41.30 7.83
CA THR A 54 8.01 -42.61 7.74
C THR A 54 8.11 -43.41 9.02
N GLY A 55 8.69 -42.82 10.08
CA GLY A 55 8.79 -43.52 11.35
C GLY A 55 9.94 -44.48 11.43
N ASP A 56 11.02 -44.22 10.70
CA ASP A 56 12.19 -45.08 10.69
C ASP A 56 13.43 -44.22 10.97
N GLY A 57 14.61 -44.80 10.80
CA GLY A 57 15.85 -44.05 10.92
C GLY A 57 16.61 -44.40 12.16
N PRO A 58 17.57 -43.55 12.55
CA PRO A 58 18.34 -43.78 13.77
C PRO A 58 17.57 -43.34 15.02
N ASP A 59 18.09 -43.77 16.16
CA ASP A 59 17.60 -43.27 17.44
C ASP A 59 18.14 -41.89 17.74
N ILE A 60 19.43 -41.67 17.45
CA ILE A 60 20.12 -40.44 17.78
C ILE A 60 20.78 -39.93 16.49
N ILE A 61 20.58 -38.65 16.21
CA ILE A 61 21.21 -38.00 15.07
C ILE A 61 22.08 -36.88 15.60
N PHE A 62 23.35 -36.88 15.17
CA PHE A 62 24.28 -35.81 15.48
C PHE A 62 24.33 -34.90 14.26
N TRP A 63 24.09 -33.61 14.48
CA TRP A 63 24.21 -32.63 13.40
C TRP A 63 24.25 -31.24 14.01
N ALA A 64 24.73 -30.29 13.22
CA ALA A 64 24.72 -28.89 13.61
C ALA A 64 23.30 -28.43 13.94
N HIS A 65 23.18 -27.66 15.02
CA HIS A 65 21.88 -27.34 15.61
C HIS A 65 20.93 -26.67 14.63
N ASP A 66 21.44 -25.96 13.62
CA ASP A 66 20.57 -25.07 12.85
C ASP A 66 19.54 -25.85 12.04
N ARG A 67 19.85 -27.10 11.66
CA ARG A 67 18.87 -27.91 10.96
C ARG A 67 17.78 -28.42 11.89
N PHE A 68 18.04 -28.43 13.20
CA PHE A 68 17.13 -29.10 14.12
C PHE A 68 15.82 -28.35 14.28
N GLY A 69 15.83 -27.02 14.18
CA GLY A 69 14.57 -26.29 14.21
C GLY A 69 13.62 -26.72 13.11
N GLY A 70 14.16 -26.95 11.92
CA GLY A 70 13.35 -27.51 10.84
C GLY A 70 12.80 -28.87 11.19
N TYR A 71 13.68 -29.80 11.59
CA TYR A 71 13.25 -31.13 12.01
C TYR A 71 12.11 -31.05 13.03
N ALA A 72 12.25 -30.16 14.01
CA ALA A 72 11.24 -30.04 15.05
C ALA A 72 9.90 -29.56 14.50
N GLN A 73 9.94 -28.64 13.53
CA GLN A 73 8.71 -28.16 12.91
C GLN A 73 7.96 -29.30 12.22
N SER A 74 8.70 -30.25 11.63
CA SER A 74 8.11 -31.45 11.07
C SER A 74 7.86 -32.54 12.12
N GLY A 75 8.00 -32.20 13.40
CA GLY A 75 7.79 -33.15 14.48
C GLY A 75 8.65 -34.39 14.44
N LEU A 76 9.89 -34.27 13.97
CA LEU A 76 10.78 -35.42 13.87
C LEU A 76 11.64 -35.62 15.11
N LEU A 77 11.54 -34.74 16.09
CA LEU A 77 12.45 -34.76 17.24
C LEU A 77 11.65 -34.82 18.54
N ALA A 78 12.08 -35.69 19.45
CA ALA A 78 11.44 -35.75 20.75
C ALA A 78 11.96 -34.62 21.64
N GLU A 79 11.10 -34.15 22.53
CA GLU A 79 11.56 -33.24 23.58
C GLU A 79 12.39 -34.01 24.58
N ILE A 80 13.54 -33.45 24.93
CA ILE A 80 14.46 -34.12 25.84
C ILE A 80 14.16 -33.64 27.25
N THR A 81 14.53 -34.48 28.24
CA THR A 81 14.12 -34.27 29.63
C THR A 81 15.30 -34.25 30.59
N PRO A 82 16.34 -33.44 30.34
CA PRO A 82 17.47 -33.41 31.27
C PRO A 82 17.08 -32.72 32.57
N ALA A 83 17.47 -33.31 33.69
CA ALA A 83 17.25 -32.66 34.97
C ALA A 83 18.08 -31.39 35.07
N ALA A 84 17.66 -30.50 35.98
CA ALA A 84 18.40 -29.26 36.20
C ALA A 84 19.85 -29.54 36.53
N ALA A 85 20.12 -30.60 37.29
CA ALA A 85 21.50 -30.93 37.65
C ALA A 85 22.33 -31.22 36.41
N PHE A 86 21.75 -31.89 35.41
CA PHE A 86 22.51 -32.17 34.20
C PHE A 86 22.67 -30.93 33.33
N GLN A 87 21.62 -30.09 33.26
CA GLN A 87 21.70 -28.89 32.43
C GLN A 87 22.84 -27.97 32.87
N ASP A 88 23.09 -27.88 34.18
CA ASP A 88 24.14 -26.98 34.65
C ASP A 88 25.54 -27.50 34.32
N LYS A 89 25.64 -28.74 33.85
CA LYS A 89 26.94 -29.26 33.43
C LYS A 89 27.36 -28.70 32.09
N LEU A 90 26.42 -28.11 31.35
CA LEU A 90 26.66 -27.50 30.05
C LEU A 90 26.51 -25.98 30.16
N TYR A 91 27.30 -25.26 29.38
CA TYR A 91 27.22 -23.81 29.35
C TYR A 91 25.80 -23.38 28.96
N PRO A 92 25.18 -22.45 29.69
CA PRO A 92 23.80 -22.05 29.38
C PRO A 92 23.55 -21.63 27.93
N PHE A 93 24.48 -20.90 27.28
CA PHE A 93 24.19 -20.43 25.93
C PHE A 93 24.08 -21.57 24.92
N THR A 94 24.66 -22.73 25.21
CA THR A 94 24.51 -23.87 24.30
C THR A 94 23.10 -24.45 24.36
N TRP A 95 22.42 -24.35 25.50
CA TRP A 95 21.05 -24.83 25.59
C TRP A 95 20.10 -23.99 24.76
N ASP A 96 20.43 -22.71 24.56
CA ASP A 96 19.57 -21.86 23.75
C ASP A 96 19.66 -22.21 22.27
N ALA A 97 20.71 -22.92 21.87
CA ALA A 97 20.85 -23.32 20.48
C ALA A 97 19.98 -24.52 20.13
N VAL A 98 19.41 -25.20 21.11
CA VAL A 98 18.65 -26.42 20.86
C VAL A 98 17.22 -26.28 21.35
N ARG A 99 16.66 -25.08 21.24
CA ARG A 99 15.27 -24.84 21.57
C ARG A 99 14.47 -24.58 20.30
N TYR A 100 13.34 -25.26 20.17
CA TYR A 100 12.29 -24.84 19.26
C TYR A 100 11.01 -24.79 20.06
N ASN A 101 10.15 -23.83 19.71
CA ASN A 101 9.04 -23.42 20.58
C ASN A 101 9.71 -23.01 21.89
N GLY A 102 9.24 -23.49 23.04
CA GLY A 102 9.97 -23.31 24.28
C GLY A 102 10.52 -24.65 24.76
N LYS A 103 10.81 -25.55 23.83
CA LYS A 103 11.13 -26.94 24.13
C LYS A 103 12.58 -27.26 23.77
N LEU A 104 13.28 -27.93 24.68
CA LEU A 104 14.58 -28.50 24.38
C LEU A 104 14.40 -29.67 23.41
N ILE A 105 15.11 -29.64 22.29
CA ILE A 105 14.93 -30.68 21.27
C ILE A 105 16.24 -31.37 20.90
N ALA A 106 17.31 -31.16 21.67
CA ALA A 106 18.58 -31.84 21.41
C ALA A 106 19.55 -31.55 22.54
N TYR A 107 20.58 -32.39 22.62
CA TYR A 107 21.69 -32.18 23.55
C TYR A 107 22.83 -31.45 22.84
N PRO A 108 23.34 -30.36 23.40
CA PRO A 108 24.52 -29.72 22.81
C PRO A 108 25.77 -30.55 23.06
N ILE A 109 26.60 -30.67 22.02
CA ILE A 109 27.85 -31.42 22.11
C ILE A 109 29.06 -30.50 21.98
N ALA A 110 29.18 -29.81 20.85
CA ALA A 110 30.36 -29.01 20.56
C ALA A 110 29.95 -27.60 20.15
N VAL A 111 30.92 -26.69 20.19
CA VAL A 111 30.69 -25.27 19.91
C VAL A 111 31.75 -24.78 18.94
N GLU A 112 31.32 -24.13 17.86
CA GLU A 112 32.26 -23.71 16.81
C GLU A 112 31.96 -22.30 16.34
N ALA A 113 33.02 -21.54 16.07
CA ALA A 113 32.92 -20.19 15.54
C ALA A 113 34.24 -19.82 14.88
N LEU A 114 34.17 -18.86 13.95
CA LEU A 114 35.36 -18.29 13.32
C LEU A 114 36.27 -17.63 14.35
N SER A 115 37.57 -17.66 14.08
CA SER A 115 38.55 -16.90 14.83
C SER A 115 39.51 -16.16 13.91
N LEU A 116 40.31 -15.27 14.51
CA LEU A 116 41.45 -14.64 13.85
C LEU A 116 42.67 -15.55 13.93
N ILE A 117 43.19 -15.96 12.78
CA ILE A 117 44.38 -16.79 12.67
C ILE A 117 45.52 -15.93 12.15
N TYR A 118 46.66 -15.93 12.86
CA TYR A 118 47.74 -15.04 12.49
C TYR A 118 49.08 -15.76 12.48
N ASN A 119 49.96 -15.27 11.60
CA ASN A 119 51.31 -15.81 11.42
C ASN A 119 52.21 -15.13 12.43
N LYS A 120 52.69 -15.90 13.41
CA LYS A 120 53.49 -15.34 14.50
C LYS A 120 54.82 -14.79 14.04
N ASP A 121 55.36 -15.29 12.91
CA ASP A 121 56.64 -14.77 12.44
C ASP A 121 56.47 -13.40 11.80
N LEU A 122 55.40 -13.23 11.01
CA LEU A 122 55.11 -11.93 10.42
C LEU A 122 54.52 -10.97 11.44
N LEU A 123 53.86 -11.49 12.46
CA LEU A 123 53.00 -10.66 13.32
C LEU A 123 52.88 -11.30 14.69
N PRO A 124 53.89 -11.13 15.56
CA PRO A 124 53.83 -11.75 16.90
C PRO A 124 52.75 -11.18 17.79
N ASN A 125 52.31 -9.95 17.58
CA ASN A 125 51.21 -9.35 18.34
C ASN A 125 50.06 -8.99 17.39
N PRO A 126 49.03 -9.82 17.30
CA PRO A 126 47.95 -9.54 16.33
C PRO A 126 47.15 -8.31 16.73
N PRO A 127 46.56 -7.60 15.77
CA PRO A 127 45.80 -6.38 16.08
C PRO A 127 44.54 -6.69 16.87
N LYS A 128 44.24 -5.80 17.82
CA LYS A 128 43.02 -5.90 18.60
C LYS A 128 41.80 -5.31 17.88
N THR A 129 42.00 -4.39 16.93
CA THR A 129 40.89 -3.69 16.29
C THR A 129 40.92 -3.83 14.78
N TRP A 130 39.73 -3.82 14.16
CA TRP A 130 39.65 -3.76 12.70
C TRP A 130 40.24 -2.45 12.18
N GLU A 131 40.07 -1.35 12.92
CA GLU A 131 40.45 -0.05 12.42
C GLU A 131 41.94 0.09 12.17
N GLU A 132 42.77 -0.65 12.91
CA GLU A 132 44.22 -0.53 12.77
C GLU A 132 44.81 -1.41 11.67
N ILE A 133 44.00 -2.24 11.01
CA ILE A 133 44.48 -3.13 9.96
C ILE A 133 44.96 -2.40 8.71
N PRO A 134 44.29 -1.33 8.24
CA PRO A 134 44.85 -0.58 7.11
C PRO A 134 46.31 -0.15 7.29
N ALA A 135 46.64 0.45 8.44
CA ALA A 135 48.01 0.85 8.69
C ALA A 135 48.94 -0.36 8.75
N LEU A 136 48.44 -1.47 9.29
CA LEU A 136 49.24 -2.69 9.36
C LEU A 136 49.51 -3.24 7.97
N ASP A 137 48.52 -3.16 7.08
CA ASP A 137 48.71 -3.63 5.71
C ASP A 137 49.74 -2.79 4.95
N LYS A 138 49.79 -1.48 5.20
CA LYS A 138 50.78 -0.65 4.53
C LYS A 138 52.19 -1.04 4.96
N GLU A 139 52.39 -1.22 6.26
CA GLU A 139 53.69 -1.61 6.79
C GLU A 139 54.12 -2.99 6.30
N LEU A 140 53.17 -3.90 6.10
CA LEU A 140 53.49 -5.23 5.59
C LEU A 140 53.63 -5.28 4.07
N LYS A 141 52.85 -4.50 3.34
CA LYS A 141 53.02 -4.46 1.89
C LYS A 141 54.38 -3.91 1.49
N ALA A 142 54.97 -3.06 2.35
CA ALA A 142 56.34 -2.58 2.12
C ALA A 142 57.35 -3.72 2.10
N LYS A 143 57.04 -4.86 2.73
CA LYS A 143 57.95 -6.00 2.77
C LYS A 143 57.44 -7.16 1.91
N GLY A 144 56.49 -6.90 1.01
CA GLY A 144 55.99 -7.92 0.11
C GLY A 144 54.92 -8.83 0.68
N LYS A 145 54.30 -8.47 1.80
CA LYS A 145 53.29 -9.28 2.46
C LYS A 145 52.01 -8.47 2.62
N SER A 146 50.88 -9.16 2.73
CA SER A 146 49.62 -8.50 3.04
C SER A 146 49.25 -8.77 4.50
N ALA A 147 48.35 -7.93 5.03
CA ALA A 147 47.91 -8.08 6.41
C ALA A 147 46.89 -9.20 6.57
N LEU A 148 45.88 -9.25 5.70
CA LEU A 148 44.67 -10.02 5.97
C LEU A 148 44.08 -10.52 4.66
N MET A 149 43.96 -11.83 4.53
CA MET A 149 43.19 -12.43 3.43
C MET A 149 42.23 -13.45 4.00
N PHE A 150 40.94 -13.32 3.65
CA PHE A 150 39.95 -14.29 4.04
C PHE A 150 38.81 -14.28 3.02
N ASN A 151 37.98 -15.33 3.08
CA ASN A 151 36.93 -15.56 2.10
C ASN A 151 35.87 -14.47 2.12
N LEU A 152 35.81 -13.68 1.06
CA LEU A 152 34.84 -12.60 0.93
C LEU A 152 33.63 -13.00 0.11
N GLN A 153 33.60 -14.23 -0.42
CA GLN A 153 32.52 -14.68 -1.28
C GLN A 153 31.31 -15.19 -0.51
N GLU A 154 31.50 -15.60 0.74
CA GLU A 154 30.45 -16.23 1.52
C GLU A 154 30.15 -15.37 2.75
N PRO A 155 28.90 -14.95 2.95
CA PRO A 155 28.58 -14.05 4.07
C PRO A 155 28.83 -14.64 5.44
N TYR A 156 28.92 -15.97 5.58
CA TYR A 156 29.37 -16.55 6.84
C TYR A 156 30.67 -15.91 7.31
N PHE A 157 31.60 -15.68 6.39
CA PHE A 157 32.92 -15.17 6.77
C PHE A 157 32.93 -13.65 6.97
N THR A 158 32.09 -12.91 6.26
CA THR A 158 32.09 -11.46 6.39
C THR A 158 31.12 -10.95 7.43
N TRP A 159 30.13 -11.76 7.82
CA TRP A 159 29.15 -11.35 8.81
C TRP A 159 29.72 -10.90 10.15
N PRO A 160 30.81 -11.47 10.69
CA PRO A 160 31.28 -10.98 12.00
C PRO A 160 31.56 -9.48 12.01
N LEU A 161 32.09 -8.93 10.92
CA LEU A 161 32.32 -7.49 10.85
C LEU A 161 31.01 -6.73 10.61
N ILE A 162 30.19 -7.22 9.69
CA ILE A 162 28.91 -6.58 9.38
C ILE A 162 28.00 -6.51 10.60
N ALA A 163 28.01 -7.54 11.45
CA ALA A 163 27.11 -7.61 12.59
C ALA A 163 27.64 -6.87 13.81
N ALA A 164 28.94 -6.54 13.83
CA ALA A 164 29.59 -6.08 15.04
C ALA A 164 28.91 -4.84 15.62
N ASP A 165 28.49 -3.92 14.75
CA ASP A 165 27.92 -2.65 15.19
C ASP A 165 26.39 -2.63 15.14
N GLY A 166 25.75 -3.78 14.90
CA GLY A 166 24.30 -3.83 15.03
C GLY A 166 23.55 -4.74 14.07
N GLY A 167 24.25 -5.32 13.11
CA GLY A 167 23.62 -6.31 12.24
C GLY A 167 23.11 -7.51 13.00
N TYR A 168 22.02 -8.10 12.50
CA TYR A 168 21.54 -9.38 13.00
C TYR A 168 20.74 -10.07 11.90
N ALA A 169 20.62 -11.40 12.03
CA ALA A 169 19.86 -12.17 11.05
C ALA A 169 18.36 -12.08 11.32
N PHE A 170 17.90 -12.70 12.40
CA PHE A 170 16.51 -12.62 12.84
C PHE A 170 16.48 -12.29 14.32
N LYS A 171 15.63 -11.34 14.70
CA LYS A 171 15.50 -10.99 16.11
C LYS A 171 14.97 -12.18 16.91
N TYR A 172 15.56 -12.37 18.09
CA TYR A 172 15.24 -13.49 18.98
C TYR A 172 14.59 -12.90 20.23
N ALA A 173 13.40 -13.40 20.56
CA ALA A 173 12.60 -12.89 21.66
C ALA A 173 11.74 -14.03 22.16
N ALA A 174 11.66 -14.16 23.48
CA ALA A 174 11.11 -15.34 24.15
C ALA A 174 12.02 -16.49 23.71
N GLY A 175 11.49 -17.56 23.15
CA GLY A 175 12.31 -18.66 22.67
C GLY A 175 12.18 -18.78 21.16
N LYS A 176 11.73 -17.70 20.51
CA LYS A 176 11.34 -17.73 19.11
C LYS A 176 12.02 -16.61 18.33
N TYR A 177 12.23 -16.90 17.04
CA TYR A 177 12.72 -15.92 16.08
C TYR A 177 11.56 -15.30 15.33
N ASP A 178 11.58 -13.98 15.21
CA ASP A 178 10.60 -13.27 14.38
C ASP A 178 11.13 -13.25 12.96
N ILE A 179 10.54 -14.09 12.10
CA ILE A 179 10.96 -14.24 10.70
C ILE A 179 10.63 -12.99 9.89
N LYS A 180 9.98 -12.02 10.52
CA LYS A 180 9.66 -10.76 9.86
C LYS A 180 10.66 -9.67 10.19
N ASP A 181 11.56 -9.89 11.15
CA ASP A 181 12.47 -8.87 11.66
C ASP A 181 13.91 -9.26 11.33
N VAL A 182 14.42 -8.73 10.22
CA VAL A 182 15.78 -8.98 9.75
C VAL A 182 16.61 -7.72 9.96
N GLY A 183 17.86 -7.89 10.39
CA GLY A 183 18.70 -6.75 10.72
C GLY A 183 19.84 -6.54 9.75
N VAL A 184 19.53 -6.46 8.45
CA VAL A 184 20.54 -6.43 7.39
C VAL A 184 20.80 -5.00 6.90
N ASP A 185 19.81 -4.12 7.00
CA ASP A 185 19.97 -2.78 6.46
C ASP A 185 19.86 -1.70 7.54
N ASN A 186 20.23 -2.03 8.78
CA ASN A 186 20.31 -1.02 9.81
C ASN A 186 21.68 -0.32 9.75
N ALA A 187 21.84 0.71 10.58
CA ALA A 187 23.06 1.50 10.53
C ALA A 187 24.29 0.70 10.91
N GLY A 188 24.15 -0.26 11.83
CA GLY A 188 25.30 -1.06 12.22
C GLY A 188 25.80 -1.94 11.08
N ALA A 189 24.87 -2.62 10.42
CA ALA A 189 25.24 -3.45 9.28
C ALA A 189 25.85 -2.61 8.16
N LYS A 190 25.32 -1.40 7.93
CA LYS A 190 25.90 -0.53 6.91
C LYS A 190 27.31 -0.13 7.27
N ALA A 191 27.53 0.27 8.53
CA ALA A 191 28.87 0.66 8.97
C ALA A 191 29.87 -0.47 8.77
N GLY A 192 29.49 -1.68 9.19
CA GLY A 192 30.38 -2.83 9.03
C GLY A 192 30.70 -3.13 7.57
N LEU A 193 29.67 -3.13 6.72
CA LEU A 193 29.91 -3.44 5.31
C LEU A 193 30.68 -2.31 4.61
N THR A 194 30.43 -1.05 5.01
CA THR A 194 31.20 0.06 4.45
C THR A 194 32.68 -0.09 4.78
N PHE A 195 33.00 -0.48 6.02
CA PHE A 195 34.41 -0.72 6.35
C PHE A 195 34.99 -1.81 5.46
N LEU A 196 34.25 -2.90 5.25
CA LEU A 196 34.73 -3.97 4.39
C LEU A 196 35.00 -3.45 2.98
N VAL A 197 34.04 -2.71 2.41
CA VAL A 197 34.20 -2.20 1.05
C VAL A 197 35.34 -1.19 0.98
N ASP A 198 35.49 -0.36 2.03
CA ASP A 198 36.61 0.56 2.08
C ASP A 198 37.94 -0.18 2.07
N LEU A 199 38.02 -1.31 2.76
CA LEU A 199 39.25 -2.11 2.73
C LEU A 199 39.57 -2.52 1.30
N ILE A 200 38.54 -2.85 0.50
CA ILE A 200 38.76 -3.28 -0.86
C ILE A 200 39.11 -2.11 -1.77
N LYS A 201 38.41 -0.98 -1.63
CA LYS A 201 38.71 0.16 -2.48
C LYS A 201 40.09 0.75 -2.20
N ASN A 202 40.56 0.64 -0.95
CA ASN A 202 41.90 1.11 -0.60
C ASN A 202 42.97 0.06 -0.81
N LYS A 203 42.65 -1.03 -1.50
CA LYS A 203 43.59 -2.07 -1.93
C LYS A 203 44.17 -2.86 -0.77
N HIS A 204 43.49 -2.90 0.38
CA HIS A 204 43.94 -3.77 1.45
C HIS A 204 43.43 -5.19 1.29
N MET A 205 42.38 -5.39 0.50
CA MET A 205 41.90 -6.71 0.14
C MET A 205 41.35 -6.65 -1.27
N ASN A 206 41.22 -7.82 -1.87
CA ASN A 206 40.70 -7.95 -3.22
CA ASN A 206 40.70 -7.97 -3.22
C ASN A 206 39.33 -8.64 -3.17
N ALA A 207 38.37 -8.07 -3.88
CA ALA A 207 37.00 -8.56 -3.86
C ALA A 207 36.86 -9.99 -4.38
N ASP A 208 37.88 -10.54 -5.05
CA ASP A 208 37.82 -11.87 -5.62
C ASP A 208 38.40 -12.94 -4.71
N THR A 209 38.91 -12.56 -3.53
CA THR A 209 39.46 -13.53 -2.61
C THR A 209 38.37 -14.49 -2.15
N ASP A 210 38.62 -15.79 -2.30
CA ASP A 210 37.68 -16.82 -1.89
C ASP A 210 38.38 -17.73 -0.87
N TYR A 211 37.75 -18.87 -0.58
CA TYR A 211 38.29 -19.77 0.43
C TYR A 211 39.68 -20.27 0.03
N SER A 212 39.82 -20.78 -1.20
CA SER A 212 41.07 -21.41 -1.60
C SER A 212 42.21 -20.41 -1.67
N ILE A 213 41.96 -19.23 -2.26
CA ILE A 213 43.01 -18.22 -2.39
C ILE A 213 43.52 -17.82 -1.01
N ALA A 214 42.60 -17.60 -0.07
CA ALA A 214 42.99 -17.18 1.28
C ALA A 214 43.76 -18.29 1.99
N GLU A 215 43.27 -19.53 1.92
CA GLU A 215 43.95 -20.64 2.58
C GLU A 215 45.35 -20.85 2.00
N ALA A 216 45.47 -20.81 0.67
CA ALA A 216 46.78 -20.94 0.04
C ALA A 216 47.71 -19.80 0.46
N ALA A 217 47.18 -18.56 0.52
CA ALA A 217 48.04 -17.44 0.85
C ALA A 217 48.54 -17.51 2.29
N PHE A 218 47.67 -17.88 3.23
CA PHE A 218 48.12 -17.98 4.61
C PHE A 218 49.07 -19.16 4.80
N ASN A 219 48.81 -20.27 4.11
CA ASN A 219 49.64 -21.46 4.30
C ASN A 219 51.02 -21.27 3.69
N LYS A 220 51.15 -20.45 2.65
CA LYS A 220 52.46 -20.15 2.08
C LYS A 220 53.13 -18.94 2.73
N GLY A 221 52.60 -18.46 3.85
CA GLY A 221 53.19 -17.34 4.55
C GLY A 221 53.17 -16.03 3.79
N GLU A 222 52.18 -15.85 2.91
CA GLU A 222 52.08 -14.63 2.11
C GLU A 222 51.27 -13.53 2.78
N THR A 223 50.33 -13.88 3.66
CA THR A 223 49.54 -12.89 4.38
C THR A 223 49.70 -13.13 5.88
N ALA A 224 49.67 -12.04 6.64
CA ALA A 224 49.93 -12.15 8.07
C ALA A 224 48.76 -12.72 8.85
N MET A 225 47.54 -12.60 8.31
CA MET A 225 46.35 -13.02 9.04
CA MET A 225 46.35 -13.02 9.04
C MET A 225 45.35 -13.65 8.08
N THR A 226 44.42 -14.41 8.65
CA THR A 226 43.26 -14.92 7.95
C THR A 226 42.15 -15.12 8.98
N ILE A 227 40.95 -15.41 8.48
CA ILE A 227 39.80 -15.69 9.34
C ILE A 227 39.24 -17.04 8.94
N ASN A 228 39.18 -17.96 9.89
CA ASN A 228 38.72 -19.32 9.57
C ASN A 228 38.34 -20.05 10.85
N GLY A 229 37.79 -21.26 10.67
CA GLY A 229 37.35 -22.08 11.77
C GLY A 229 38.26 -23.27 12.03
N PRO A 230 37.91 -24.09 13.03
CA PRO A 230 38.79 -25.20 13.41
C PRO A 230 39.04 -26.20 12.28
N TRP A 231 38.10 -26.35 11.35
CA TRP A 231 38.29 -27.28 10.24
C TRP A 231 39.53 -26.98 9.43
N ALA A 232 40.05 -25.76 9.50
CA ALA A 232 41.20 -25.35 8.70
C ALA A 232 42.54 -25.60 9.37
N TRP A 233 42.55 -25.87 10.68
CA TRP A 233 43.81 -25.95 11.44
C TRP A 233 44.76 -26.99 10.87
N SER A 234 44.25 -28.19 10.54
CA SER A 234 45.14 -29.28 10.14
C SER A 234 45.88 -28.99 8.85
N ASN A 235 45.34 -28.12 7.99
CA ASN A 235 46.06 -27.77 6.78
C ASN A 235 47.14 -26.74 7.04
N ILE A 236 47.04 -26.02 8.15
CA ILE A 236 48.09 -25.10 8.54
C ILE A 236 49.20 -25.86 9.24
N ASP A 237 48.84 -26.93 9.96
CA ASP A 237 49.85 -27.80 10.57
C ASP A 237 50.75 -28.41 9.51
N THR A 238 50.15 -28.99 8.47
CA THR A 238 50.92 -29.53 7.35
C THR A 238 51.77 -28.46 6.68
N SER A 239 51.34 -27.19 6.74
CA SER A 239 52.11 -26.11 6.13
C SER A 239 53.34 -25.73 6.95
N ALA A 240 53.35 -26.02 8.25
CA ALA A 240 54.42 -25.77 9.22
C ALA A 240 54.51 -24.31 9.65
N VAL A 241 53.63 -23.43 9.14
CA VAL A 241 53.64 -22.03 9.52
C VAL A 241 53.39 -21.89 11.02
N ASN A 242 54.23 -21.09 11.69
CA ASN A 242 54.02 -20.82 13.11
C ASN A 242 52.82 -19.90 13.27
N TYR A 243 51.66 -20.48 13.57
CA TYR A 243 50.41 -19.74 13.59
C TYR A 243 49.81 -19.66 14.98
N GLY A 244 48.96 -18.65 15.18
CA GLY A 244 48.16 -18.54 16.37
C GLY A 244 46.68 -18.39 16.01
N VAL A 245 45.84 -18.52 17.05
CA VAL A 245 44.40 -18.38 16.94
C VAL A 245 43.92 -17.58 18.15
N THR A 246 43.17 -16.51 17.90
CA THR A 246 42.86 -15.53 18.95
C THR A 246 41.48 -14.93 18.70
N VAL A 247 41.08 -14.01 19.58
CA VAL A 247 39.81 -13.31 19.44
C VAL A 247 39.82 -12.46 18.18
N LEU A 248 38.66 -12.39 17.52
CA LEU A 248 38.51 -11.53 16.35
C LEU A 248 38.66 -10.06 16.74
N PRO A 249 39.06 -9.20 15.80
CA PRO A 249 39.23 -7.79 16.12
C PRO A 249 37.91 -7.13 16.44
N THR A 250 37.99 -6.09 17.28
CA THR A 250 36.83 -5.26 17.54
C THR A 250 36.60 -4.29 16.40
N PHE A 251 35.35 -3.85 16.27
CA PHE A 251 34.97 -2.81 15.32
C PHE A 251 34.14 -1.78 16.07
N LYS A 252 34.60 -0.53 16.07
CA LYS A 252 33.97 0.54 16.86
C LYS A 252 33.84 0.12 18.31
N GLY A 253 34.90 -0.51 18.83
CA GLY A 253 34.98 -0.95 20.20
C GLY A 253 34.14 -2.15 20.55
N GLN A 254 33.46 -2.76 19.58
CA GLN A 254 32.59 -3.87 19.91
C GLN A 254 33.10 -5.15 19.25
N PRO A 255 32.98 -6.29 19.94
CA PRO A 255 33.51 -7.54 19.39
C PRO A 255 32.87 -7.87 18.06
N SER A 256 33.64 -8.52 17.20
CA SER A 256 33.05 -9.20 16.07
C SER A 256 32.09 -10.28 16.57
N LYS A 257 31.02 -10.51 15.81
CA LYS A 257 29.94 -11.43 16.20
C LYS A 257 29.81 -12.50 15.15
N PRO A 258 30.64 -13.54 15.20
CA PRO A 258 30.47 -14.67 14.28
C PRO A 258 29.22 -15.48 14.61
N PHE A 259 28.73 -16.18 13.60
CA PHE A 259 27.69 -17.17 13.82
C PHE A 259 28.24 -18.35 14.61
N VAL A 260 27.48 -18.81 15.60
CA VAL A 260 27.88 -19.95 16.42
C VAL A 260 27.15 -21.18 15.92
N GLY A 261 27.92 -22.22 15.58
CA GLY A 261 27.37 -23.53 15.26
C GLY A 261 27.59 -24.50 16.41
N VAL A 262 26.53 -25.22 16.76
CA VAL A 262 26.53 -26.13 17.90
C VAL A 262 26.21 -27.53 17.41
N LEU A 263 27.22 -28.40 17.41
CA LEU A 263 26.97 -29.82 17.11
C LEU A 263 26.05 -30.41 18.16
N SER A 264 24.97 -31.03 17.72
CA SER A 264 23.91 -31.41 18.64
C SER A 264 23.44 -32.84 18.38
N ALA A 265 22.94 -33.49 19.43
CA ALA A 265 22.45 -34.86 19.36
C ALA A 265 20.95 -34.85 19.63
N GLY A 266 20.17 -35.19 18.61
CA GLY A 266 18.73 -35.23 18.71
C GLY A 266 18.21 -36.66 18.79
N ILE A 267 17.11 -36.84 19.50
CA ILE A 267 16.46 -38.14 19.65
C ILE A 267 15.28 -38.21 18.68
N ASN A 268 15.31 -39.20 17.80
CA ASN A 268 14.22 -39.42 16.85
C ASN A 268 12.89 -39.57 17.58
N ALA A 269 11.90 -38.79 17.15
CA ALA A 269 10.59 -38.84 17.80
C ALA A 269 9.95 -40.22 17.65
N ALA A 270 10.32 -40.96 16.61
CA ALA A 270 9.80 -42.30 16.38
C ALA A 270 10.56 -43.38 17.14
N SER A 271 11.58 -43.02 17.92
CA SER A 271 12.39 -44.03 18.60
C SER A 271 11.61 -44.68 19.74
N PRO A 272 11.62 -46.01 19.83
CA PRO A 272 11.15 -46.69 21.05
C PRO A 272 12.20 -46.80 22.13
N ASN A 273 13.35 -46.16 21.97
CA ASN A 273 14.48 -46.29 22.88
C ASN A 273 14.88 -44.93 23.45
N LYS A 274 13.89 -44.07 23.73
CA LYS A 274 14.19 -42.71 24.14
C LYS A 274 14.91 -42.68 25.48
N GLU A 275 14.57 -43.60 26.39
CA GLU A 275 15.23 -43.65 27.68
C GLU A 275 16.69 -44.10 27.53
N LEU A 276 16.92 -45.14 26.73
CA LEU A 276 18.27 -45.59 26.45
C LEU A 276 19.10 -44.47 25.83
N ALA A 277 18.53 -43.77 24.83
CA ALA A 277 19.25 -42.68 24.20
C ALA A 277 19.58 -41.58 25.20
N LYS A 278 18.62 -41.22 26.06
CA LYS A 278 18.90 -40.25 27.11
C LYS A 278 20.01 -40.74 28.04
N GLU A 279 19.93 -42.01 28.46
CA GLU A 279 20.98 -42.56 29.33
C GLU A 279 22.34 -42.53 28.65
N PHE A 280 22.39 -42.92 27.38
CA PHE A 280 23.66 -42.92 26.65
C PHE A 280 24.24 -41.50 26.57
N LEU A 281 23.42 -40.53 26.13
CA LEU A 281 23.93 -39.19 25.86
C LEU A 281 24.35 -38.47 27.14
N GLU A 282 23.57 -38.60 28.21
CA GLU A 282 23.82 -37.84 29.43
C GLU A 282 24.95 -38.44 30.25
N ASN A 283 24.94 -39.75 30.45
CA ASN A 283 25.83 -40.39 31.42
C ASN A 283 26.98 -41.15 30.78
N TYR A 284 27.00 -41.29 29.46
CA TYR A 284 28.15 -41.88 28.78
C TYR A 284 28.86 -40.88 27.87
N LEU A 285 28.16 -40.27 26.91
CA LEU A 285 28.83 -39.38 25.97
C LEU A 285 29.21 -38.05 26.62
N LEU A 286 28.24 -37.38 27.24
CA LEU A 286 28.50 -36.05 27.79
C LEU A 286 29.19 -36.13 29.14
N THR A 287 30.32 -36.82 29.17
CA THR A 287 31.23 -36.87 30.30
C THR A 287 32.63 -36.56 29.80
N ASP A 288 33.54 -36.28 30.73
CA ASP A 288 34.94 -36.12 30.37
C ASP A 288 35.44 -37.35 29.60
N GLU A 289 35.13 -38.53 30.11
CA GLU A 289 35.60 -39.78 29.49
C GLU A 289 34.98 -39.99 28.11
N GLY A 290 33.69 -39.70 27.97
CA GLY A 290 33.04 -39.92 26.67
C GLY A 290 33.51 -38.95 25.61
N LEU A 291 33.57 -37.65 25.94
CA LEU A 291 34.03 -36.67 24.97
C LEU A 291 35.50 -36.88 24.64
N GLU A 292 36.30 -37.26 25.64
CA GLU A 292 37.70 -37.62 25.41
C GLU A 292 37.82 -38.73 24.38
N ALA A 293 36.97 -39.76 24.49
CA ALA A 293 36.96 -40.85 23.52
C ALA A 293 36.72 -40.33 22.11
N VAL A 294 35.72 -39.46 21.94
CA VAL A 294 35.42 -38.93 20.61
C VAL A 294 36.52 -38.00 20.13
N ASN A 295 37.04 -37.16 21.03
CA ASN A 295 38.02 -36.15 20.64
C ASN A 295 39.34 -36.80 20.20
N LYS A 296 39.76 -37.85 20.92
CA LYS A 296 40.99 -38.55 20.55
C LYS A 296 40.89 -39.17 19.16
N ASP A 297 39.69 -39.59 18.74
CA ASP A 297 39.52 -40.10 17.38
C ASP A 297 39.62 -38.96 16.36
N LYS A 298 38.78 -37.94 16.51
CA LYS A 298 38.88 -36.71 15.73
C LYS A 298 38.43 -35.55 16.62
N PRO A 299 39.23 -34.50 16.70
CA PRO A 299 38.96 -33.42 17.66
C PRO A 299 37.60 -32.77 17.45
N LEU A 300 36.97 -32.41 18.56
CA LEU A 300 35.66 -31.76 18.53
C LEU A 300 35.73 -30.24 18.45
N GLY A 301 36.87 -29.64 18.79
CA GLY A 301 36.91 -28.20 18.95
C GLY A 301 36.59 -27.81 20.38
N ALA A 302 35.76 -26.79 20.56
CA ALA A 302 35.25 -26.47 21.88
C ALA A 302 33.98 -27.29 22.12
N VAL A 303 33.74 -27.63 23.38
CA VAL A 303 32.62 -28.49 23.76
C VAL A 303 31.71 -27.75 24.71
N ALA A 304 30.45 -28.20 24.77
CA ALA A 304 29.47 -27.57 25.63
C ALA A 304 29.58 -28.03 27.08
N LEU A 305 30.21 -29.18 27.32
CA LEU A 305 30.36 -29.70 28.67
C LEU A 305 31.43 -28.91 29.39
N LYS A 306 31.06 -28.23 30.47
CA LYS A 306 31.99 -27.36 31.18
C LYS A 306 33.26 -28.10 31.57
N SER A 307 33.13 -29.22 32.27
CA SER A 307 34.30 -29.90 32.85
C SER A 307 35.35 -30.24 31.81
N TYR A 308 34.94 -30.74 30.64
CA TYR A 308 35.92 -31.13 29.63
C TYR A 308 36.41 -29.93 28.82
N GLU A 309 35.57 -28.90 28.64
CA GLU A 309 36.04 -27.68 28.00
C GLU A 309 37.21 -27.08 28.78
N GLU A 310 37.16 -27.16 30.11
CA GLU A 310 38.26 -26.67 30.93
C GLU A 310 39.56 -27.36 30.54
N GLU A 311 39.47 -28.64 30.13
CA GLU A 311 40.65 -29.42 29.75
C GLU A 311 41.08 -29.13 28.32
N LEU A 312 40.13 -29.14 27.37
CA LEU A 312 40.47 -28.81 25.99
C LEU A 312 41.00 -27.39 25.85
N ALA A 313 40.55 -26.48 26.72
CA ALA A 313 40.95 -25.08 26.64
C ALA A 313 42.43 -24.87 26.98
N LYS A 314 43.15 -25.92 27.38
CA LYS A 314 44.60 -25.80 27.51
C LYS A 314 45.22 -25.41 26.18
N ASP A 315 44.62 -25.85 25.08
CA ASP A 315 44.96 -25.47 23.72
C ASP A 315 44.42 -24.07 23.46
N PRO A 316 45.29 -23.08 23.25
CA PRO A 316 44.81 -21.69 23.09
C PRO A 316 43.91 -21.52 21.88
N ARG A 317 44.06 -22.37 20.86
CA ARG A 317 43.17 -22.32 19.71
C ARG A 317 41.75 -22.69 20.11
N ILE A 318 41.61 -23.65 21.02
CA ILE A 318 40.28 -24.04 21.49
C ILE A 318 39.70 -22.95 22.36
N ALA A 319 40.52 -22.36 23.23
CA ALA A 319 40.07 -21.25 24.06
C ALA A 319 39.58 -20.07 23.22
N ALA A 320 40.26 -19.79 22.10
CA ALA A 320 39.84 -18.67 21.26
C ALA A 320 38.51 -18.97 20.59
N THR A 321 38.35 -20.19 20.07
CA THR A 321 37.08 -20.61 19.48
C THR A 321 35.92 -20.38 20.44
N MET A 322 36.10 -20.76 21.72
CA MET A 322 35.03 -20.56 22.68
C MET A 322 34.81 -19.08 22.98
N GLU A 323 35.89 -18.29 23.03
CA GLU A 323 35.74 -16.86 23.32
C GLU A 323 35.01 -16.14 22.19
N ASN A 324 35.37 -16.45 20.94
CA ASN A 324 34.66 -15.86 19.80
C ASN A 324 33.20 -16.33 19.77
N ALA A 325 32.96 -17.60 20.11
CA ALA A 325 31.60 -18.11 20.16
C ALA A 325 30.76 -17.36 21.19
N GLN A 326 31.31 -17.17 22.40
CA GLN A 326 30.56 -16.49 23.46
C GLN A 326 30.26 -15.05 23.09
N LYS A 327 31.10 -14.43 22.26
CA LYS A 327 30.85 -13.07 21.81
C LYS A 327 29.98 -13.00 20.57
N GLY A 328 29.64 -14.15 19.99
CA GLY A 328 28.91 -14.21 18.73
C GLY A 328 27.41 -14.34 18.86
N GLU A 329 26.80 -14.76 17.75
CA GLU A 329 25.36 -14.87 17.58
C GLU A 329 25.04 -16.32 17.28
N ILE A 330 24.19 -16.95 18.10
CA ILE A 330 23.72 -18.29 17.77
C ILE A 330 23.11 -18.24 16.37
N MET A 331 23.56 -19.11 15.49
CA MET A 331 22.94 -19.20 14.17
C MET A 331 21.48 -19.62 14.30
N PRO A 332 20.53 -18.81 13.81
CA PRO A 332 19.11 -19.19 13.93
C PRO A 332 18.84 -20.54 13.30
N ASN A 333 18.03 -21.35 13.99
CA ASN A 333 17.77 -22.72 13.58
C ASN A 333 16.50 -22.85 12.76
N ILE A 334 16.11 -21.79 12.05
CA ILE A 334 14.86 -21.79 11.29
C ILE A 334 15.19 -21.95 9.81
N PRO A 335 14.31 -22.57 9.01
CA PRO A 335 14.59 -22.71 7.58
C PRO A 335 14.58 -21.40 6.81
N GLN A 336 14.09 -20.31 7.39
CA GLN A 336 14.11 -19.02 6.71
C GLN A 336 15.52 -18.47 6.52
N MET A 337 16.52 -19.07 7.17
CA MET A 337 17.90 -18.64 6.98
C MET A 337 18.35 -18.78 5.52
N SER A 338 17.73 -19.70 4.77
CA SER A 338 18.12 -19.89 3.37
C SER A 338 17.96 -18.61 2.58
N ALA A 339 16.86 -17.87 2.80
CA ALA A 339 16.69 -16.59 2.14
C ALA A 339 17.66 -15.55 2.70
N PHE A 340 17.96 -15.62 4.00
CA PHE A 340 18.97 -14.73 4.57
C PHE A 340 20.32 -14.92 3.90
N TRP A 341 20.77 -16.18 3.78
CA TRP A 341 22.09 -16.43 3.21
C TRP A 341 22.21 -15.90 1.79
N TYR A 342 21.22 -16.21 0.93
CA TYR A 342 21.31 -15.75 -0.45
C TYR A 342 21.25 -14.23 -0.53
N ALA A 343 20.40 -13.60 0.29
CA ALA A 343 20.27 -12.15 0.24
C ALA A 343 21.60 -11.48 0.59
N VAL A 344 22.18 -11.86 1.73
CA VAL A 344 23.41 -11.21 2.18
C VAL A 344 24.58 -11.57 1.28
N ARG A 345 24.59 -12.79 0.75
CA ARG A 345 25.66 -13.17 -0.18
C ARG A 345 25.67 -12.27 -1.41
N THR A 346 24.50 -12.01 -1.98
CA THR A 346 24.40 -11.14 -3.14
C THR A 346 24.84 -9.71 -2.81
N ALA A 347 24.36 -9.18 -1.67
CA ALA A 347 24.70 -7.82 -1.27
C ALA A 347 26.21 -7.61 -1.14
N VAL A 348 26.89 -8.52 -0.44
CA VAL A 348 28.33 -8.35 -0.20
C VAL A 348 29.09 -8.37 -1.52
N ILE A 349 28.77 -9.34 -2.37
CA ILE A 349 29.45 -9.47 -3.66
C ILE A 349 29.19 -8.22 -4.51
N ASN A 350 27.95 -7.74 -4.53
CA ASN A 350 27.62 -6.57 -5.33
C ASN A 350 28.33 -5.32 -4.80
N ALA A 351 28.32 -5.12 -3.48
CA ALA A 351 28.97 -3.95 -2.91
C ALA A 351 30.49 -4.03 -3.02
N ALA A 352 31.06 -5.22 -2.81
CA ALA A 352 32.51 -5.36 -2.80
C ALA A 352 33.08 -5.15 -4.21
N SER A 353 32.39 -5.64 -5.23
CA SER A 353 32.82 -5.47 -6.61
C SER A 353 32.41 -4.11 -7.17
N GLY A 354 31.77 -3.25 -6.37
CA GLY A 354 31.38 -1.94 -6.81
C GLY A 354 30.17 -1.89 -7.70
N ARG A 355 29.48 -3.02 -7.92
CA ARG A 355 28.32 -3.03 -8.78
C ARG A 355 27.13 -2.30 -8.17
N GLN A 356 27.14 -2.09 -6.85
CA GLN A 356 26.13 -1.27 -6.17
C GLN A 356 26.76 -0.55 -4.99
N THR A 357 26.04 0.46 -4.51
CA THR A 357 26.39 1.10 -3.25
C THR A 357 26.08 0.16 -2.09
N VAL A 358 26.70 0.45 -0.94
CA VAL A 358 26.42 -0.32 0.27
C VAL A 358 24.94 -0.23 0.63
N ASP A 359 24.35 0.98 0.53
CA ASP A 359 22.93 1.16 0.88
C ASP A 359 22.02 0.38 -0.06
N ALA A 360 22.25 0.49 -1.37
CA ALA A 360 21.41 -0.24 -2.31
C ALA A 360 21.56 -1.74 -2.14
N ALA A 361 22.79 -2.20 -1.93
CA ALA A 361 23.03 -3.63 -1.74
C ALA A 361 22.28 -4.17 -0.53
N LEU A 362 22.31 -3.46 0.60
CA LEU A 362 21.69 -3.97 1.81
C LEU A 362 20.17 -3.76 1.80
N ALA A 363 19.71 -2.62 1.29
CA ALA A 363 18.27 -2.42 1.08
C ALA A 363 17.67 -3.56 0.27
N ALA A 364 18.32 -3.92 -0.84
CA ALA A 364 17.87 -5.06 -1.63
C ALA A 364 17.93 -6.35 -0.82
N ALA A 365 18.97 -6.51 0.00
CA ALA A 365 19.12 -7.74 0.78
C ALA A 365 18.05 -7.85 1.85
N GLN A 366 17.75 -6.75 2.55
CA GLN A 366 16.65 -6.74 3.50
C GLN A 366 15.37 -7.21 2.84
N THR A 367 15.08 -6.68 1.65
CA THR A 367 13.92 -7.11 0.88
C THR A 367 13.98 -8.62 0.59
N ASN A 368 15.11 -9.08 0.02
CA ASN A 368 15.23 -10.48 -0.37
C ASN A 368 15.11 -11.43 0.82
N ALA A 369 15.43 -10.97 2.03
CA ALA A 369 15.40 -11.83 3.20
C ALA A 369 14.08 -11.81 3.94
N ALA A 370 13.32 -10.71 3.89
CA ALA A 370 12.18 -10.50 4.77
C ALA A 370 10.86 -10.28 4.07
N ALA A 371 10.87 -9.78 2.83
CA ALA A 371 9.63 -9.36 2.17
C ALA A 371 8.59 -10.47 2.09
N LYS A 372 9.00 -11.66 1.64
CA LYS A 372 8.04 -12.76 1.48
C LYS A 372 7.34 -13.07 2.80
N ASN A 373 8.09 -13.08 3.91
CA ASN A 373 7.51 -13.39 5.20
C ASN A 373 6.61 -12.26 5.71
N ILE A 374 6.96 -11.02 5.40
CA ILE A 374 6.14 -9.88 5.80
C ILE A 374 4.79 -9.91 5.10
N GLU A 375 4.80 -10.20 3.80
CA GLU A 375 3.56 -10.26 3.02
C GLU A 375 2.68 -11.42 3.48
N LYS A 376 3.29 -12.59 3.68
CA LYS A 376 2.56 -13.75 4.18
C LYS A 376 1.79 -13.41 5.45
N ALA A 377 2.40 -12.65 6.35
CA ALA A 377 1.69 -12.16 7.52
C ALA A 377 0.55 -11.23 7.13
N LYS A 378 0.78 -10.33 6.17
CA LYS A 378 -0.27 -9.40 5.75
C LYS A 378 -1.42 -10.14 5.08
N ILE A 379 -1.10 -11.13 4.23
CA ILE A 379 -2.15 -11.92 3.61
C ILE A 379 -2.98 -12.64 4.66
N ALA A 380 -2.30 -13.27 5.63
CA ALA A 380 -3.00 -13.99 6.69
C ALA A 380 -3.93 -13.08 7.49
N LYS A 381 -3.49 -11.85 7.77
CA LYS A 381 -4.34 -10.92 8.49
C LYS A 381 -5.51 -10.45 7.62
N LEU A 382 -5.28 -10.29 6.32
CA LEU A 382 -6.37 -9.99 5.41
C LEU A 382 -7.40 -11.11 5.41
N GLU A 383 -6.93 -12.36 5.37
CA GLU A 383 -7.85 -13.49 5.41
C GLU A 383 -8.56 -13.59 6.76
N ALA A 384 -7.89 -13.19 7.84
CA ALA A 384 -8.54 -13.12 9.14
C ALA A 384 -9.70 -12.13 9.13
N ASP A 385 -9.51 -10.97 8.49
CA ASP A 385 -10.61 -10.01 8.37
C ASP A 385 -11.76 -10.58 7.56
N ILE A 386 -11.45 -11.29 6.47
CA ILE A 386 -12.49 -11.87 5.63
C ILE A 386 -13.33 -12.86 6.44
N SER A 387 -12.66 -13.73 7.19
CA SER A 387 -13.37 -14.70 8.02
C SER A 387 -14.14 -14.03 9.14
N ALA A 388 -13.63 -12.91 9.66
CA ALA A 388 -14.34 -12.19 10.71
C ALA A 388 -15.59 -11.52 10.17
N ILE A 389 -15.51 -10.98 8.95
CA ILE A 389 -16.68 -10.38 8.32
C ILE A 389 -17.72 -11.44 8.00
N LYS A 390 -17.28 -12.59 7.48
CA LYS A 390 -18.19 -13.70 7.22
C LYS A 390 -18.84 -14.19 8.51
N SER A 391 -18.06 -14.27 9.58
CA SER A 391 -18.59 -14.72 10.86
C SER A 391 -19.71 -13.80 11.34
N ALA A 392 -19.44 -12.50 11.38
CA ALA A 392 -20.44 -11.55 11.88
C ALA A 392 -21.68 -11.54 11.00
N SER A 393 -21.49 -11.64 9.68
CA SER A 393 -22.64 -11.71 8.77
C SER A 393 -23.50 -12.93 9.06
N LEU A 394 -22.87 -14.08 9.34
CA LEU A 394 -23.62 -15.28 9.69
C LEU A 394 -24.32 -15.14 11.02
N SER A 395 -23.65 -14.56 12.01
CA SER A 395 -24.27 -14.33 13.33
C SER A 395 -25.51 -13.46 13.22
N TYR A 396 -25.50 -12.52 12.27
CA TYR A 396 -26.65 -11.66 12.07
C TYR A 396 -27.85 -12.46 11.55
N TYR A 397 -27.62 -13.32 10.55
CA TYR A 397 -28.67 -14.18 10.02
C TYR A 397 -29.29 -15.04 11.12
N ALA A 398 -28.46 -15.52 12.05
CA ALA A 398 -28.97 -16.32 13.17
C ALA A 398 -30.08 -15.60 13.92
N ASP A 399 -29.92 -14.28 14.13
CA ASP A 399 -30.85 -13.52 14.94
C ASP A 399 -31.80 -12.67 14.10
N GLU A 400 -31.38 -12.26 12.90
CA GLU A 400 -32.15 -11.35 12.07
C GLU A 400 -32.55 -12.09 10.80
N SER A 401 -33.11 -11.36 9.83
CA SER A 401 -33.66 -12.02 8.66
C SER A 401 -32.58 -12.52 7.70
N LYS A 402 -31.55 -11.71 7.46
CA LYS A 402 -30.62 -11.95 6.36
C LYS A 402 -29.20 -11.69 6.83
N TYR A 403 -28.31 -11.41 5.88
CA TYR A 403 -26.90 -11.29 6.18
C TYR A 403 -26.57 -9.88 6.66
N THR A 404 -26.90 -8.87 5.84
CA THR A 404 -26.76 -7.47 6.19
C THR A 404 -28.12 -6.83 6.41
N ASP A 405 -28.18 -5.87 7.34
CA ASP A 405 -29.39 -5.08 7.56
C ASP A 405 -29.25 -3.80 6.74
N GLY A 406 -29.83 -3.81 5.55
CA GLY A 406 -29.60 -2.78 4.56
C GLY A 406 -29.18 -3.44 3.27
N GLY A 407 -28.08 -2.97 2.68
CA GLY A 407 -27.61 -3.57 1.46
C GLY A 407 -26.09 -3.64 1.35
N MET A 408 -25.40 -2.65 1.91
CA MET A 408 -23.96 -2.54 1.76
C MET A 408 -23.34 -1.92 3.00
N ILE A 409 -22.09 -2.31 3.27
CA ILE A 409 -21.28 -1.79 4.37
C ILE A 409 -19.87 -1.51 3.85
N SER A 410 -19.30 -0.39 4.29
CA SER A 410 -17.97 -0.01 3.86
C SER A 410 -17.06 0.18 5.07
N TRP A 411 -15.91 -0.50 5.06
CA TRP A 411 -14.80 -0.20 5.95
C TRP A 411 -13.71 0.52 5.15
N VAL A 412 -13.29 1.69 5.65
CA VAL A 412 -12.18 2.44 5.07
C VAL A 412 -11.33 2.95 6.22
N LYS A 413 -10.01 2.94 6.04
CA LYS A 413 -9.07 3.36 7.08
C LYS A 413 -8.47 4.69 6.65
N LYS A 414 -8.52 5.68 7.55
CA LYS A 414 -8.11 7.05 7.22
C LYS A 414 -6.67 7.38 7.55
N ASP A 415 -6.35 7.54 8.84
CA ASP A 415 -5.00 7.92 9.23
C ASP A 415 -4.62 7.27 10.56
N GLY A 416 -5.15 6.07 10.79
CA GLY A 416 -4.93 5.27 11.98
C GLY A 416 -6.21 4.85 12.66
N LYS A 417 -7.36 5.17 12.07
CA LYS A 417 -8.68 4.80 12.56
C LYS A 417 -9.51 4.28 11.38
N ILE A 418 -10.53 3.49 11.70
CA ILE A 418 -11.39 2.87 10.70
C ILE A 418 -12.76 3.54 10.74
N ILE A 419 -13.29 3.88 9.57
CA ILE A 419 -14.57 4.58 9.43
C ILE A 419 -15.57 3.64 8.76
N ILE A 420 -16.83 3.71 9.21
CA ILE A 420 -17.90 2.84 8.71
C ILE A 420 -19.01 3.76 8.21
N ASN A 421 -19.10 3.96 6.90
CA ASN A 421 -20.15 4.77 6.25
C ASN A 421 -20.14 6.16 6.90
N GLY A 422 -21.32 6.72 7.17
CA GLY A 422 -21.49 7.87 8.02
C GLY A 422 -22.56 7.58 9.05
N GLY A 423 -22.54 6.34 9.56
CA GLY A 423 -23.39 5.91 10.66
C GLY A 423 -23.08 4.47 11.03
N PHE A 424 -23.26 4.11 12.30
CA PHE A 424 -22.94 2.75 12.73
C PHE A 424 -23.93 1.75 12.12
N LYS A 425 -23.42 0.57 11.78
CA LYS A 425 -24.21 -0.35 10.97
C LYS A 425 -24.83 -1.50 11.77
N ASP A 426 -24.01 -2.52 12.07
CA ASP A 426 -24.46 -3.78 12.66
C ASP A 426 -25.53 -3.54 13.72
N ASP A 427 -25.41 -2.41 14.44
CA ASP A 427 -26.27 -2.03 15.54
C ASP A 427 -26.33 -3.10 16.60
N PRO A 428 -25.18 -3.57 17.14
CA PRO A 428 -25.25 -4.64 18.13
C PRO A 428 -24.39 -4.38 19.36
N LEU A 429 -24.48 -5.29 20.34
CA LEU A 429 -23.43 -5.48 21.31
C LEU A 429 -22.71 -6.81 21.10
N ALA A 430 -23.22 -7.67 20.20
CA ALA A 430 -22.61 -8.97 19.90
C ALA A 430 -21.48 -8.82 18.88
N ASP A 431 -21.81 -8.36 17.67
CA ASP A 431 -20.81 -8.27 16.60
C ASP A 431 -19.99 -6.98 16.66
N LYS A 432 -20.32 -6.01 15.81
CA LYS A 432 -19.50 -4.82 15.56
C LYS A 432 -18.09 -5.17 15.09
N ILE A 433 -17.59 -6.34 15.50
CA ILE A 433 -16.21 -6.77 15.30
C ILE A 433 -15.30 -5.72 15.92
N GLU A 434 -15.04 -4.64 15.16
CA GLU A 434 -14.22 -3.52 15.62
C GLU A 434 -12.78 -3.95 15.93
N ASN A 435 -12.33 -5.04 15.30
CA ASN A 435 -10.97 -5.51 15.47
C ASN A 435 -10.35 -5.96 14.15
N LEU A 436 -10.73 -5.29 13.06
CA LEU A 436 -10.14 -5.54 11.74
C LEU A 436 -8.79 -4.85 11.63
N GLY A 437 -7.73 -5.62 11.43
CA GLY A 437 -6.42 -5.03 11.17
C GLY A 437 -6.38 -4.20 9.90
N MET A 438 -7.14 -4.61 8.86
CA MET A 438 -7.06 -4.04 7.52
C MET A 438 -5.60 -3.88 7.10
N PRO A 439 -4.88 -4.99 6.91
CA PRO A 439 -3.41 -4.90 6.75
C PRO A 439 -2.97 -4.08 5.55
N TYR A 440 -3.79 -3.97 4.50
CA TYR A 440 -3.45 -3.15 3.35
C TYR A 440 -4.17 -1.81 3.36
N ASN A 441 -4.67 -1.38 4.53
CA ASN A 441 -5.22 -0.04 4.75
C ASN A 441 -6.24 0.39 3.69
N GLY A 442 -6.70 -0.53 2.85
CA GLY A 442 -7.58 -0.19 1.76
C GLY A 442 -9.03 0.10 2.12
N SER A 443 -9.94 -0.43 1.32
CA SER A 443 -11.37 -0.34 1.59
C SER A 443 -11.97 -1.74 1.47
N TYR A 444 -12.90 -2.05 2.36
CA TYR A 444 -13.73 -3.24 2.24
C TYR A 444 -15.15 -2.81 1.93
N LEU A 445 -15.84 -3.58 1.10
CA LEU A 445 -17.25 -3.31 0.79
C LEU A 445 -17.98 -4.64 0.68
N LEU A 446 -18.94 -4.85 1.57
CA LEU A 446 -19.76 -6.05 1.60
C LEU A 446 -21.07 -5.77 0.87
N MET A 447 -21.52 -6.74 0.08
CA MET A 447 -22.63 -6.54 -0.84
C MET A 447 -23.70 -7.61 -0.66
N SER A 448 -24.95 -7.16 -0.69
CA SER A 448 -26.09 -8.05 -0.62
C SER A 448 -27.28 -7.33 -1.22
N SER A 449 -28.28 -8.11 -1.62
CA SER A 449 -29.47 -7.56 -2.22
C SER A 449 -30.64 -8.16 -1.46
N PRO A 450 -31.55 -7.33 -0.96
CA PRO A 450 -32.72 -7.85 -0.22
C PRO A 450 -33.52 -8.87 -1.00
N GLY A 451 -33.42 -10.13 -0.58
CA GLY A 451 -34.23 -11.18 -1.18
C GLY A 451 -33.71 -12.54 -0.80
N HIS A 452 -33.86 -13.48 -1.73
CA HIS A 452 -33.21 -14.78 -1.61
C HIS A 452 -31.72 -14.59 -1.39
N GLU A 453 -31.16 -15.32 -0.43
CA GLU A 453 -29.78 -15.15 -0.04
C GLU A 453 -28.79 -15.71 -1.06
N LYS A 454 -27.56 -15.94 -0.64
CA LYS A 454 -26.40 -16.43 -1.38
C LYS A 454 -25.64 -15.30 -2.06
N TYR A 455 -26.13 -14.06 -2.07
CA TYR A 455 -25.36 -12.94 -2.61
C TYR A 455 -24.57 -12.30 -1.48
N LEU A 456 -23.47 -12.96 -1.12
CA LEU A 456 -22.50 -12.44 -0.14
C LEU A 456 -21.20 -12.19 -0.88
N GLU A 457 -20.95 -10.93 -1.24
CA GLU A 457 -19.76 -10.57 -2.00
C GLU A 457 -19.00 -9.49 -1.23
N LEU A 458 -17.70 -9.71 -1.07
CA LEU A 458 -16.81 -8.78 -0.38
C LEU A 458 -15.81 -8.23 -1.39
N SER A 459 -15.78 -6.91 -1.53
CA SER A 459 -14.87 -6.24 -2.45
C SER A 459 -13.77 -5.54 -1.66
N ILE A 460 -12.52 -5.88 -1.94
CA ILE A 460 -11.36 -5.33 -1.24
C ILE A 460 -10.51 -4.55 -2.24
N LEU A 461 -10.17 -3.31 -1.87
CA LEU A 461 -9.35 -2.43 -2.70
C LEU A 461 -8.08 -2.10 -1.93
N PRO A 462 -7.13 -3.03 -1.86
CA PRO A 462 -5.93 -2.82 -1.05
C PRO A 462 -5.05 -1.71 -1.58
N GLU A 463 -4.43 -0.99 -0.65
CA GLU A 463 -3.43 0.02 -0.96
C GLU A 463 -2.06 -0.59 -0.69
N GLY A 464 -1.31 -0.83 -1.75
CA GLY A 464 -0.03 -1.51 -1.54
C GLY A 464 0.02 -2.71 -2.47
N GLU A 465 1.12 -2.81 -3.21
CA GLU A 465 1.30 -3.86 -4.21
C GLU A 465 1.51 -5.23 -3.54
N ILE A 466 0.65 -6.19 -3.88
CA ILE A 466 0.83 -7.58 -3.47
C ILE A 466 1.58 -8.30 -4.59
N SER A 467 2.46 -9.22 -4.21
CA SER A 467 3.25 -9.97 -5.17
C SER A 467 2.41 -11.03 -5.86
N LYS A 468 2.92 -11.53 -6.99
CA LYS A 468 2.32 -12.67 -7.67
C LYS A 468 2.18 -13.87 -6.74
N SER A 469 3.27 -14.23 -6.06
CA SER A 469 3.23 -15.28 -5.05
C SER A 469 2.13 -15.03 -4.02
N GLY A 470 1.90 -13.76 -3.67
CA GLY A 470 0.89 -13.44 -2.67
C GLY A 470 -0.52 -13.60 -3.21
N LEU A 471 -0.81 -12.99 -4.36
CA LEU A 471 -2.14 -13.11 -4.94
C LEU A 471 -2.47 -14.55 -5.32
N ASP A 472 -1.45 -15.33 -5.69
CA ASP A 472 -1.67 -16.73 -6.00
C ASP A 472 -1.93 -17.56 -4.75
N LYS A 473 -1.42 -17.13 -3.59
CA LYS A 473 -1.79 -17.80 -2.35
C LYS A 473 -3.27 -17.66 -2.08
N LEU A 474 -3.86 -16.51 -2.46
CA LEU A 474 -5.29 -16.32 -2.31
C LEU A 474 -6.07 -17.24 -3.24
N LYS A 475 -5.50 -17.56 -4.42
CA LYS A 475 -6.18 -18.42 -5.37
C LYS A 475 -6.22 -19.87 -4.90
N ASN A 476 -5.19 -20.32 -4.19
CA ASN A 476 -5.22 -21.68 -3.66
C ASN A 476 -6.00 -21.78 -2.37
N ASP A 477 -6.20 -20.66 -1.68
CA ASP A 477 -6.92 -20.66 -0.41
C ASP A 477 -8.42 -20.60 -0.59
N TYR A 478 -8.91 -20.01 -1.68
CA TYR A 478 -10.34 -19.90 -1.92
C TYR A 478 -10.79 -20.63 -3.17
N GLY A 479 -10.20 -20.34 -4.33
CA GLY A 479 -10.51 -21.05 -5.58
C GLY A 479 -11.21 -20.24 -6.64
N ASN A 480 -12.42 -20.66 -7.04
CA ASN A 480 -13.16 -19.91 -8.06
C ASN A 480 -13.98 -18.80 -7.41
N LEU A 481 -13.88 -18.65 -6.10
CA LEU A 481 -14.73 -17.72 -5.38
C LEU A 481 -14.13 -16.33 -5.31
N ILE A 482 -13.07 -16.05 -6.07
CA ILE A 482 -12.34 -14.80 -5.92
C ILE A 482 -11.86 -14.33 -7.30
N ASP A 483 -12.16 -13.06 -7.61
CA ASP A 483 -11.89 -12.42 -8.89
C ASP A 483 -10.96 -11.21 -8.71
N ILE A 484 -9.69 -11.37 -9.07
CA ILE A 484 -8.74 -10.27 -9.08
C ILE A 484 -8.86 -9.54 -10.41
N THR A 485 -9.56 -8.41 -10.41
CA THR A 485 -9.67 -7.54 -11.57
C THR A 485 -8.70 -6.36 -11.41
N ASN A 486 -8.56 -5.60 -12.50
CA ASN A 486 -7.55 -4.55 -12.63
C ASN A 486 -6.23 -5.00 -12.03
N ASP A 487 -5.51 -5.88 -12.72
CA ASP A 487 -4.25 -6.39 -12.17
C ASP A 487 -3.23 -5.28 -11.96
N GLN A 488 -3.41 -4.13 -12.58
CA GLN A 488 -2.62 -2.93 -12.35
C GLN A 488 -3.46 -1.89 -11.63
N ASN A 489 -2.96 -0.65 -11.61
CA ASN A 489 -3.46 0.46 -10.79
C ASN A 489 -4.12 -0.02 -9.50
N LYS A 490 -5.39 0.32 -9.32
CA LYS A 490 -6.15 -0.09 -8.14
C LYS A 490 -6.58 -1.54 -8.34
N ILE A 491 -5.80 -2.46 -7.79
CA ILE A 491 -6.21 -3.86 -7.81
C ILE A 491 -7.51 -4.00 -7.04
N ASN A 492 -8.43 -4.79 -7.59
CA ASN A 492 -9.73 -5.07 -6.99
C ASN A 492 -9.90 -6.57 -6.81
N ILE A 493 -10.20 -6.97 -5.57
CA ILE A 493 -10.42 -8.35 -5.18
C ILE A 493 -11.87 -8.47 -4.69
N VAL A 494 -12.60 -9.43 -5.26
CA VAL A 494 -13.98 -9.69 -4.84
C VAL A 494 -14.11 -11.17 -4.47
N ILE A 495 -14.59 -11.43 -3.26
CA ILE A 495 -14.79 -12.79 -2.77
C ILE A 495 -16.27 -12.99 -2.48
N LYS A 496 -16.78 -14.16 -2.86
CA LYS A 496 -18.15 -14.57 -2.54
C LYS A 496 -18.05 -15.41 -1.26
N LEU A 497 -18.51 -14.85 -0.14
CA LEU A 497 -18.33 -15.46 1.17
C LEU A 497 -19.13 -16.74 1.38
N LEU A 498 -19.50 -17.43 0.29
CA LEU A 498 -20.27 -18.66 0.40
C LEU A 498 -19.77 -19.70 -0.61
N MET B 1 21.91 -2.35 -12.36
CA MET B 1 22.91 -3.38 -12.53
C MET B 1 22.58 -4.25 -13.74
N LYS B 2 23.61 -4.80 -14.39
CA LYS B 2 23.44 -5.56 -15.62
C LYS B 2 24.37 -6.78 -15.61
N ILE B 3 24.17 -7.67 -16.59
CA ILE B 3 24.84 -8.97 -16.59
C ILE B 3 26.24 -8.82 -17.18
N GLU B 4 27.18 -9.56 -16.59
CA GLU B 4 28.59 -9.45 -16.95
C GLU B 4 28.87 -10.19 -18.26
N GLU B 5 29.36 -9.46 -19.25
CA GLU B 5 29.72 -10.06 -20.53
C GLU B 5 31.03 -10.84 -20.40
N GLY B 6 31.16 -11.89 -21.21
CA GLY B 6 32.37 -12.67 -21.26
C GLY B 6 32.41 -13.86 -20.32
N LYS B 7 31.32 -14.15 -19.63
CA LYS B 7 31.23 -15.31 -18.75
C LYS B 7 29.81 -15.87 -18.81
N LEU B 8 29.65 -17.08 -18.31
CA LEU B 8 28.35 -17.70 -18.18
C LEU B 8 28.04 -17.91 -16.71
N VAL B 9 26.88 -17.42 -16.28
CA VAL B 9 26.31 -17.75 -14.97
C VAL B 9 25.07 -18.60 -15.23
N ILE B 10 25.00 -19.75 -14.57
CA ILE B 10 23.93 -20.72 -14.78
C ILE B 10 23.22 -20.96 -13.46
N TRP B 11 21.89 -20.95 -13.50
CA TRP B 11 21.06 -21.29 -12.35
C TRP B 11 20.40 -22.64 -12.59
N ILE B 12 20.53 -23.54 -11.61
CA ILE B 12 19.89 -24.85 -11.65
C ILE B 12 19.58 -25.25 -10.22
N ASN B 13 18.49 -25.98 -10.04
CA ASN B 13 18.06 -26.36 -8.70
C ASN B 13 19.10 -27.26 -8.03
N GLY B 14 19.15 -27.19 -6.70
CA GLY B 14 20.11 -27.95 -5.92
C GLY B 14 19.86 -29.45 -5.85
N ASP B 15 18.80 -29.97 -6.46
CA ASP B 15 18.59 -31.41 -6.51
C ASP B 15 19.04 -32.02 -7.84
N LYS B 16 19.72 -31.25 -8.70
CA LYS B 16 19.83 -31.58 -10.11
C LYS B 16 21.26 -31.86 -10.59
N GLY B 17 22.20 -32.08 -9.69
CA GLY B 17 23.54 -32.44 -10.13
C GLY B 17 24.31 -31.29 -10.75
N TYR B 18 24.52 -30.23 -9.95
CA TYR B 18 25.25 -29.06 -10.43
C TYR B 18 26.75 -29.34 -10.61
N ASN B 19 27.30 -30.31 -9.87
CA ASN B 19 28.72 -30.58 -9.96
C ASN B 19 29.09 -31.18 -11.30
N GLY B 20 28.29 -32.15 -11.78
CA GLY B 20 28.48 -32.65 -13.12
C GLY B 20 28.34 -31.56 -14.18
N LEU B 21 27.40 -30.63 -13.97
CA LEU B 21 27.25 -29.53 -14.91
C LEU B 21 28.47 -28.61 -14.86
N ALA B 22 29.06 -28.44 -13.67
CA ALA B 22 30.29 -27.66 -13.57
C ALA B 22 31.44 -28.35 -14.29
N GLU B 23 31.42 -29.69 -14.33
CA GLU B 23 32.43 -30.41 -15.11
C GLU B 23 32.28 -30.13 -16.60
N VAL B 24 31.04 -30.03 -17.08
CA VAL B 24 30.82 -29.59 -18.46
C VAL B 24 31.35 -28.18 -18.66
N GLY B 25 31.23 -27.34 -17.63
CA GLY B 25 31.74 -25.98 -17.74
C GLY B 25 33.24 -25.90 -17.76
N LYS B 26 33.91 -26.84 -17.08
CA LYS B 26 35.38 -26.88 -17.12
C LYS B 26 35.86 -27.19 -18.53
N LYS B 27 35.24 -28.17 -19.19
CA LYS B 27 35.57 -28.46 -20.58
C LYS B 27 35.30 -27.26 -21.48
N PHE B 28 34.21 -26.52 -21.21
CA PHE B 28 33.92 -25.32 -21.97
C PHE B 28 35.02 -24.26 -21.79
N GLU B 29 35.49 -24.08 -20.56
CA GLU B 29 36.57 -23.13 -20.31
C GLU B 29 37.86 -23.55 -21.01
N LYS B 30 38.17 -24.85 -20.98
CA LYS B 30 39.38 -25.35 -21.62
C LYS B 30 39.43 -24.99 -23.09
N ASP B 31 38.30 -25.15 -23.78
CA ASP B 31 38.27 -24.90 -25.22
C ASP B 31 38.17 -23.42 -25.56
N THR B 32 37.56 -22.60 -24.69
CA THR B 32 37.24 -21.22 -25.02
C THR B 32 37.93 -20.19 -24.14
N GLY B 33 38.36 -20.54 -22.93
CA GLY B 33 38.83 -19.56 -21.98
C GLY B 33 37.76 -18.88 -21.15
N ILE B 34 36.49 -19.13 -21.44
CA ILE B 34 35.39 -18.47 -20.74
C ILE B 34 34.98 -19.31 -19.54
N LYS B 35 34.91 -18.69 -18.38
CA LYS B 35 34.55 -19.39 -17.15
C LYS B 35 33.04 -19.55 -17.05
N VAL B 36 32.64 -20.68 -16.48
CA VAL B 36 31.23 -21.02 -16.28
C VAL B 36 30.98 -21.10 -14.78
N THR B 37 30.03 -20.32 -14.29
CA THR B 37 29.65 -20.32 -12.88
C THR B 37 28.30 -21.00 -12.75
N VAL B 38 28.26 -22.13 -12.04
CA VAL B 38 27.03 -22.84 -11.75
C VAL B 38 26.64 -22.55 -10.32
N GLU B 39 25.47 -21.94 -10.13
CA GLU B 39 24.91 -21.69 -8.81
C GLU B 39 23.59 -22.43 -8.67
N HIS B 40 23.26 -22.83 -7.45
CA HIS B 40 21.96 -23.42 -7.13
C HIS B 40 21.30 -22.61 -6.02
N PRO B 41 20.79 -21.41 -6.34
CA PRO B 41 20.21 -20.56 -5.30
C PRO B 41 18.86 -21.07 -4.85
N ASP B 42 18.39 -20.48 -3.76
CA ASP B 42 17.12 -20.86 -3.15
C ASP B 42 15.97 -20.17 -3.88
N LYS B 43 14.94 -20.94 -4.21
CA LYS B 43 13.73 -20.41 -4.86
C LYS B 43 14.08 -19.65 -6.14
N LEU B 44 15.02 -20.20 -6.92
CA LEU B 44 15.41 -19.57 -8.18
C LEU B 44 14.23 -19.47 -9.14
N GLU B 45 13.23 -20.33 -9.00
CA GLU B 45 12.00 -20.22 -9.79
C GLU B 45 11.34 -18.86 -9.64
N GLU B 46 11.40 -18.27 -8.45
CA GLU B 46 10.79 -16.97 -8.19
C GLU B 46 11.78 -15.82 -8.28
N LYS B 47 13.06 -16.07 -7.99
CA LYS B 47 14.04 -14.99 -8.04
C LYS B 47 14.33 -14.58 -9.48
N PHE B 48 14.30 -15.53 -10.41
CA PHE B 48 14.58 -15.21 -11.81
C PHE B 48 13.64 -14.15 -12.36
N PRO B 49 12.32 -14.27 -12.28
CA PRO B 49 11.46 -13.21 -12.83
C PRO B 49 11.68 -11.86 -12.16
N GLN B 50 12.14 -11.84 -10.91
CA GLN B 50 12.48 -10.58 -10.26
C GLN B 50 13.77 -10.01 -10.86
N VAL B 51 14.87 -10.75 -10.73
CA VAL B 51 16.17 -10.19 -11.10
C VAL B 51 16.31 -10.04 -12.61
N ALA B 52 15.67 -10.92 -13.40
CA ALA B 52 15.82 -10.84 -14.84
C ALA B 52 15.08 -9.64 -15.43
N ALA B 53 13.97 -9.23 -14.80
CA ALA B 53 13.24 -8.06 -15.30
C ALA B 53 14.07 -6.80 -15.19
N THR B 54 14.92 -6.70 -14.16
CA THR B 54 15.88 -5.61 -14.04
C THR B 54 17.12 -5.84 -14.91
N GLY B 55 17.10 -6.86 -15.77
CA GLY B 55 18.21 -7.16 -16.64
C GLY B 55 19.44 -7.69 -15.95
N ASP B 56 19.26 -8.43 -14.85
CA ASP B 56 20.40 -8.78 -13.99
C ASP B 56 20.39 -10.24 -13.54
N GLY B 57 19.72 -11.12 -14.28
CA GLY B 57 19.65 -12.51 -13.88
C GLY B 57 20.89 -13.29 -14.23
N PRO B 58 20.76 -14.62 -14.24
CA PRO B 58 21.81 -15.46 -14.84
C PRO B 58 21.74 -15.39 -16.35
N ASP B 59 22.67 -16.04 -17.05
CA ASP B 59 22.55 -16.17 -18.49
C ASP B 59 21.59 -17.30 -18.87
N ILE B 60 21.69 -18.41 -18.14
CA ILE B 60 20.96 -19.63 -18.42
C ILE B 60 20.21 -20.05 -17.17
N ILE B 61 18.92 -20.35 -17.29
CA ILE B 61 18.13 -20.86 -16.18
C ILE B 61 17.62 -22.26 -16.55
N PHE B 62 17.84 -23.21 -15.64
CA PHE B 62 17.30 -24.56 -15.76
C PHE B 62 16.06 -24.67 -14.88
N TRP B 63 14.93 -25.00 -15.48
CA TRP B 63 13.72 -25.26 -14.72
C TRP B 63 12.77 -26.08 -15.58
N ALA B 64 11.75 -26.64 -14.92
CA ALA B 64 10.69 -27.34 -15.63
C ALA B 64 10.01 -26.40 -16.62
N HIS B 65 9.62 -26.96 -17.76
CA HIS B 65 9.22 -26.15 -18.91
C HIS B 65 7.96 -25.32 -18.65
N ASP B 66 7.07 -25.77 -17.76
CA ASP B 66 5.76 -25.14 -17.67
C ASP B 66 5.85 -23.70 -17.15
N ARG B 67 6.89 -23.38 -16.39
CA ARG B 67 7.06 -22.00 -15.94
C ARG B 67 7.57 -21.09 -17.03
N PHE B 68 8.25 -21.63 -18.06
CA PHE B 68 8.90 -20.79 -19.06
C PHE B 68 7.88 -20.03 -19.90
N GLY B 69 6.66 -20.55 -20.04
CA GLY B 69 5.64 -19.80 -20.76
C GLY B 69 5.34 -18.46 -20.13
N GLY B 70 5.24 -18.42 -18.80
CA GLY B 70 5.04 -17.16 -18.11
C GLY B 70 6.24 -16.23 -18.26
N TYR B 71 7.44 -16.78 -18.07
CA TYR B 71 8.66 -16.00 -18.30
C TYR B 71 8.64 -15.35 -19.68
N ALA B 72 8.25 -16.12 -20.71
CA ALA B 72 8.28 -15.61 -22.07
C ALA B 72 7.19 -14.57 -22.31
N GLN B 73 6.06 -14.67 -21.63
CA GLN B 73 5.05 -13.61 -21.73
C GLN B 73 5.56 -12.30 -21.16
N SER B 74 6.40 -12.37 -20.13
CA SER B 74 7.06 -11.20 -19.57
C SER B 74 8.36 -10.86 -20.32
N GLY B 75 8.59 -11.48 -21.47
CA GLY B 75 9.75 -11.16 -22.30
C GLY B 75 11.08 -11.41 -21.65
N LEU B 76 11.19 -12.41 -20.77
CA LEU B 76 12.41 -12.68 -20.03
C LEU B 76 13.27 -13.76 -20.66
N LEU B 77 12.89 -14.23 -21.85
CA LEU B 77 13.59 -15.35 -22.48
C LEU B 77 13.87 -15.01 -23.93
N ALA B 78 15.11 -15.27 -24.36
CA ALA B 78 15.46 -15.07 -25.76
C ALA B 78 14.92 -16.22 -26.60
N GLU B 79 14.55 -15.90 -27.83
CA GLU B 79 14.31 -16.95 -28.82
C GLU B 79 15.62 -17.68 -29.11
N ILE B 80 15.59 -19.00 -29.05
CA ILE B 80 16.78 -19.79 -29.32
C ILE B 80 16.81 -20.13 -30.82
N THR B 81 18.01 -20.40 -31.33
CA THR B 81 18.22 -20.54 -32.77
C THR B 81 18.95 -21.85 -33.11
N PRO B 82 18.39 -23.00 -32.76
CA PRO B 82 19.02 -24.26 -33.19
C PRO B 82 18.77 -24.52 -34.67
N ALA B 83 19.81 -25.00 -35.35
CA ALA B 83 19.65 -25.42 -36.73
C ALA B 83 18.83 -26.70 -36.79
N ALA B 84 18.22 -26.94 -37.95
CA ALA B 84 17.41 -28.14 -38.13
C ALA B 84 18.21 -29.40 -37.83
N ALA B 85 19.50 -29.37 -38.13
CA ALA B 85 20.35 -30.53 -37.86
C ALA B 85 20.47 -30.78 -36.35
N PHE B 86 20.50 -29.72 -35.54
CA PHE B 86 20.55 -29.94 -34.10
C PHE B 86 19.19 -30.35 -33.55
N GLN B 87 18.11 -29.75 -34.05
CA GLN B 87 16.78 -30.11 -33.59
C GLN B 87 16.50 -31.58 -33.81
N ASP B 88 17.01 -32.15 -34.91
CA ASP B 88 16.82 -33.57 -35.21
CA ASP B 88 16.79 -33.56 -35.19
C ASP B 88 17.48 -34.49 -34.20
N LYS B 89 18.33 -33.96 -33.31
CA LYS B 89 19.00 -34.80 -32.32
C LYS B 89 18.15 -35.00 -31.07
N LEU B 90 17.08 -34.23 -30.90
CA LEU B 90 16.16 -34.38 -29.79
C LEU B 90 14.82 -34.89 -30.32
N TYR B 91 14.12 -35.65 -29.48
CA TYR B 91 12.82 -36.17 -29.86
C TYR B 91 11.87 -35.02 -30.20
N PRO B 92 11.15 -35.08 -31.33
CA PRO B 92 10.31 -33.95 -31.73
C PRO B 92 9.35 -33.47 -30.66
N PHE B 93 8.74 -34.38 -29.88
CA PHE B 93 7.73 -33.95 -28.93
C PHE B 93 8.31 -33.09 -27.81
N THR B 94 9.61 -33.21 -27.51
CA THR B 94 10.19 -32.33 -26.52
C THR B 94 10.31 -30.89 -27.03
N TRP B 95 10.41 -30.68 -28.35
CA TRP B 95 10.43 -29.31 -28.85
C TRP B 95 9.10 -28.62 -28.67
N ASP B 96 7.99 -29.37 -28.57
CA ASP B 96 6.69 -28.76 -28.38
C ASP B 96 6.52 -28.20 -26.98
N ALA B 97 7.27 -28.71 -26.01
CA ALA B 97 7.20 -28.23 -24.63
C ALA B 97 7.89 -26.89 -24.43
N VAL B 98 8.72 -26.45 -25.37
CA VAL B 98 9.49 -25.22 -25.19
C VAL B 98 9.12 -24.17 -26.23
N ARG B 99 7.85 -24.16 -26.65
CA ARG B 99 7.34 -23.12 -27.53
C ARG B 99 6.36 -22.23 -26.77
N TYR B 100 6.56 -20.92 -26.88
CA TYR B 100 5.51 -19.97 -26.59
C TYR B 100 5.24 -19.16 -27.84
N ASN B 101 3.97 -18.83 -28.09
CA ASN B 101 3.53 -18.42 -29.44
C ASN B 101 4.02 -19.53 -30.37
N GLY B 102 4.68 -19.22 -31.47
CA GLY B 102 5.31 -20.27 -32.25
C GLY B 102 6.82 -20.23 -32.18
N LYS B 103 7.38 -19.77 -31.06
CA LYS B 103 8.81 -19.52 -30.95
C LYS B 103 9.45 -20.41 -29.89
N LEU B 104 10.57 -21.05 -30.25
CA LEU B 104 11.34 -21.83 -29.30
C LEU B 104 12.01 -20.91 -28.30
N ILE B 105 11.87 -21.24 -27.02
CA ILE B 105 12.30 -20.33 -25.95
C ILE B 105 13.15 -21.05 -24.92
N ALA B 106 13.55 -22.29 -25.20
CA ALA B 106 14.43 -23.04 -24.30
C ALA B 106 14.87 -24.34 -24.98
N TYR B 107 15.96 -24.92 -24.46
CA TYR B 107 16.42 -26.23 -24.92
C TYR B 107 15.89 -27.33 -24.01
N PRO B 108 15.24 -28.37 -24.53
CA PRO B 108 14.83 -29.49 -23.68
C PRO B 108 16.03 -30.26 -23.16
N ILE B 109 15.96 -30.67 -21.90
CA ILE B 109 17.05 -31.41 -21.28
C ILE B 109 16.58 -32.80 -20.85
N ALA B 110 15.60 -32.86 -19.96
CA ALA B 110 15.16 -34.12 -19.36
C ALA B 110 13.64 -34.22 -19.41
N VAL B 111 13.15 -35.45 -19.39
CA VAL B 111 11.73 -35.76 -19.62
C VAL B 111 11.22 -36.61 -18.46
N GLU B 112 10.09 -36.20 -17.87
CA GLU B 112 9.52 -36.91 -16.73
CA GLU B 112 9.52 -36.87 -16.71
C GLU B 112 8.02 -37.10 -16.90
N ALA B 113 7.54 -38.25 -16.43
CA ALA B 113 6.12 -38.60 -16.49
C ALA B 113 5.88 -39.79 -15.56
N LEU B 114 4.66 -39.86 -15.03
CA LEU B 114 4.24 -40.99 -14.22
C LEU B 114 4.39 -42.30 -14.98
N SER B 115 4.72 -43.36 -14.26
CA SER B 115 4.64 -44.72 -14.78
C SER B 115 3.86 -45.60 -13.81
N LEU B 116 3.55 -46.81 -14.24
CA LEU B 116 2.93 -47.80 -13.36
C LEU B 116 4.04 -48.57 -12.65
N ILE B 117 4.06 -48.48 -11.32
CA ILE B 117 5.05 -49.15 -10.50
C ILE B 117 4.39 -50.36 -9.85
N TYR B 118 5.05 -51.51 -9.92
CA TYR B 118 4.40 -52.74 -9.49
C TYR B 118 5.38 -53.66 -8.76
N ASN B 119 4.81 -54.40 -7.81
CA ASN B 119 5.53 -55.38 -6.99
C ASN B 119 5.66 -56.68 -7.79
N LYS B 120 6.90 -57.06 -8.13
CA LYS B 120 7.09 -58.24 -8.96
C LYS B 120 6.73 -59.53 -8.24
N ASP B 121 6.79 -59.56 -6.92
CA ASP B 121 6.45 -60.79 -6.21
C ASP B 121 4.94 -60.99 -6.14
N LEU B 122 4.19 -59.93 -5.82
CA LEU B 122 2.75 -60.01 -5.83
C LEU B 122 2.20 -60.14 -7.24
N LEU B 123 2.91 -59.62 -8.22
CA LEU B 123 2.32 -59.40 -9.52
C LEU B 123 3.41 -59.39 -10.60
N PRO B 124 3.90 -60.56 -11.01
CA PRO B 124 4.96 -60.59 -12.04
C PRO B 124 4.49 -60.15 -13.41
N ASN B 125 3.19 -60.17 -13.69
CA ASN B 125 2.63 -59.79 -14.99
C ASN B 125 1.64 -58.66 -14.77
N PRO B 126 2.10 -57.41 -14.80
CA PRO B 126 1.20 -56.29 -14.56
C PRO B 126 0.15 -56.21 -15.65
N PRO B 127 -1.04 -55.68 -15.32
CA PRO B 127 -2.12 -55.63 -16.32
C PRO B 127 -1.87 -54.56 -17.37
N LYS B 128 -2.13 -54.91 -18.63
CA LYS B 128 -2.01 -53.94 -19.71
C LYS B 128 -3.20 -53.00 -19.77
N THR B 129 -4.34 -53.35 -19.17
CA THR B 129 -5.55 -52.55 -19.27
C THR B 129 -6.05 -52.12 -17.90
N TRP B 130 -6.58 -50.89 -17.83
CA TRP B 130 -7.32 -50.46 -16.65
C TRP B 130 -8.54 -51.34 -16.40
N GLU B 131 -9.12 -51.93 -17.47
CA GLU B 131 -10.38 -52.66 -17.35
C GLU B 131 -10.24 -53.93 -16.52
N GLU B 132 -9.06 -54.56 -16.51
CA GLU B 132 -8.89 -55.83 -15.81
C GLU B 132 -8.41 -55.67 -14.38
N ILE B 133 -8.41 -54.45 -13.84
CA ILE B 133 -7.95 -54.19 -12.49
C ILE B 133 -9.01 -54.59 -11.45
N PRO B 134 -10.32 -54.32 -11.68
CA PRO B 134 -11.34 -54.87 -10.77
C PRO B 134 -11.18 -56.36 -10.47
N ALA B 135 -11.12 -57.18 -11.51
CA ALA B 135 -10.95 -58.62 -11.31
C ALA B 135 -9.66 -58.91 -10.57
N LEU B 136 -8.57 -58.22 -10.93
CA LEU B 136 -7.28 -58.43 -10.26
C LEU B 136 -7.37 -58.09 -8.78
N ASP B 137 -8.00 -56.96 -8.44
CA ASP B 137 -8.13 -56.56 -7.04
C ASP B 137 -8.93 -57.59 -6.24
N LYS B 138 -9.95 -58.19 -6.87
CA LYS B 138 -10.73 -59.22 -6.19
C LYS B 138 -9.86 -60.42 -5.82
N GLU B 139 -9.04 -60.89 -6.77
CA GLU B 139 -8.14 -61.99 -6.49
C GLU B 139 -7.12 -61.64 -5.42
N LEU B 140 -6.64 -60.40 -5.40
CA LEU B 140 -5.63 -60.02 -4.43
C LEU B 140 -6.20 -59.78 -3.04
N LYS B 141 -7.42 -59.27 -2.94
CA LYS B 141 -8.00 -59.00 -1.62
C LYS B 141 -8.30 -60.30 -0.87
N ALA B 142 -8.50 -61.41 -1.59
CA ALA B 142 -8.66 -62.69 -0.93
C ALA B 142 -7.43 -63.08 -0.13
N LYS B 143 -6.26 -62.54 -0.49
CA LYS B 143 -5.03 -62.79 0.24
C LYS B 143 -4.58 -61.57 1.06
N GLY B 144 -5.49 -60.62 1.28
CA GLY B 144 -5.17 -59.47 2.12
C GLY B 144 -4.36 -58.38 1.45
N LYS B 145 -4.37 -58.33 0.11
CA LYS B 145 -3.64 -57.32 -0.63
CA LYS B 145 -3.64 -57.32 -0.63
C LYS B 145 -4.59 -56.56 -1.55
N SER B 146 -4.21 -55.34 -1.88
CA SER B 146 -4.97 -54.58 -2.88
C SER B 146 -4.20 -54.59 -4.20
N ALA B 147 -4.91 -54.27 -5.27
CA ALA B 147 -4.28 -54.25 -6.58
C ALA B 147 -3.48 -52.97 -6.79
N LEU B 148 -4.08 -51.81 -6.48
CA LEU B 148 -3.54 -50.53 -6.89
C LEU B 148 -3.92 -49.47 -5.87
N MET B 149 -2.93 -48.74 -5.35
CA MET B 149 -3.18 -47.56 -4.57
C MET B 149 -2.36 -46.41 -5.13
N PHE B 150 -2.99 -45.25 -5.29
CA PHE B 150 -2.24 -44.07 -5.71
C PHE B 150 -3.01 -42.82 -5.30
N ASN B 151 -2.29 -41.70 -5.32
CA ASN B 151 -2.82 -40.42 -4.88
C ASN B 151 -4.03 -40.00 -5.70
N LEU B 152 -5.19 -39.96 -5.05
CA LEU B 152 -6.43 -39.52 -5.69
C LEU B 152 -6.78 -38.08 -5.33
N GLN B 153 -5.97 -37.42 -4.51
CA GLN B 153 -6.28 -36.06 -4.10
C GLN B 153 -5.84 -35.01 -5.12
N GLU B 154 -4.89 -35.35 -5.99
CA GLU B 154 -4.29 -34.38 -6.88
C GLU B 154 -4.51 -34.78 -8.33
N PRO B 155 -5.08 -33.89 -9.17
CA PRO B 155 -5.40 -34.28 -10.54
C PRO B 155 -4.20 -34.60 -11.41
N TYR B 156 -2.99 -34.18 -11.01
CA TYR B 156 -1.79 -34.67 -11.69
C TYR B 156 -1.81 -36.19 -11.77
N PHE B 157 -2.21 -36.85 -10.69
CA PHE B 157 -2.11 -38.31 -10.63
C PHE B 157 -3.30 -38.99 -11.29
N THR B 158 -4.49 -38.40 -11.18
CA THR B 158 -5.67 -39.01 -11.78
C THR B 158 -5.87 -38.65 -13.25
N TRP B 159 -5.22 -37.60 -13.75
CA TRP B 159 -5.42 -37.20 -15.13
C TRP B 159 -5.05 -38.25 -16.18
N PRO B 160 -4.04 -39.12 -15.99
CA PRO B 160 -3.76 -40.11 -17.04
C PRO B 160 -4.93 -40.97 -17.42
N LEU B 161 -5.76 -41.36 -16.45
CA LEU B 161 -6.93 -42.16 -16.76
C LEU B 161 -8.04 -41.29 -17.36
N ILE B 162 -8.22 -40.08 -16.82
CA ILE B 162 -9.30 -39.21 -17.26
C ILE B 162 -9.09 -38.75 -18.71
N ALA B 163 -7.84 -38.63 -19.14
CA ALA B 163 -7.56 -38.13 -20.48
C ALA B 163 -7.51 -39.22 -21.54
N ALA B 164 -7.27 -40.48 -21.14
CA ALA B 164 -6.92 -41.54 -22.07
C ALA B 164 -7.91 -41.65 -23.22
N ASP B 165 -9.21 -41.49 -22.94
CA ASP B 165 -10.26 -41.64 -23.95
C ASP B 165 -10.68 -40.31 -24.56
N GLY B 166 -9.97 -39.22 -24.27
CA GLY B 166 -10.29 -37.97 -24.95
C GLY B 166 -10.11 -36.69 -24.16
N GLY B 167 -9.88 -36.79 -22.86
CA GLY B 167 -9.67 -35.60 -22.06
C GLY B 167 -8.41 -34.85 -22.47
N TYR B 168 -8.46 -33.53 -22.33
CA TYR B 168 -7.26 -32.73 -22.54
C TYR B 168 -7.40 -31.42 -21.77
N ALA B 169 -6.25 -30.79 -21.54
CA ALA B 169 -6.23 -29.52 -20.80
C ALA B 169 -6.59 -28.36 -21.72
N PHE B 170 -5.67 -28.00 -22.61
CA PHE B 170 -5.90 -26.96 -23.61
C PHE B 170 -5.49 -27.50 -24.97
N LYS B 171 -6.32 -27.31 -25.97
CA LYS B 171 -5.98 -27.73 -27.33
C LYS B 171 -4.68 -27.07 -27.78
N TYR B 172 -3.81 -27.87 -28.39
CA TYR B 172 -2.52 -27.42 -28.87
C TYR B 172 -2.45 -27.58 -30.38
N ALA B 173 -1.92 -26.56 -31.06
CA ALA B 173 -1.71 -26.63 -32.49
C ALA B 173 -0.78 -25.49 -32.88
N ALA B 174 0.21 -25.80 -33.72
CA ALA B 174 1.15 -24.81 -34.26
C ALA B 174 1.89 -24.07 -33.14
N GLY B 175 2.31 -24.83 -32.13
CA GLY B 175 3.02 -24.23 -31.02
C GLY B 175 2.16 -23.38 -30.10
N LYS B 176 0.85 -23.34 -30.30
CA LYS B 176 0.02 -22.44 -29.51
C LYS B 176 -1.10 -23.20 -28.81
N TYR B 177 -1.40 -22.77 -27.59
CA TYR B 177 -2.54 -23.26 -26.85
C TYR B 177 -3.73 -22.34 -27.06
N ASP B 178 -4.89 -22.94 -27.32
CA ASP B 178 -6.15 -22.22 -27.38
C ASP B 178 -6.75 -22.23 -25.97
N ILE B 179 -6.67 -21.09 -25.27
CA ILE B 179 -7.17 -21.03 -23.90
C ILE B 179 -8.68 -21.11 -23.81
N LYS B 180 -9.39 -21.07 -24.94
CA LYS B 180 -10.85 -21.22 -24.97
C LYS B 180 -11.29 -22.65 -25.24
N ASP B 181 -10.36 -23.56 -25.56
CA ASP B 181 -10.70 -24.95 -25.87
C ASP B 181 -10.14 -25.85 -24.78
N VAL B 182 -11.01 -26.21 -23.82
CA VAL B 182 -10.66 -27.06 -22.69
C VAL B 182 -11.43 -28.37 -22.84
N GLY B 183 -10.76 -29.49 -22.60
CA GLY B 183 -11.38 -30.79 -22.80
C GLY B 183 -11.68 -31.54 -21.54
N VAL B 184 -12.49 -30.96 -20.66
CA VAL B 184 -12.69 -31.51 -19.32
C VAL B 184 -14.04 -32.20 -19.22
N ASP B 185 -15.02 -31.78 -20.02
CA ASP B 185 -16.36 -32.36 -19.95
C ASP B 185 -16.77 -33.01 -21.26
N ASN B 186 -15.81 -33.47 -22.07
CA ASN B 186 -16.14 -34.26 -23.24
C ASN B 186 -16.39 -35.72 -22.82
N ALA B 187 -16.77 -36.54 -23.81
CA ALA B 187 -17.24 -37.90 -23.51
C ALA B 187 -16.11 -38.78 -22.98
N GLY B 188 -14.88 -38.53 -23.40
CA GLY B 188 -13.75 -39.32 -22.95
C GLY B 188 -13.36 -39.00 -21.53
N ALA B 189 -13.32 -37.71 -21.19
CA ALA B 189 -13.06 -37.30 -19.81
C ALA B 189 -14.11 -37.88 -18.87
N LYS B 190 -15.39 -37.80 -19.27
CA LYS B 190 -16.46 -38.42 -18.49
C LYS B 190 -16.24 -39.93 -18.35
N ALA B 191 -15.81 -40.59 -19.43
CA ALA B 191 -15.62 -42.03 -19.39
C ALA B 191 -14.52 -42.41 -18.41
N GLY B 192 -13.42 -41.66 -18.40
CA GLY B 192 -12.32 -41.98 -17.51
C GLY B 192 -12.65 -41.73 -16.05
N LEU B 193 -13.27 -40.58 -15.75
CA LEU B 193 -13.63 -40.29 -14.37
C LEU B 193 -14.70 -41.26 -13.87
N THR B 194 -15.61 -41.70 -14.74
CA THR B 194 -16.60 -42.68 -14.33
C THR B 194 -15.96 -44.00 -13.95
N PHE B 195 -14.98 -44.47 -14.75
CA PHE B 195 -14.25 -45.66 -14.35
C PHE B 195 -13.56 -45.45 -13.01
N LEU B 196 -12.95 -44.28 -12.81
CA LEU B 196 -12.31 -43.99 -11.53
C LEU B 196 -13.32 -44.05 -10.39
N VAL B 197 -14.43 -43.31 -10.50
CA VAL B 197 -15.44 -43.31 -9.45
C VAL B 197 -16.01 -44.71 -9.24
N ASP B 198 -16.14 -45.50 -10.31
CA ASP B 198 -16.63 -46.86 -10.18
C ASP B 198 -15.66 -47.74 -9.41
N LEU B 199 -14.35 -47.52 -9.60
CA LEU B 199 -13.35 -48.26 -8.81
C LEU B 199 -13.54 -48.00 -7.32
N ILE B 200 -13.86 -46.75 -6.96
CA ILE B 200 -14.09 -46.40 -5.57
C ILE B 200 -15.40 -47.00 -5.07
N LYS B 201 -16.46 -46.86 -5.86
CA LYS B 201 -17.77 -47.33 -5.41
C LYS B 201 -17.79 -48.84 -5.22
N ASN B 202 -17.03 -49.58 -6.02
CA ASN B 202 -16.91 -51.02 -5.89
C ASN B 202 -15.82 -51.43 -4.91
N LYS B 203 -15.25 -50.48 -4.18
CA LYS B 203 -14.31 -50.73 -3.08
C LYS B 203 -12.95 -51.22 -3.57
N HIS B 204 -12.59 -50.94 -4.81
CA HIS B 204 -11.26 -51.28 -5.29
C HIS B 204 -10.23 -50.22 -4.91
N MET B 205 -10.67 -49.01 -4.64
CA MET B 205 -9.84 -47.95 -4.08
C MET B 205 -10.69 -47.14 -3.12
N ASN B 206 -10.02 -46.41 -2.22
CA ASN B 206 -10.68 -45.50 -1.29
CA ASN B 206 -10.70 -45.50 -1.30
C ASN B 206 -10.44 -44.06 -1.72
N ALA B 207 -11.49 -43.24 -1.67
CA ALA B 207 -11.40 -41.86 -2.12
C ALA B 207 -10.43 -41.02 -1.29
N ASP B 208 -10.05 -41.48 -0.10
CA ASP B 208 -9.19 -40.71 0.78
C ASP B 208 -7.71 -41.01 0.59
N THR B 209 -7.36 -41.95 -0.29
CA THR B 209 -5.95 -42.29 -0.47
C THR B 209 -5.19 -41.09 -1.01
N ASP B 210 -4.07 -40.76 -0.37
CA ASP B 210 -3.24 -39.64 -0.76
C ASP B 210 -1.83 -40.16 -1.08
N TYR B 211 -0.89 -39.23 -1.27
CA TYR B 211 0.46 -39.60 -1.69
C TYR B 211 1.14 -40.46 -0.63
N SER B 212 1.08 -40.03 0.63
CA SER B 212 1.82 -40.73 1.68
C SER B 212 1.20 -42.08 1.99
N ILE B 213 -0.13 -42.15 2.03
CA ILE B 213 -0.81 -43.44 2.25
C ILE B 213 -0.45 -44.42 1.16
N ALA B 214 -0.43 -43.95 -0.10
CA ALA B 214 -0.13 -44.83 -1.22
C ALA B 214 1.31 -45.31 -1.18
N GLU B 215 2.26 -44.40 -0.96
CA GLU B 215 3.66 -44.78 -0.94
C GLU B 215 3.96 -45.74 0.19
N ALA B 216 3.39 -45.49 1.38
CA ALA B 216 3.62 -46.38 2.51
C ALA B 216 3.12 -47.79 2.22
N ALA B 217 1.90 -47.89 1.68
CA ALA B 217 1.30 -49.20 1.42
C ALA B 217 2.12 -50.00 0.41
N PHE B 218 2.64 -49.33 -0.64
CA PHE B 218 3.47 -50.03 -1.60
C PHE B 218 4.78 -50.49 -0.99
N ASN B 219 5.36 -49.68 -0.10
CA ASN B 219 6.62 -50.06 0.52
C ASN B 219 6.44 -51.21 1.50
N LYS B 220 5.30 -51.27 2.18
CA LYS B 220 5.01 -52.37 3.08
C LYS B 220 4.45 -53.58 2.38
N GLY B 221 4.40 -53.56 1.04
CA GLY B 221 3.94 -54.70 0.29
C GLY B 221 2.46 -55.00 0.43
N GLU B 222 1.65 -53.97 0.69
CA GLU B 222 0.22 -54.16 0.90
C GLU B 222 -0.59 -54.01 -0.39
N THR B 223 -0.07 -53.29 -1.38
CA THR B 223 -0.70 -53.16 -2.67
C THR B 223 0.27 -53.63 -3.74
N ALA B 224 -0.26 -54.16 -4.84
CA ALA B 224 0.59 -54.71 -5.89
C ALA B 224 1.07 -53.64 -6.87
N MET B 225 0.40 -52.49 -6.94
CA MET B 225 0.73 -51.48 -7.91
C MET B 225 0.56 -50.11 -7.26
N THR B 226 1.31 -49.15 -7.77
CA THR B 226 1.07 -47.74 -7.49
C THR B 226 1.45 -46.95 -8.73
N ILE B 227 1.12 -45.66 -8.73
CA ILE B 227 1.41 -44.78 -9.85
C ILE B 227 2.22 -43.62 -9.34
N ASN B 228 3.44 -43.48 -9.83
CA ASN B 228 4.34 -42.43 -9.35
C ASN B 228 5.41 -42.16 -10.39
N GLY B 229 6.18 -41.10 -10.15
CA GLY B 229 7.20 -40.68 -11.06
C GLY B 229 8.60 -41.08 -10.61
N PRO B 230 9.60 -40.70 -11.39
CA PRO B 230 10.98 -41.09 -11.07
C PRO B 230 11.47 -40.57 -9.72
N TRP B 231 10.91 -39.45 -9.23
CA TRP B 231 11.33 -38.93 -7.94
C TRP B 231 11.10 -39.93 -6.80
N ALA B 232 10.21 -40.90 -7.01
CA ALA B 232 9.85 -41.83 -5.95
C ALA B 232 10.71 -43.08 -5.90
N TRP B 233 11.41 -43.39 -7.00
CA TRP B 233 12.13 -44.67 -7.11
C TRP B 233 13.06 -44.91 -5.92
N SER B 234 13.89 -43.91 -5.60
CA SER B 234 14.90 -44.09 -4.56
C SER B 234 14.30 -44.28 -3.17
N ASN B 235 13.02 -44.00 -2.98
CA ASN B 235 12.36 -44.21 -1.70
C ASN B 235 11.72 -45.58 -1.58
N ILE B 236 11.76 -46.38 -2.63
CA ILE B 236 11.21 -47.73 -2.57
C ILE B 236 12.21 -48.64 -1.86
N ASP B 237 11.70 -49.44 -0.93
CA ASP B 237 12.52 -50.27 -0.05
C ASP B 237 12.84 -51.57 -0.77
N THR B 238 14.00 -51.58 -1.44
CA THR B 238 14.43 -52.77 -2.19
C THR B 238 14.81 -53.93 -1.29
N SER B 239 14.95 -53.70 0.02
CA SER B 239 15.09 -54.82 0.95
C SER B 239 13.75 -55.52 1.19
N ALA B 240 12.65 -54.86 0.88
CA ALA B 240 11.32 -55.39 1.12
C ALA B 240 10.55 -55.70 -0.15
N VAL B 241 10.79 -54.96 -1.23
CA VAL B 241 9.96 -54.99 -2.42
C VAL B 241 10.84 -55.10 -3.66
N ASN B 242 10.63 -56.14 -4.45
CA ASN B 242 11.20 -56.22 -5.80
CA ASN B 242 11.19 -56.23 -5.80
C ASN B 242 10.22 -55.54 -6.75
N TYR B 243 10.55 -54.32 -7.18
CA TYR B 243 9.61 -53.51 -7.94
C TYR B 243 10.04 -53.39 -9.40
N GLY B 244 9.03 -53.13 -10.25
CA GLY B 244 9.25 -52.81 -11.64
C GLY B 244 8.50 -51.54 -12.01
N VAL B 245 8.83 -51.02 -13.20
CA VAL B 245 8.31 -49.76 -13.72
C VAL B 245 7.97 -49.99 -15.18
N THR B 246 6.72 -49.71 -15.58
CA THR B 246 6.27 -50.12 -16.90
C THR B 246 5.28 -49.12 -17.48
N VAL B 247 4.81 -49.42 -18.69
CA VAL B 247 3.81 -48.58 -19.34
C VAL B 247 2.54 -48.58 -18.51
N LEU B 248 1.89 -47.42 -18.44
CA LEU B 248 0.61 -47.34 -17.76
C LEU B 248 -0.44 -48.14 -18.53
N PRO B 249 -1.48 -48.61 -17.85
CA PRO B 249 -2.50 -49.40 -18.54
C PRO B 249 -3.29 -48.57 -19.53
N THR B 250 -3.72 -49.24 -20.61
CA THR B 250 -4.65 -48.61 -21.53
C THR B 250 -6.04 -48.50 -20.90
N PHE B 251 -6.84 -47.58 -21.43
CA PHE B 251 -8.25 -47.48 -21.10
C PHE B 251 -9.04 -47.35 -22.41
N LYS B 252 -10.00 -48.25 -22.60
CA LYS B 252 -10.77 -48.33 -23.84
C LYS B 252 -9.84 -48.45 -25.05
N GLY B 253 -8.81 -49.27 -24.90
CA GLY B 253 -7.85 -49.53 -25.96
C GLY B 253 -6.87 -48.41 -26.23
N GLN B 254 -6.88 -47.35 -25.43
CA GLN B 254 -6.06 -46.18 -25.68
C GLN B 254 -5.08 -45.95 -24.53
N PRO B 255 -3.89 -45.44 -24.82
CA PRO B 255 -2.88 -45.29 -23.76
C PRO B 255 -3.34 -44.32 -22.70
N SER B 256 -2.89 -44.54 -21.47
CA SER B 256 -3.01 -43.51 -20.45
C SER B 256 -2.15 -42.32 -20.85
N LYS B 257 -2.57 -41.12 -20.46
CA LYS B 257 -1.96 -39.89 -20.95
C LYS B 257 -1.53 -39.01 -19.77
N PRO B 258 -0.38 -39.30 -19.19
CA PRO B 258 0.12 -38.47 -18.09
C PRO B 258 0.64 -37.13 -18.59
N PHE B 259 0.62 -36.14 -17.71
CA PHE B 259 1.29 -34.89 -18.00
C PHE B 259 2.78 -35.10 -18.09
N VAL B 260 3.42 -34.43 -19.05
CA VAL B 260 4.85 -34.56 -19.28
C VAL B 260 5.53 -33.28 -18.80
N GLY B 261 6.59 -33.44 -18.01
CA GLY B 261 7.41 -32.34 -17.57
C GLY B 261 8.80 -32.42 -18.16
N VAL B 262 9.30 -31.30 -18.68
CA VAL B 262 10.52 -31.26 -19.46
C VAL B 262 11.46 -30.23 -18.81
N LEU B 263 12.51 -30.72 -18.16
CA LEU B 263 13.55 -29.84 -17.65
C LEU B 263 14.20 -29.12 -18.81
N SER B 264 14.14 -27.80 -18.79
CA SER B 264 14.59 -27.01 -19.93
C SER B 264 15.66 -26.01 -19.51
N ALA B 265 16.40 -25.52 -20.49
CA ALA B 265 17.42 -24.50 -20.30
C ALA B 265 17.02 -23.29 -21.11
N GLY B 266 16.67 -22.21 -20.43
CA GLY B 266 16.35 -20.95 -21.06
C GLY B 266 17.53 -20.00 -21.04
N ILE B 267 17.55 -19.09 -22.00
CA ILE B 267 18.59 -18.06 -22.10
C ILE B 267 17.96 -16.73 -21.74
N ASN B 268 18.46 -16.10 -20.68
CA ASN B 268 18.00 -14.79 -20.25
C ASN B 268 17.98 -13.82 -21.42
N ALA B 269 16.85 -13.11 -21.57
CA ALA B 269 16.72 -12.16 -22.66
C ALA B 269 17.67 -10.98 -22.51
N ALA B 270 18.02 -10.63 -21.27
CA ALA B 270 18.97 -9.57 -20.97
C ALA B 270 20.42 -10.03 -21.07
N SER B 271 20.67 -11.30 -21.37
CA SER B 271 22.04 -11.79 -21.41
C SER B 271 22.79 -11.18 -22.58
N PRO B 272 24.02 -10.72 -22.35
CA PRO B 272 24.91 -10.35 -23.46
C PRO B 272 25.81 -11.48 -23.94
N ASN B 273 25.56 -12.71 -23.51
CA ASN B 273 26.36 -13.87 -23.87
C ASN B 273 25.49 -14.96 -24.52
N LYS B 274 24.52 -14.54 -25.35
CA LYS B 274 23.59 -15.50 -25.93
C LYS B 274 24.29 -16.48 -26.88
N GLU B 275 25.34 -16.03 -27.56
CA GLU B 275 26.07 -16.92 -28.45
C GLU B 275 26.89 -17.94 -27.67
N LEU B 276 27.52 -17.49 -26.59
CA LEU B 276 28.23 -18.41 -25.69
C LEU B 276 27.27 -19.46 -25.15
N ALA B 277 26.15 -19.02 -24.58
CA ALA B 277 25.19 -19.95 -23.98
C ALA B 277 24.67 -20.94 -25.01
N LYS B 278 24.37 -20.48 -26.22
CA LYS B 278 23.98 -21.40 -27.29
C LYS B 278 25.07 -22.43 -27.54
N GLU B 279 26.31 -21.98 -27.67
CA GLU B 279 27.41 -22.91 -27.87
C GLU B 279 27.52 -23.91 -26.72
N PHE B 280 27.38 -23.44 -25.47
CA PHE B 280 27.53 -24.32 -24.33
C PHE B 280 26.42 -25.36 -24.28
N LEU B 281 25.18 -24.95 -24.53
CA LEU B 281 24.04 -25.86 -24.41
C LEU B 281 24.00 -26.85 -25.56
N GLU B 282 24.28 -26.39 -26.79
CA GLU B 282 24.12 -27.27 -27.94
C GLU B 282 25.28 -28.23 -28.09
N ASN B 283 26.51 -27.77 -27.87
CA ASN B 283 27.68 -28.52 -28.25
C ASN B 283 28.49 -29.02 -27.08
N TYR B 284 28.14 -28.63 -25.86
CA TYR B 284 28.79 -29.15 -24.66
C TYR B 284 27.83 -29.95 -23.79
N LEU B 285 26.71 -29.35 -23.38
CA LEU B 285 25.80 -30.05 -22.48
C LEU B 285 24.97 -31.10 -23.23
N LEU B 286 24.33 -30.71 -24.33
CA LEU B 286 23.47 -31.64 -25.05
C LEU B 286 24.29 -32.55 -25.96
N THR B 287 25.31 -33.19 -25.38
CA THR B 287 26.08 -34.24 -26.01
C THR B 287 26.03 -35.45 -25.08
N ASP B 288 26.34 -36.63 -25.62
CA ASP B 288 26.39 -37.82 -24.77
C ASP B 288 27.34 -37.59 -23.60
N GLU B 289 28.49 -36.97 -23.87
CA GLU B 289 29.48 -36.73 -22.82
C GLU B 289 29.00 -35.70 -21.80
N GLY B 290 28.30 -34.66 -22.27
CA GLY B 290 27.83 -33.64 -21.34
C GLY B 290 26.70 -34.12 -20.44
N LEU B 291 25.72 -34.80 -21.04
CA LEU B 291 24.64 -35.37 -20.22
C LEU B 291 25.18 -36.45 -19.29
N GLU B 292 26.09 -37.31 -19.79
CA GLU B 292 26.74 -38.30 -18.94
C GLU B 292 27.39 -37.65 -17.73
N ALA B 293 28.02 -36.50 -17.92
CA ALA B 293 28.68 -35.83 -16.80
C ALA B 293 27.69 -35.34 -15.77
N VAL B 294 26.55 -34.79 -16.23
CA VAL B 294 25.48 -34.41 -15.31
C VAL B 294 24.83 -35.65 -14.70
N ASN B 295 24.55 -36.66 -15.52
CA ASN B 295 23.81 -37.83 -15.07
C ASN B 295 24.56 -38.55 -13.95
N LYS B 296 25.88 -38.76 -14.11
CA LYS B 296 26.64 -39.49 -13.11
C LYS B 296 26.65 -38.78 -11.77
N ASP B 297 26.55 -37.44 -11.76
CA ASP B 297 26.42 -36.73 -10.48
C ASP B 297 25.06 -37.01 -9.86
N LYS B 298 23.99 -36.65 -10.56
CA LYS B 298 22.63 -36.95 -10.14
C LYS B 298 21.86 -37.37 -11.39
N PRO B 299 21.18 -38.51 -11.36
CA PRO B 299 20.48 -39.00 -12.56
C PRO B 299 19.48 -37.98 -13.08
N LEU B 300 19.36 -37.91 -14.40
CA LEU B 300 18.41 -37.02 -15.03
C LEU B 300 17.05 -37.68 -15.27
N GLY B 301 16.98 -39.00 -15.19
CA GLY B 301 15.82 -39.73 -15.66
C GLY B 301 15.94 -39.93 -17.16
N ALA B 302 14.83 -39.78 -17.88
CA ALA B 302 14.91 -39.81 -19.33
C ALA B 302 15.36 -38.45 -19.85
N VAL B 303 15.91 -38.44 -21.05
CA VAL B 303 16.47 -37.23 -21.63
C VAL B 303 15.95 -37.03 -23.05
N ALA B 304 15.93 -35.77 -23.47
CA ALA B 304 15.45 -35.40 -24.80
C ALA B 304 16.44 -35.78 -25.90
N LEU B 305 17.73 -35.92 -25.57
CA LEU B 305 18.76 -36.19 -26.58
C LEU B 305 18.69 -37.66 -26.96
N LYS B 306 18.28 -37.93 -28.21
CA LYS B 306 18.08 -39.30 -28.68
C LYS B 306 19.28 -40.19 -28.41
N SER B 307 20.48 -39.71 -28.76
CA SER B 307 21.65 -40.59 -28.74
C SER B 307 21.97 -41.07 -27.33
N TYR B 308 21.77 -40.22 -26.33
CA TYR B 308 22.00 -40.63 -24.95
C TYR B 308 20.79 -41.35 -24.34
N GLU B 309 19.59 -40.99 -24.76
CA GLU B 309 18.40 -41.69 -24.28
C GLU B 309 18.46 -43.16 -24.65
N GLU B 310 18.91 -43.47 -25.87
CA GLU B 310 19.08 -44.86 -26.27
C GLU B 310 20.00 -45.60 -25.30
N GLU B 311 21.00 -44.91 -24.75
CA GLU B 311 21.88 -45.54 -23.78
C GLU B 311 21.21 -45.68 -22.41
N LEU B 312 20.52 -44.63 -21.95
CA LEU B 312 19.89 -44.70 -20.64
C LEU B 312 18.70 -45.64 -20.62
N ALA B 313 18.02 -45.81 -21.76
CA ALA B 313 16.85 -46.67 -21.82
C ALA B 313 17.19 -48.15 -21.71
N LYS B 314 18.48 -48.51 -21.60
CA LYS B 314 18.82 -49.88 -21.21
C LYS B 314 18.29 -50.19 -19.82
N ASP B 315 18.17 -49.18 -18.96
CA ASP B 315 17.41 -49.29 -17.72
C ASP B 315 15.93 -49.28 -18.07
N PRO B 316 15.19 -50.35 -17.80
CA PRO B 316 13.76 -50.40 -18.20
C PRO B 316 12.88 -49.38 -17.48
N ARG B 317 13.30 -48.86 -16.33
CA ARG B 317 12.52 -47.84 -15.65
C ARG B 317 12.56 -46.52 -16.41
N ILE B 318 13.70 -46.21 -17.03
CA ILE B 318 13.81 -45.03 -17.87
C ILE B 318 13.14 -45.26 -19.22
N ALA B 319 13.20 -46.50 -19.72
CA ALA B 319 12.48 -46.83 -20.95
C ALA B 319 10.98 -46.64 -20.77
N ALA B 320 10.44 -47.06 -19.62
CA ALA B 320 9.02 -46.90 -19.38
C ALA B 320 8.65 -45.44 -19.20
N THR B 321 9.53 -44.66 -18.58
CA THR B 321 9.27 -43.24 -18.39
C THR B 321 9.17 -42.50 -19.72
N MET B 322 10.08 -42.79 -20.65
CA MET B 322 10.02 -42.15 -21.96
C MET B 322 8.81 -42.65 -22.75
N GLU B 323 8.48 -43.94 -22.62
CA GLU B 323 7.32 -44.47 -23.35
C GLU B 323 6.04 -43.80 -22.88
N ASN B 324 5.89 -43.64 -21.55
CA ASN B 324 4.69 -42.99 -21.03
C ASN B 324 4.68 -41.51 -21.42
N ALA B 325 5.84 -40.88 -21.46
CA ALA B 325 5.92 -39.47 -21.85
C ALA B 325 5.56 -39.29 -23.32
N GLN B 326 6.07 -40.16 -24.19
CA GLN B 326 5.74 -40.09 -25.61
C GLN B 326 4.24 -40.25 -25.86
N LYS B 327 3.56 -41.01 -25.01
CA LYS B 327 2.12 -41.22 -25.12
C LYS B 327 1.31 -40.18 -24.34
N GLY B 328 1.98 -39.30 -23.60
CA GLY B 328 1.30 -38.41 -22.68
C GLY B 328 0.95 -37.07 -23.30
N GLU B 329 0.55 -36.16 -22.42
CA GLU B 329 0.20 -34.79 -22.77
C GLU B 329 1.28 -33.88 -22.20
N ILE B 330 1.92 -33.08 -23.07
CA ILE B 330 2.81 -32.05 -22.58
C ILE B 330 2.04 -31.16 -21.63
N MET B 331 2.60 -30.87 -20.47
CA MET B 331 1.92 -29.97 -19.56
C MET B 331 1.89 -28.58 -20.18
N PRO B 332 0.72 -28.00 -20.39
CA PRO B 332 0.65 -26.65 -20.98
C PRO B 332 1.41 -25.65 -20.13
N ASN B 333 2.21 -24.82 -20.80
CA ASN B 333 3.09 -23.86 -20.12
C ASN B 333 2.44 -22.49 -19.94
N ILE B 334 1.11 -22.43 -19.85
CA ILE B 334 0.43 -21.13 -19.83
C ILE B 334 -0.15 -20.87 -18.45
N PRO B 335 -0.32 -19.61 -18.05
CA PRO B 335 -0.85 -19.32 -16.70
C PRO B 335 -2.30 -19.75 -16.51
N GLN B 336 -3.04 -20.01 -17.60
CA GLN B 336 -4.42 -20.46 -17.46
C GLN B 336 -4.52 -21.83 -16.82
N MET B 337 -3.41 -22.56 -16.70
CA MET B 337 -3.43 -23.87 -16.06
C MET B 337 -3.78 -23.79 -14.58
N SER B 338 -3.65 -22.62 -13.95
CA SER B 338 -4.04 -22.49 -12.56
C SER B 338 -5.53 -22.74 -12.38
N ALA B 339 -6.36 -22.16 -13.25
CA ALA B 339 -7.80 -22.41 -13.17
C ALA B 339 -8.13 -23.84 -13.58
N PHE B 340 -7.35 -24.43 -14.48
CA PHE B 340 -7.56 -25.84 -14.82
C PHE B 340 -7.33 -26.73 -13.61
N TRP B 341 -6.21 -26.53 -12.91
CA TRP B 341 -5.86 -27.41 -11.79
C TRP B 341 -6.93 -27.37 -10.70
N TYR B 342 -7.36 -26.16 -10.32
CA TYR B 342 -8.36 -26.07 -9.25
C TYR B 342 -9.72 -26.60 -9.69
N ALA B 343 -10.11 -26.31 -10.93
CA ALA B 343 -11.37 -26.82 -11.44
C ALA B 343 -11.38 -28.33 -11.45
N VAL B 344 -10.32 -28.95 -11.97
CA VAL B 344 -10.28 -30.40 -12.06
C VAL B 344 -10.08 -31.04 -10.70
N ARG B 345 -9.31 -30.40 -9.80
CA ARG B 345 -9.14 -30.95 -8.47
C ARG B 345 -10.48 -31.02 -7.73
N THR B 346 -11.27 -29.95 -7.81
CA THR B 346 -12.57 -29.95 -7.16
C THR B 346 -13.50 -30.99 -7.77
N ALA B 347 -13.48 -31.13 -9.09
CA ALA B 347 -14.33 -32.10 -9.76
C ALA B 347 -14.04 -33.52 -9.27
N VAL B 348 -12.76 -33.90 -9.29
CA VAL B 348 -12.39 -35.28 -8.96
C VAL B 348 -12.77 -35.60 -7.52
N ILE B 349 -12.43 -34.71 -6.57
CA ILE B 349 -12.76 -34.94 -5.18
C ILE B 349 -14.27 -35.01 -4.98
N ASN B 350 -15.01 -34.11 -5.65
CA ASN B 350 -16.46 -34.10 -5.50
C ASN B 350 -17.08 -35.37 -6.05
N ALA B 351 -16.63 -35.82 -7.23
CA ALA B 351 -17.22 -37.01 -7.84
C ALA B 351 -16.78 -38.27 -7.09
N ALA B 352 -15.53 -38.33 -6.63
CA ALA B 352 -15.03 -39.51 -5.95
C ALA B 352 -15.70 -39.69 -4.59
N SER B 353 -15.98 -38.59 -3.89
CA SER B 353 -16.65 -38.65 -2.60
C SER B 353 -18.17 -38.70 -2.71
N GLY B 354 -18.72 -38.73 -3.92
CA GLY B 354 -20.15 -38.78 -4.11
C GLY B 354 -20.87 -37.45 -3.96
N ARG B 355 -20.15 -36.36 -3.70
CA ARG B 355 -20.77 -35.05 -3.56
C ARG B 355 -21.50 -34.62 -4.83
N GLN B 356 -21.10 -35.16 -5.98
CA GLN B 356 -21.72 -34.83 -7.26
C GLN B 356 -21.67 -36.04 -8.17
N THR B 357 -22.46 -35.99 -9.24
CA THR B 357 -22.30 -36.93 -10.33
C THR B 357 -21.06 -36.57 -11.15
N VAL B 358 -20.58 -37.55 -11.92
CA VAL B 358 -19.46 -37.30 -12.81
C VAL B 358 -19.79 -36.17 -13.77
N ASP B 359 -21.02 -36.18 -14.31
CA ASP B 359 -21.41 -35.18 -15.29
C ASP B 359 -21.49 -33.78 -14.68
N ALA B 360 -22.15 -33.65 -13.52
CA ALA B 360 -22.23 -32.35 -12.87
C ALA B 360 -20.86 -31.86 -12.45
N ALA B 361 -20.01 -32.76 -11.96
CA ALA B 361 -18.68 -32.37 -11.48
C ALA B 361 -17.81 -31.86 -12.61
N LEU B 362 -17.90 -32.48 -13.79
CA LEU B 362 -17.04 -32.07 -14.89
C LEU B 362 -17.62 -30.88 -15.64
N ALA B 363 -18.95 -30.82 -15.78
CA ALA B 363 -19.59 -29.64 -16.34
C ALA B 363 -19.20 -28.39 -15.58
N ALA B 364 -19.29 -28.43 -14.26
CA ALA B 364 -18.85 -27.31 -13.43
C ALA B 364 -17.36 -27.04 -13.62
N ALA B 365 -16.56 -28.11 -13.73
CA ALA B 365 -15.13 -27.94 -13.92
C ALA B 365 -14.83 -27.27 -15.26
N GLN B 366 -15.52 -27.68 -16.32
CA GLN B 366 -15.35 -27.06 -17.63
C GLN B 366 -15.64 -25.56 -17.57
N THR B 367 -16.73 -25.20 -16.90
CA THR B 367 -17.06 -23.78 -16.70
C THR B 367 -15.95 -23.06 -15.95
N ASN B 368 -15.54 -23.61 -14.81
CA ASN B 368 -14.55 -22.94 -13.96
C ASN B 368 -13.22 -22.74 -14.69
N ALA B 369 -12.91 -23.58 -15.66
CA ALA B 369 -11.63 -23.49 -16.35
C ALA B 369 -11.70 -22.59 -17.59
N ALA B 370 -12.83 -22.58 -18.32
CA ALA B 370 -12.87 -21.97 -19.63
C ALA B 370 -13.80 -20.77 -19.76
N ALA B 371 -14.80 -20.63 -18.87
CA ALA B 371 -15.89 -19.67 -19.12
C ALA B 371 -15.38 -18.23 -19.19
N LYS B 372 -14.53 -17.84 -18.24
CA LYS B 372 -14.01 -16.48 -18.24
C LYS B 372 -13.27 -16.18 -19.54
N ASN B 373 -12.42 -17.10 -19.97
CA ASN B 373 -11.65 -16.89 -21.20
C ASN B 373 -12.55 -16.87 -22.43
N ILE B 374 -13.61 -17.67 -22.41
CA ILE B 374 -14.55 -17.68 -23.52
C ILE B 374 -15.29 -16.34 -23.60
N GLU B 375 -15.75 -15.83 -22.46
CA GLU B 375 -16.48 -14.57 -22.47
C GLU B 375 -15.58 -13.40 -22.83
N LYS B 376 -14.36 -13.37 -22.29
CA LYS B 376 -13.40 -12.32 -22.64
C LYS B 376 -13.23 -12.23 -24.16
N ALA B 377 -13.09 -13.38 -24.80
CA ALA B 377 -12.99 -13.41 -26.26
C ALA B 377 -14.26 -12.85 -26.90
N LYS B 378 -15.43 -13.24 -26.38
CA LYS B 378 -16.68 -12.75 -26.95
C LYS B 378 -16.81 -11.24 -26.81
N ILE B 379 -16.47 -10.70 -25.63
CA ILE B 379 -16.56 -9.25 -25.44
C ILE B 379 -15.64 -8.53 -26.40
N ALA B 380 -14.40 -9.02 -26.54
CA ALA B 380 -13.43 -8.38 -27.41
C ALA B 380 -13.89 -8.38 -28.85
N LYS B 381 -14.51 -9.47 -29.31
CA LYS B 381 -15.01 -9.51 -30.68
C LYS B 381 -16.25 -8.63 -30.85
N LEU B 382 -17.09 -8.54 -29.82
CA LEU B 382 -18.19 -7.57 -29.85
C LEU B 382 -17.65 -6.15 -29.96
N GLU B 383 -16.59 -5.85 -29.22
CA GLU B 383 -15.99 -4.52 -29.30
C GLU B 383 -15.28 -4.32 -30.64
N ALA B 384 -14.78 -5.40 -31.24
CA ALA B 384 -14.20 -5.29 -32.57
C ALA B 384 -15.27 -4.94 -33.61
N ASP B 385 -16.47 -5.48 -33.46
CA ASP B 385 -17.57 -5.13 -34.35
C ASP B 385 -17.98 -3.67 -34.19
N ILE B 386 -18.09 -3.22 -32.94
CA ILE B 386 -18.44 -1.82 -32.66
C ILE B 386 -17.42 -0.88 -33.29
N SER B 387 -16.13 -1.17 -33.06
CA SER B 387 -15.07 -0.35 -33.65
C SER B 387 -15.07 -0.46 -35.17
N ALA B 388 -15.49 -1.61 -35.71
CA ALA B 388 -15.56 -1.76 -37.16
C ALA B 388 -16.73 -0.97 -37.74
N ILE B 389 -17.86 -0.94 -37.04
CA ILE B 389 -19.01 -0.19 -37.51
C ILE B 389 -18.75 1.31 -37.44
N LYS B 390 -18.08 1.75 -36.37
CA LYS B 390 -17.72 3.16 -36.24
C LYS B 390 -16.73 3.56 -37.31
N SER B 391 -15.82 2.66 -37.69
CA SER B 391 -14.85 2.96 -38.74
C SER B 391 -15.54 3.19 -40.08
N ALA B 392 -16.51 2.34 -40.41
CA ALA B 392 -17.18 2.46 -41.70
C ALA B 392 -18.04 3.73 -41.77
N SER B 393 -18.72 4.06 -40.68
CA SER B 393 -19.51 5.30 -40.67
C SER B 393 -18.61 6.52 -40.79
N LEU B 394 -17.42 6.47 -40.21
CA LEU B 394 -16.47 7.57 -40.37
C LEU B 394 -15.98 7.66 -41.81
N SER B 395 -15.70 6.52 -42.44
CA SER B 395 -15.28 6.52 -43.84
C SER B 395 -16.36 7.09 -44.74
N TYR B 396 -17.64 6.92 -44.37
CA TYR B 396 -18.72 7.50 -45.15
C TYR B 396 -18.72 9.01 -45.05
N TYR B 397 -18.49 9.56 -43.85
CA TYR B 397 -18.45 11.00 -43.67
C TYR B 397 -17.34 11.62 -44.54
N ALA B 398 -16.23 10.89 -44.70
CA ALA B 398 -15.12 11.42 -45.48
C ALA B 398 -15.55 11.76 -46.90
N ASP B 399 -16.38 10.91 -47.50
CA ASP B 399 -16.80 11.10 -48.88
C ASP B 399 -18.19 11.68 -49.02
N GLU B 400 -19.10 11.41 -48.07
CA GLU B 400 -20.48 11.84 -48.18
C GLU B 400 -20.90 12.86 -47.12
N SER B 401 -19.99 13.27 -46.24
CA SER B 401 -20.26 14.25 -45.19
C SER B 401 -21.38 13.84 -44.24
N LYS B 402 -21.83 12.59 -44.31
CA LYS B 402 -22.78 12.01 -43.37
C LYS B 402 -22.29 10.62 -42.99
N TYR B 403 -22.88 10.06 -41.93
CA TYR B 403 -22.34 8.82 -41.37
C TYR B 403 -23.01 7.58 -41.92
N THR B 404 -24.26 7.65 -42.37
CA THR B 404 -24.94 6.47 -42.89
C THR B 404 -25.68 6.81 -44.19
N ASP B 405 -25.65 5.87 -45.12
CA ASP B 405 -26.50 5.93 -46.30
C ASP B 405 -27.95 5.97 -45.84
N GLY B 406 -28.63 7.06 -46.18
CA GLY B 406 -29.99 7.23 -45.72
C GLY B 406 -30.04 7.28 -44.20
N GLY B 407 -30.84 6.39 -43.62
CA GLY B 407 -30.94 6.30 -42.18
C GLY B 407 -30.40 5.01 -41.61
N MET B 408 -31.24 4.26 -40.91
CA MET B 408 -30.78 3.18 -40.05
C MET B 408 -30.30 1.98 -40.87
N ILE B 409 -29.49 1.15 -40.21
CA ILE B 409 -28.94 -0.07 -40.79
C ILE B 409 -28.99 -1.16 -39.73
N SER B 410 -29.33 -2.38 -40.14
CA SER B 410 -29.56 -3.48 -39.20
C SER B 410 -28.75 -4.71 -39.61
N TRP B 411 -28.04 -5.29 -38.65
CA TRP B 411 -27.40 -6.60 -38.80
C TRP B 411 -28.13 -7.60 -37.91
N VAL B 412 -28.54 -8.73 -38.50
CA VAL B 412 -29.25 -9.77 -37.77
C VAL B 412 -28.66 -11.13 -38.16
N LYS B 413 -28.68 -12.07 -37.21
CA LYS B 413 -28.14 -13.41 -37.41
C LYS B 413 -29.28 -14.40 -37.57
N LYS B 414 -29.12 -15.36 -38.49
CA LYS B 414 -30.18 -16.28 -38.89
C LYS B 414 -29.89 -17.70 -38.44
N ASP B 415 -28.96 -18.39 -39.08
CA ASP B 415 -28.53 -19.73 -38.66
C ASP B 415 -27.02 -19.72 -38.45
N GLY B 416 -26.30 -19.21 -39.44
CA GLY B 416 -24.88 -19.01 -39.36
C GLY B 416 -24.48 -17.92 -40.34
N LYS B 417 -25.45 -17.05 -40.65
CA LYS B 417 -25.28 -16.00 -41.63
C LYS B 417 -25.86 -14.70 -41.09
N ILE B 418 -25.38 -13.58 -41.65
CA ILE B 418 -25.83 -12.25 -41.27
C ILE B 418 -26.60 -11.65 -42.44
N ILE B 419 -27.75 -11.07 -42.14
CA ILE B 419 -28.52 -10.30 -43.11
C ILE B 419 -28.43 -8.83 -42.72
N ILE B 420 -28.29 -7.96 -43.71
CA ILE B 420 -28.05 -6.53 -43.48
C ILE B 420 -29.14 -5.76 -44.22
N ASN B 421 -30.21 -5.43 -43.51
CA ASN B 421 -31.21 -4.52 -44.05
C ASN B 421 -30.64 -3.10 -44.03
N GLY B 422 -30.96 -2.35 -45.08
CA GLY B 422 -30.29 -1.08 -45.31
C GLY B 422 -28.96 -1.30 -45.98
N GLY B 423 -27.87 -0.93 -45.31
CA GLY B 423 -26.54 -1.23 -45.80
C GLY B 423 -26.05 -0.20 -46.81
N PHE B 424 -24.73 -0.16 -46.94
CA PHE B 424 -24.09 0.77 -47.86
C PHE B 424 -24.30 0.33 -49.31
N LYS B 425 -24.51 1.30 -50.20
CA LYS B 425 -24.96 1.05 -51.57
C LYS B 425 -23.85 1.32 -52.58
N ASP B 426 -23.50 0.30 -53.37
CA ASP B 426 -22.35 0.28 -54.28
C ASP B 426 -21.04 0.25 -53.50
N ASP B 427 -21.00 -0.59 -52.46
CA ASP B 427 -19.90 -0.73 -51.50
C ASP B 427 -19.22 0.61 -51.17
N PRO B 428 -19.97 1.59 -50.67
CA PRO B 428 -19.34 2.85 -50.25
C PRO B 428 -18.87 2.76 -48.80
N LEU B 429 -17.56 2.59 -48.62
CA LEU B 429 -16.99 2.42 -47.29
C LEU B 429 -17.68 1.29 -46.55
N ALA B 430 -17.70 0.12 -47.21
CA ALA B 430 -18.37 -1.05 -46.67
C ALA B 430 -17.50 -2.29 -46.90
N ASP B 431 -18.12 -3.42 -47.22
CA ASP B 431 -17.47 -4.72 -47.33
C ASP B 431 -16.63 -5.05 -46.10
N LYS B 432 -16.77 -4.26 -45.04
CA LYS B 432 -16.21 -4.48 -43.72
C LYS B 432 -17.29 -4.69 -42.67
N ILE B 433 -18.46 -4.07 -42.85
CA ILE B 433 -19.63 -4.28 -42.01
C ILE B 433 -20.24 -5.64 -42.31
N GLU B 434 -19.71 -6.32 -43.31
CA GLU B 434 -20.12 -7.69 -43.63
C GLU B 434 -19.15 -8.73 -43.10
N ASN B 435 -18.08 -8.30 -42.43
CA ASN B 435 -17.10 -9.18 -41.80
C ASN B 435 -17.21 -9.16 -40.29
N LEU B 436 -18.41 -8.95 -39.75
CA LEU B 436 -18.60 -8.91 -38.31
C LEU B 436 -18.75 -10.32 -37.77
N GLY B 437 -18.12 -10.58 -36.61
CA GLY B 437 -18.26 -11.88 -35.99
C GLY B 437 -19.61 -12.06 -35.33
N MET B 438 -20.19 -10.97 -34.82
CA MET B 438 -21.41 -10.97 -34.02
C MET B 438 -21.35 -12.08 -32.96
N PRO B 439 -20.42 -11.98 -32.00
CA PRO B 439 -20.17 -13.11 -31.10
C PRO B 439 -21.37 -13.51 -30.26
N TYR B 440 -22.33 -12.61 -30.05
CA TYR B 440 -23.56 -12.94 -29.35
C TYR B 440 -24.76 -13.05 -30.29
N ASN B 441 -24.51 -13.32 -31.58
CA ASN B 441 -25.54 -13.44 -32.61
C ASN B 441 -26.47 -12.25 -32.48
N GLY B 442 -27.79 -12.44 -32.38
CA GLY B 442 -28.67 -11.35 -32.07
C GLY B 442 -28.77 -10.34 -33.21
N SER B 443 -28.98 -9.08 -32.82
CA SER B 443 -29.18 -7.99 -33.77
C SER B 443 -28.35 -6.79 -33.39
N TYR B 444 -27.82 -6.11 -34.40
CA TYR B 444 -27.25 -4.77 -34.27
C TYR B 444 -28.15 -3.78 -35.00
N LEU B 445 -28.18 -2.55 -34.52
CA LEU B 445 -28.93 -1.49 -35.21
C LEU B 445 -28.23 -0.16 -34.98
N LEU B 446 -27.72 0.42 -36.07
CA LEU B 446 -27.12 1.75 -36.03
C LEU B 446 -28.16 2.77 -36.52
N MET B 447 -28.35 3.83 -35.74
CA MET B 447 -29.38 4.84 -35.99
C MET B 447 -28.71 6.21 -35.94
N SER B 448 -28.56 6.87 -37.09
CA SER B 448 -27.82 8.12 -37.12
C SER B 448 -28.00 8.84 -38.45
N SER B 449 -27.34 10.02 -38.55
CA SER B 449 -27.16 10.92 -39.68
C SER B 449 -28.40 11.66 -40.16
N PRO B 450 -29.22 12.26 -39.29
CA PRO B 450 -30.37 13.01 -39.78
C PRO B 450 -30.01 14.43 -40.19
N GLY B 451 -28.85 14.60 -40.83
CA GLY B 451 -28.36 15.92 -41.18
C GLY B 451 -27.35 16.42 -40.17
N HIS B 452 -27.76 16.50 -38.91
CA HIS B 452 -26.84 16.78 -37.83
C HIS B 452 -25.75 15.70 -37.75
N GLU B 453 -24.60 16.08 -37.21
CA GLU B 453 -23.47 15.17 -37.08
C GLU B 453 -23.08 15.00 -35.60
N LYS B 454 -21.91 14.41 -35.39
CA LYS B 454 -21.39 14.07 -34.06
C LYS B 454 -22.38 13.24 -33.24
N TYR B 455 -23.34 12.63 -33.91
CA TYR B 455 -24.33 11.75 -33.30
C TYR B 455 -24.28 10.40 -34.02
N LEU B 456 -24.22 9.32 -33.25
CA LEU B 456 -24.01 8.00 -33.82
C LEU B 456 -24.33 6.96 -32.75
N GLU B 457 -25.48 6.28 -32.87
CA GLU B 457 -26.02 5.44 -31.82
C GLU B 457 -26.20 4.01 -32.31
N LEU B 458 -25.69 3.04 -31.55
CA LEU B 458 -25.73 1.62 -31.90
C LEU B 458 -26.44 0.84 -30.80
N SER B 459 -27.45 0.07 -31.19
CA SER B 459 -28.25 -0.73 -30.25
C SER B 459 -27.98 -2.21 -30.51
N ILE B 460 -27.58 -2.93 -29.46
CA ILE B 460 -27.21 -4.33 -29.56
C ILE B 460 -28.19 -5.15 -28.72
N LEU B 461 -28.73 -6.21 -29.32
CA LEU B 461 -29.67 -7.12 -28.66
C LEU B 461 -29.05 -8.51 -28.65
N PRO B 462 -28.16 -8.78 -27.70
CA PRO B 462 -27.46 -10.07 -27.69
C PRO B 462 -28.41 -11.24 -27.47
N GLU B 463 -28.15 -12.34 -28.17
CA GLU B 463 -28.91 -13.59 -28.03
C GLU B 463 -28.12 -14.62 -27.24
N GLY B 464 -27.62 -14.20 -26.08
CA GLY B 464 -26.93 -15.09 -25.17
C GLY B 464 -27.03 -14.54 -23.77
N GLU B 465 -26.37 -15.21 -22.84
CA GLU B 465 -26.22 -14.71 -21.49
C GLU B 465 -24.81 -14.15 -21.32
N ILE B 466 -24.72 -12.98 -20.69
CA ILE B 466 -23.46 -12.33 -20.40
C ILE B 466 -23.38 -12.13 -18.90
N SER B 467 -22.20 -12.37 -18.32
CA SER B 467 -22.07 -12.34 -16.88
C SER B 467 -22.10 -10.91 -16.35
N LYS B 468 -22.30 -10.79 -15.04
CA LYS B 468 -22.21 -9.48 -14.39
C LYS B 468 -20.83 -8.88 -14.58
N SER B 469 -19.79 -9.69 -14.44
CA SER B 469 -18.45 -9.23 -14.73
C SER B 469 -18.32 -8.75 -16.18
N GLY B 470 -19.06 -9.39 -17.10
CA GLY B 470 -18.98 -9.02 -18.50
C GLY B 470 -19.69 -7.70 -18.79
N LEU B 471 -20.93 -7.58 -18.34
CA LEU B 471 -21.67 -6.34 -18.53
C LEU B 471 -20.98 -5.18 -17.84
N ASP B 472 -20.36 -5.42 -16.69
CA ASP B 472 -19.63 -4.35 -16.01
C ASP B 472 -18.34 -4.01 -16.74
N LYS B 473 -17.76 -4.96 -17.47
CA LYS B 473 -16.61 -4.67 -18.30
C LYS B 473 -16.97 -3.72 -19.44
N LEU B 474 -18.17 -3.88 -20.01
CA LEU B 474 -18.60 -2.95 -21.03
C LEU B 474 -18.94 -1.58 -20.44
N LYS B 475 -19.51 -1.54 -19.23
CA LYS B 475 -19.80 -0.26 -18.60
C LYS B 475 -18.52 0.51 -18.28
N ASN B 476 -17.46 -0.21 -17.89
CA ASN B 476 -16.18 0.45 -17.62
C ASN B 476 -15.50 0.88 -18.91
N ASP B 477 -15.68 0.13 -20.00
CA ASP B 477 -14.93 0.37 -21.22
C ASP B 477 -15.45 1.54 -22.03
N TYR B 478 -16.73 1.90 -21.87
CA TYR B 478 -17.28 3.05 -22.61
C TYR B 478 -18.03 4.07 -21.74
N GLY B 479 -18.51 3.71 -20.54
CA GLY B 479 -19.07 4.69 -19.62
C GLY B 479 -20.48 5.16 -19.90
N ASN B 480 -20.73 6.47 -19.74
CA ASN B 480 -22.04 7.05 -20.02
C ASN B 480 -22.48 6.84 -21.45
N LEU B 481 -21.58 6.39 -22.32
CA LEU B 481 -21.92 6.05 -23.70
C LEU B 481 -22.75 4.77 -23.81
N ILE B 482 -22.80 3.97 -22.75
CA ILE B 482 -23.57 2.73 -22.77
C ILE B 482 -24.78 2.84 -21.85
N ASP B 483 -25.89 2.28 -22.32
CA ASP B 483 -27.12 2.14 -21.54
C ASP B 483 -27.51 0.66 -21.57
N ILE B 484 -27.20 -0.08 -20.50
CA ILE B 484 -27.56 -1.49 -20.38
C ILE B 484 -28.86 -1.55 -19.58
N THR B 485 -29.99 -1.49 -20.27
CA THR B 485 -31.23 -1.86 -19.61
C THR B 485 -31.45 -3.36 -19.74
N ASN B 486 -32.02 -3.95 -18.70
CA ASN B 486 -32.11 -5.40 -18.58
C ASN B 486 -33.51 -5.80 -18.14
N ASP B 487 -34.52 -5.50 -18.96
CA ASP B 487 -35.80 -6.16 -18.77
C ASP B 487 -35.58 -7.66 -18.87
N GLN B 488 -36.11 -8.41 -17.90
CA GLN B 488 -35.94 -9.86 -17.95
C GLN B 488 -36.46 -10.43 -19.25
N ASN B 489 -37.37 -9.72 -19.93
CA ASN B 489 -37.71 -10.00 -21.31
C ASN B 489 -36.47 -10.24 -22.15
N LYS B 490 -35.62 -9.22 -22.32
CA LYS B 490 -34.40 -9.32 -23.10
C LYS B 490 -33.41 -8.25 -22.64
N ILE B 491 -32.11 -8.53 -22.81
CA ILE B 491 -31.05 -7.59 -22.50
C ILE B 491 -30.68 -6.83 -23.77
N ASN B 492 -30.45 -5.52 -23.65
CA ASN B 492 -30.09 -4.70 -24.79
C ASN B 492 -29.08 -3.65 -24.38
N ILE B 493 -28.10 -3.42 -25.26
CA ILE B 493 -27.02 -2.46 -25.05
C ILE B 493 -27.15 -1.36 -26.08
N VAL B 494 -26.98 -0.12 -25.64
CA VAL B 494 -27.02 1.04 -26.53
C VAL B 494 -25.72 1.82 -26.35
N ILE B 495 -25.04 2.09 -27.45
CA ILE B 495 -23.75 2.77 -27.44
C ILE B 495 -23.83 3.98 -28.37
N LYS B 496 -23.14 5.05 -27.99
CA LYS B 496 -22.98 6.23 -28.84
C LYS B 496 -21.54 6.28 -29.32
N LEU B 497 -21.35 5.97 -30.59
CA LEU B 497 -20.03 6.03 -31.21
C LEU B 497 -19.55 7.48 -31.25
N LYS C 2 -30.55 11.06 49.60
CA LYS C 2 -32.01 10.96 49.69
C LYS C 2 -32.69 11.59 48.47
N ILE C 3 -32.42 11.03 47.29
CA ILE C 3 -33.10 11.48 46.09
C ILE C 3 -34.51 10.90 46.07
N GLU C 4 -35.51 11.76 45.85
CA GLU C 4 -36.91 11.33 45.88
C GLU C 4 -37.25 10.51 44.64
N GLU C 5 -37.85 9.34 44.87
CA GLU C 5 -38.20 8.39 43.81
C GLU C 5 -39.39 8.78 42.95
N GLY C 6 -40.17 9.79 43.30
CA GLY C 6 -41.29 10.02 42.42
C GLY C 6 -41.13 11.08 41.35
N LYS C 7 -39.94 11.67 41.16
CA LYS C 7 -39.80 12.82 40.30
C LYS C 7 -38.40 12.87 39.69
N LEU C 8 -38.19 13.88 38.84
CA LEU C 8 -36.89 14.15 38.21
C LEU C 8 -36.42 15.55 38.59
N VAL C 9 -35.20 15.61 39.16
CA VAL C 9 -34.47 16.86 39.35
C VAL C 9 -33.32 16.91 38.34
N ILE C 10 -33.25 18.01 37.59
CA ILE C 10 -32.26 18.22 36.54
C ILE C 10 -31.45 19.46 36.86
N TRP C 11 -30.13 19.37 36.75
CA TRP C 11 -29.24 20.51 36.86
C TRP C 11 -28.68 20.87 35.48
N ILE C 12 -28.86 22.13 35.08
CA ILE C 12 -28.29 22.66 33.84
C ILE C 12 -27.84 24.08 34.14
N ASN C 13 -26.84 24.55 33.39
CA ASN C 13 -26.25 25.85 33.65
C ASN C 13 -27.19 27.01 33.28
N GLY C 14 -27.04 28.12 34.01
CA GLY C 14 -27.88 29.29 33.84
C GLY C 14 -27.83 29.95 32.47
N ASP C 15 -26.77 29.70 31.70
CA ASP C 15 -26.66 30.29 30.37
C ASP C 15 -27.34 29.45 29.30
N LYS C 16 -27.93 28.31 29.67
CA LYS C 16 -28.64 27.44 28.75
C LYS C 16 -30.14 27.69 28.87
N GLY C 17 -30.89 27.14 27.92
CA GLY C 17 -32.33 27.32 27.89
C GLY C 17 -33.11 26.48 28.90
N TYR C 18 -33.02 26.84 30.18
CA TYR C 18 -33.74 26.08 31.22
C TYR C 18 -35.26 26.23 31.12
N ASN C 19 -35.75 27.39 30.67
CA ASN C 19 -37.19 27.55 30.52
C ASN C 19 -37.73 26.63 29.44
N GLY C 20 -37.03 26.56 28.30
CA GLY C 20 -37.41 25.61 27.27
C GLY C 20 -37.36 24.18 27.77
N LEU C 21 -36.36 23.85 28.58
CA LEU C 21 -36.28 22.50 29.13
C LEU C 21 -37.47 22.22 30.05
N ALA C 22 -37.87 23.20 30.85
CA ALA C 22 -39.06 23.05 31.68
C ALA C 22 -40.33 22.85 30.85
N GLU C 23 -40.38 23.40 29.64
CA GLU C 23 -41.51 23.13 28.75
CA GLU C 23 -41.51 23.12 28.75
C GLU C 23 -41.50 21.67 28.31
N VAL C 24 -40.31 21.11 28.09
CA VAL C 24 -40.20 19.69 27.80
C VAL C 24 -40.63 18.86 29.00
N GLY C 25 -40.26 19.31 30.21
CA GLY C 25 -40.72 18.66 31.43
C GLY C 25 -42.22 18.65 31.57
N LYS C 26 -42.88 19.77 31.24
CA LYS C 26 -44.33 19.83 31.36
C LYS C 26 -44.99 18.81 30.45
N LYS C 27 -44.50 18.67 29.22
CA LYS C 27 -44.98 17.60 28.35
C LYS C 27 -44.75 16.23 28.98
N PHE C 28 -43.57 16.03 29.57
CA PHE C 28 -43.28 14.78 30.26
C PHE C 28 -44.30 14.50 31.36
N GLU C 29 -44.58 15.52 32.18
CA GLU C 29 -45.56 15.37 33.26
C GLU C 29 -46.94 15.04 32.72
N LYS C 30 -47.33 15.65 31.60
CA LYS C 30 -48.63 15.37 30.99
C LYS C 30 -48.77 13.89 30.65
N ASP C 31 -47.74 13.31 30.04
CA ASP C 31 -47.81 11.93 29.55
C ASP C 31 -47.65 10.91 30.66
N THR C 32 -46.98 11.27 31.76
CA THR C 32 -46.60 10.30 32.78
C THR C 32 -47.09 10.63 34.18
N GLY C 33 -47.40 11.89 34.47
CA GLY C 33 -47.75 12.29 35.82
C GLY C 33 -46.57 12.69 36.67
N ILE C 34 -45.34 12.53 36.18
CA ILE C 34 -44.15 12.77 36.97
C ILE C 34 -43.68 14.21 36.76
N LYS C 35 -43.55 14.95 37.85
CA LYS C 35 -43.08 16.33 37.77
C LYS C 35 -41.59 16.39 37.51
N VAL C 36 -41.18 17.39 36.73
CA VAL C 36 -39.78 17.60 36.37
C VAL C 36 -39.36 18.96 36.92
N THR C 37 -38.36 18.95 37.79
CA THR C 37 -37.81 20.18 38.36
C THR C 37 -36.48 20.48 37.68
N VAL C 38 -36.45 21.55 36.90
CA VAL C 38 -35.22 22.04 36.28
C VAL C 38 -34.67 23.15 37.18
N GLU C 39 -33.48 22.94 37.72
CA GLU C 39 -32.78 23.97 38.45
C GLU C 39 -31.51 24.35 37.70
N HIS C 40 -31.08 25.61 37.86
CA HIS C 40 -29.78 26.07 37.36
C HIS C 40 -28.99 26.67 38.51
N PRO C 41 -28.48 25.83 39.43
CA PRO C 41 -27.70 26.35 40.56
C PRO C 41 -26.36 26.90 40.11
N ASP C 42 -25.69 27.56 41.05
CA ASP C 42 -24.39 28.16 40.82
C ASP C 42 -23.28 27.14 41.05
N LYS C 43 -22.25 27.20 40.20
CA LYS C 43 -21.08 26.33 40.29
C LYS C 43 -21.50 24.86 40.36
N LEU C 44 -22.52 24.50 39.59
CA LEU C 44 -23.02 23.13 39.61
C LEU C 44 -21.96 22.13 39.16
N GLU C 45 -20.90 22.58 38.47
CA GLU C 45 -19.88 21.66 38.02
CA GLU C 45 -19.88 21.66 38.02
C GLU C 45 -19.10 21.07 39.19
N GLU C 46 -18.92 21.81 40.27
CA GLU C 46 -18.25 21.29 41.46
C GLU C 46 -19.22 20.90 42.57
N LYS C 47 -20.46 21.40 42.52
CA LYS C 47 -21.44 20.99 43.52
C LYS C 47 -21.93 19.56 43.28
N PHE C 48 -22.07 19.16 42.00
CA PHE C 48 -22.49 17.79 41.71
C PHE C 48 -21.56 16.75 42.34
N PRO C 49 -20.24 16.76 42.10
CA PRO C 49 -19.40 15.71 42.72
C PRO C 49 -19.47 15.72 44.23
N GLN C 50 -19.82 16.85 44.84
CA GLN C 50 -20.00 16.91 46.29
C GLN C 50 -21.29 16.24 46.71
N VAL C 51 -22.43 16.73 46.19
CA VAL C 51 -23.73 16.22 46.61
C VAL C 51 -23.95 14.80 46.10
N ALA C 52 -23.41 14.46 44.93
CA ALA C 52 -23.65 13.12 44.37
C ALA C 52 -22.91 12.04 45.15
N ALA C 53 -21.75 12.36 45.71
CA ALA C 53 -20.99 11.36 46.45
C ALA C 53 -21.75 10.90 47.69
N THR C 54 -22.46 11.82 48.34
CA THR C 54 -23.33 11.48 49.46
C THR C 54 -24.65 10.85 49.01
N GLY C 55 -24.85 10.68 47.71
CA GLY C 55 -26.06 10.07 47.20
C GLY C 55 -27.25 11.00 47.13
N ASP C 56 -27.01 12.29 46.89
CA ASP C 56 -28.04 13.30 47.11
C ASP C 56 -28.15 14.32 45.98
N GLY C 57 -27.53 14.09 44.84
CA GLY C 57 -27.54 15.07 43.78
C GLY C 57 -28.84 15.09 42.99
N PRO C 58 -28.79 15.66 41.79
CA PRO C 58 -29.95 15.62 40.90
C PRO C 58 -30.02 14.27 40.22
N ASP C 59 -31.14 14.04 39.53
CA ASP C 59 -31.23 12.83 38.71
C ASP C 59 -30.39 12.95 37.44
N ILE C 60 -30.40 14.13 36.82
CA ILE C 60 -29.74 14.37 35.55
C ILE C 60 -28.85 15.59 35.69
N ILE C 61 -27.61 15.49 35.22
CA ILE C 61 -26.67 16.60 35.25
C ILE C 61 -26.28 16.93 33.81
N PHE C 62 -26.46 18.19 33.42
CA PHE C 62 -26.02 18.69 32.11
C PHE C 62 -24.70 19.42 32.30
N TRP C 63 -23.68 19.01 31.55
CA TRP C 63 -22.40 19.70 31.59
C TRP C 63 -21.56 19.25 30.41
N ALA C 64 -20.52 20.04 30.12
CA ALA C 64 -19.55 19.68 29.10
C ALA C 64 -18.93 18.32 29.37
N HIS C 65 -18.78 17.52 28.31
CA HIS C 65 -18.43 16.11 28.44
C HIS C 65 -17.10 15.88 29.14
N ASP C 66 -16.17 16.85 29.06
CA ASP C 66 -14.80 16.55 29.47
C ASP C 66 -14.70 16.30 30.98
N ARG C 67 -15.62 16.86 31.77
CA ARG C 67 -15.66 16.59 33.20
C ARG C 67 -16.22 15.22 33.52
N PHE C 68 -17.01 14.63 32.60
CA PHE C 68 -17.77 13.43 32.93
C PHE C 68 -16.88 12.21 33.14
N GLY C 69 -15.75 12.12 32.45
CA GLY C 69 -14.82 11.04 32.69
C GLY C 69 -14.34 11.03 34.14
N GLY C 70 -14.08 12.20 34.69
CA GLY C 70 -13.74 12.31 36.09
C GLY C 70 -14.85 11.81 36.97
N TYR C 71 -16.06 12.35 36.78
CA TYR C 71 -17.24 11.87 37.50
C TYR C 71 -17.36 10.36 37.46
N ALA C 72 -17.13 9.76 36.29
CA ALA C 72 -17.28 8.31 36.15
C ALA C 72 -16.25 7.56 36.98
N GLN C 73 -15.01 8.07 37.02
CA GLN C 73 -13.98 7.44 37.86
C GLN C 73 -14.38 7.46 39.32
N SER C 74 -15.08 8.51 39.76
CA SER C 74 -15.61 8.59 41.11
C SER C 74 -16.92 7.83 41.27
N GLY C 75 -17.32 7.06 40.26
CA GLY C 75 -18.56 6.28 40.31
C GLY C 75 -19.82 7.10 40.53
N LEU C 76 -19.85 8.33 40.03
CA LEU C 76 -21.01 9.20 40.23
C LEU C 76 -22.02 9.12 39.07
N LEU C 77 -21.73 8.36 38.02
CA LEU C 77 -22.56 8.35 36.83
C LEU C 77 -22.99 6.94 36.49
N ALA C 78 -24.27 6.79 36.16
CA ALA C 78 -24.77 5.49 35.74
C ALA C 78 -24.40 5.24 34.28
N GLU C 79 -24.22 3.96 33.95
CA GLU C 79 -24.07 3.59 32.56
C GLU C 79 -25.42 3.72 31.86
N ILE C 80 -25.45 4.39 30.71
CA ILE C 80 -26.70 4.62 30.00
C ILE C 80 -26.91 3.48 29.03
N THR C 81 -28.18 3.20 28.71
CA THR C 81 -28.53 1.98 27.97
C THR C 81 -29.36 2.27 26.71
N PRO C 82 -28.88 3.16 25.83
CA PRO C 82 -29.66 3.46 24.62
C PRO C 82 -29.59 2.30 23.64
N ALA C 83 -30.74 1.98 23.05
CA ALA C 83 -30.79 1.00 21.99
C ALA C 83 -30.05 1.51 20.76
N ALA C 84 -29.68 0.55 19.90
CA ALA C 84 -29.02 0.90 18.64
C ALA C 84 -29.88 1.87 17.83
N ALA C 85 -31.20 1.69 17.85
CA ALA C 85 -32.08 2.58 17.09
C ALA C 85 -31.97 4.02 17.56
N PHE C 86 -31.82 4.23 18.87
CA PHE C 86 -31.66 5.60 19.34
C PHE C 86 -30.27 6.15 19.07
N GLN C 87 -29.23 5.31 19.19
CA GLN C 87 -27.87 5.79 18.92
C GLN C 87 -27.75 6.32 17.50
N ASP C 88 -28.45 5.70 16.54
CA ASP C 88 -28.35 6.15 15.16
C ASP C 88 -28.98 7.51 14.93
N LYS C 89 -29.74 8.04 15.89
CA LYS C 89 -30.30 9.38 15.74
C LYS C 89 -29.27 10.47 16.01
N LEU C 90 -28.15 10.12 16.64
CA LEU C 90 -27.09 11.07 16.94
C LEU C 90 -25.86 10.77 16.09
N TYR C 91 -25.13 11.83 15.74
CA TYR C 91 -23.90 11.68 14.98
C TYR C 91 -22.94 10.74 15.71
N PRO C 92 -22.37 9.76 15.01
CA PRO C 92 -21.47 8.81 15.68
C PRO C 92 -20.36 9.43 16.51
N PHE C 93 -19.70 10.49 16.03
CA PHE C 93 -18.56 11.02 16.76
C PHE C 93 -18.96 11.63 18.11
N THR C 94 -20.22 12.02 18.28
CA THR C 94 -20.64 12.55 19.58
C THR C 94 -20.70 11.46 20.65
N TRP C 95 -20.99 10.21 20.25
CA TRP C 95 -21.00 9.13 21.22
C TRP C 95 -19.60 8.87 21.76
N ASP C 96 -18.57 9.20 20.99
CA ASP C 96 -17.19 8.99 21.43
C ASP C 96 -16.80 9.94 22.55
N ALA C 97 -17.49 11.07 22.69
CA ALA C 97 -17.19 12.03 23.74
C ALA C 97 -17.75 11.63 25.10
N VAL C 98 -18.63 10.63 25.16
CA VAL C 98 -19.27 10.25 26.41
C VAL C 98 -18.96 8.80 26.77
N ARG C 99 -17.75 8.36 26.46
CA ARG C 99 -17.29 7.03 26.82
C ARG C 99 -16.25 7.12 27.92
N TYR C 100 -16.43 6.33 28.98
CA TYR C 100 -15.34 6.01 29.89
C TYR C 100 -15.27 4.50 30.02
N ASN C 101 -14.04 3.97 30.12
CA ASN C 101 -13.79 2.55 29.83
C ASN C 101 -14.36 2.32 28.43
N GLY C 102 -15.18 1.29 28.23
CA GLY C 102 -15.90 1.15 26.98
C GLY C 102 -17.37 1.40 27.21
N LYS C 103 -17.70 2.25 28.18
CA LYS C 103 -19.08 2.44 28.60
C LYS C 103 -19.55 3.84 28.26
N LEU C 104 -20.75 3.91 27.69
CA LEU C 104 -21.46 5.17 27.52
C LEU C 104 -21.89 5.67 28.90
N ILE C 105 -21.55 6.92 29.21
CA ILE C 105 -21.85 7.45 30.53
C ILE C 105 -22.64 8.76 30.47
N ALA C 106 -23.14 9.14 29.30
CA ALA C 106 -23.98 10.33 29.16
C ALA C 106 -24.53 10.41 27.75
N TYR C 107 -25.59 11.24 27.58
CA TYR C 107 -26.20 11.52 26.28
C TYR C 107 -25.62 12.81 25.71
N PRO C 108 -25.13 12.80 24.47
CA PRO C 108 -24.69 14.05 23.85
C PRO C 108 -25.87 14.94 23.51
N ILE C 109 -25.74 16.22 23.81
CA ILE C 109 -26.79 17.22 23.56
C ILE C 109 -26.35 18.23 22.48
N ALA C 110 -25.27 18.97 22.73
CA ALA C 110 -24.82 20.03 21.83
C ALA C 110 -23.34 19.85 21.51
N VAL C 111 -22.90 20.47 20.42
CA VAL C 111 -21.54 20.28 19.90
C VAL C 111 -20.91 21.64 19.68
N GLU C 112 -19.69 21.83 20.17
CA GLU C 112 -19.06 23.14 20.11
C GLU C 112 -17.62 23.04 19.64
N ALA C 113 -17.21 23.98 18.77
CA ALA C 113 -15.84 24.05 18.29
C ALA C 113 -15.56 25.46 17.75
N LEU C 114 -14.27 25.81 17.76
CA LEU C 114 -13.83 27.06 17.15
C LEU C 114 -14.13 27.07 15.66
N SER C 115 -14.40 28.27 15.13
CA SER C 115 -14.50 28.50 13.70
C SER C 115 -13.69 29.74 13.31
N LEU C 116 -13.51 29.95 12.01
CA LEU C 116 -12.93 31.18 11.47
C LEU C 116 -14.03 32.23 11.29
N ILE C 117 -13.90 33.35 12.00
CA ILE C 117 -14.84 34.46 11.88
C ILE C 117 -14.19 35.57 11.07
N TYR C 118 -14.86 36.01 10.00
CA TYR C 118 -14.25 36.97 9.09
C TYR C 118 -15.22 38.09 8.76
N ASN C 119 -14.64 39.26 8.47
CA ASN C 119 -15.36 40.47 8.13
C ASN C 119 -15.63 40.46 6.62
N LYS C 120 -16.90 40.34 6.24
CA LYS C 120 -17.25 40.22 4.83
C LYS C 120 -16.92 41.46 4.02
N ASP C 121 -16.88 42.63 4.65
CA ASP C 121 -16.54 43.84 3.89
C ASP C 121 -15.06 43.92 3.59
N LEU C 122 -14.21 43.60 4.57
CA LEU C 122 -12.77 43.61 4.33
C LEU C 122 -12.35 42.42 3.49
N LEU C 123 -13.11 41.35 3.54
CA LEU C 123 -12.65 40.07 3.04
C LEU C 123 -13.85 39.21 2.68
N PRO C 124 -14.46 39.46 1.51
CA PRO C 124 -15.65 38.67 1.12
C PRO C 124 -15.33 37.21 0.83
N ASN C 125 -14.08 36.89 0.48
CA ASN C 125 -13.64 35.51 0.26
C ASN C 125 -12.55 35.17 1.26
N PRO C 126 -12.88 34.49 2.36
CA PRO C 126 -11.85 34.20 3.37
C PRO C 126 -10.85 33.19 2.84
N PRO C 127 -9.61 33.21 3.33
CA PRO C 127 -8.60 32.27 2.85
C PRO C 127 -8.91 30.84 3.26
N LYS C 128 -8.63 29.90 2.34
CA LYS C 128 -8.79 28.49 2.64
C LYS C 128 -7.60 27.88 3.36
N THR C 129 -6.41 28.49 3.27
CA THR C 129 -5.19 27.92 3.81
C THR C 129 -4.54 28.87 4.80
N TRP C 130 -3.84 28.30 5.80
CA TRP C 130 -2.99 29.11 6.67
C TRP C 130 -1.85 29.74 5.88
N GLU C 131 -1.32 29.03 4.88
CA GLU C 131 -0.11 29.47 4.18
C GLU C 131 -0.30 30.79 3.45
N GLU C 132 -1.51 31.09 3.00
CA GLU C 132 -1.76 32.31 2.26
C GLU C 132 -2.05 33.53 3.14
N ILE C 133 -2.13 33.36 4.45
CA ILE C 133 -2.44 34.46 5.35
C ILE C 133 -1.30 35.49 5.41
N PRO C 134 -0.02 35.10 5.41
CA PRO C 134 1.04 36.13 5.34
C PRO C 134 0.88 37.11 4.19
N ALA C 135 0.69 36.63 2.97
CA ALA C 135 0.52 37.55 1.84
C ALA C 135 -0.75 38.38 2.00
N LEU C 136 -1.80 37.77 2.55
CA LEU C 136 -3.05 38.49 2.78
C LEU C 136 -2.86 39.59 3.81
N ASP C 137 -2.07 39.32 4.86
CA ASP C 137 -1.78 40.33 5.87
C ASP C 137 -0.98 41.50 5.30
N LYS C 138 -0.06 41.22 4.37
CA LYS C 138 0.70 42.32 3.78
C LYS C 138 -0.20 43.23 2.95
N GLU C 139 -1.06 42.62 2.14
CA GLU C 139 -1.97 43.39 1.31
C GLU C 139 -3.00 44.16 2.15
N LEU C 140 -3.41 43.61 3.29
CA LEU C 140 -4.32 44.35 4.16
C LEU C 140 -3.63 45.40 5.01
N LYS C 141 -2.39 45.16 5.44
CA LYS C 141 -1.69 46.18 6.23
C LYS C 141 -1.45 47.46 5.42
N ALA C 142 -1.33 47.34 4.10
CA ALA C 142 -1.18 48.53 3.25
C ALA C 142 -2.37 49.48 3.37
N LYS C 143 -3.52 48.95 3.81
CA LYS C 143 -4.74 49.73 3.98
C LYS C 143 -5.11 49.91 5.45
N GLY C 144 -4.17 49.70 6.36
CA GLY C 144 -4.40 49.91 7.77
C GLY C 144 -5.11 48.79 8.50
N LYS C 145 -5.17 47.60 7.92
CA LYS C 145 -5.89 46.49 8.52
C LYS C 145 -4.97 45.29 8.65
N SER C 146 -5.23 44.46 9.64
CA SER C 146 -4.51 43.21 9.79
C SER C 146 -5.38 42.05 9.30
N ALA C 147 -4.73 40.95 8.99
CA ALA C 147 -5.47 39.79 8.48
C ALA C 147 -6.19 39.05 9.60
N LEU C 148 -5.50 38.82 10.72
CA LEU C 148 -5.93 37.81 11.69
C LEU C 148 -5.49 38.21 13.08
N MET C 149 -6.44 38.34 14.01
CA MET C 149 -6.12 38.48 15.42
C MET C 149 -6.95 37.49 16.21
N PHE C 150 -6.28 36.68 17.04
CA PHE C 150 -6.98 35.78 17.94
C PHE C 150 -6.11 35.54 19.16
N ASN C 151 -6.74 35.01 20.21
CA ASN C 151 -6.11 34.83 21.52
C ASN C 151 -4.95 33.86 21.43
N LEU C 152 -3.73 34.36 21.60
CA LEU C 152 -2.54 33.54 21.57
C LEU C 152 -2.07 33.10 22.95
N GLN C 153 -2.76 33.54 24.01
CA GLN C 153 -2.36 33.25 25.37
C GLN C 153 -2.82 31.87 25.84
N GLU C 154 -3.89 31.32 25.26
CA GLU C 154 -4.49 30.09 25.77
C GLU C 154 -4.42 29.00 24.70
N PRO C 155 -3.81 27.86 25.00
CA PRO C 155 -3.60 26.84 23.96
C PRO C 155 -4.87 26.26 23.36
N TYR C 156 -6.03 26.41 24.01
CA TYR C 156 -7.29 26.06 23.35
C TYR C 156 -7.39 26.74 21.98
N PHE C 157 -6.97 28.01 21.89
CA PHE C 157 -7.14 28.78 20.67
C PHE C 157 -6.05 28.50 19.63
N THR C 158 -4.84 28.14 20.05
CA THR C 158 -3.76 27.87 19.12
C THR C 158 -3.64 26.40 18.74
N TRP C 159 -4.25 25.52 19.54
CA TRP C 159 -4.18 24.09 19.25
C TRP C 159 -4.68 23.67 17.86
N PRO C 160 -5.71 24.28 17.26
CA PRO C 160 -6.15 23.80 15.94
C PRO C 160 -5.04 23.80 14.91
N LEU C 161 -4.16 24.81 14.95
CA LEU C 161 -3.06 24.85 14.00
C LEU C 161 -1.96 23.87 14.41
N ILE C 162 -1.64 23.82 15.70
CA ILE C 162 -0.59 22.93 16.18
C ILE C 162 -0.92 21.47 15.88
N ALA C 163 -2.19 21.10 15.98
CA ALA C 163 -2.57 19.70 15.81
C ALA C 163 -2.81 19.30 14.36
N ALA C 164 -2.95 20.26 13.45
CA ALA C 164 -3.44 19.96 12.10
C ALA C 164 -2.58 18.93 11.40
N ASP C 165 -1.25 19.01 11.59
CA ASP C 165 -0.30 18.16 10.89
C ASP C 165 0.18 16.99 11.75
N GLY C 166 -0.44 16.77 12.92
CA GLY C 166 -0.15 15.57 13.68
C GLY C 166 -0.16 15.68 15.19
N GLY C 167 -0.29 16.89 15.73
CA GLY C 167 -0.42 17.03 17.17
C GLY C 167 -1.65 16.33 17.71
N TYR C 168 -1.54 15.84 18.95
CA TYR C 168 -2.69 15.32 19.67
C TYR C 168 -2.42 15.42 21.17
N ALA C 169 -3.50 15.40 21.95
CA ALA C 169 -3.37 15.46 23.41
C ALA C 169 -3.02 14.09 23.99
N PHE C 170 -3.97 13.15 23.94
CA PHE C 170 -3.75 11.78 24.37
C PHE C 170 -4.27 10.86 23.28
N LYS C 171 -3.49 9.83 22.94
CA LYS C 171 -3.92 8.87 21.93
C LYS C 171 -5.19 8.16 22.38
N TYR C 172 -6.14 8.03 21.45
CA TYR C 172 -7.43 7.41 21.72
C TYR C 172 -7.47 6.13 20.90
N ALA C 173 -7.54 4.99 21.59
CA ALA C 173 -7.49 3.68 20.95
C ALA C 173 -8.10 2.66 21.89
N ALA C 174 -8.89 1.73 21.33
CA ALA C 174 -9.67 0.79 22.12
C ALA C 174 -10.66 1.53 23.02
N GLY C 175 -11.26 2.59 22.47
CA GLY C 175 -12.21 3.42 23.19
C GLY C 175 -11.66 4.03 24.45
N LYS C 176 -10.33 4.07 24.60
CA LYS C 176 -9.66 4.47 25.82
C LYS C 176 -8.53 5.45 25.47
N TYR C 177 -8.21 6.33 26.42
CA TYR C 177 -7.07 7.23 26.31
C TYR C 177 -5.86 6.62 27.00
N ASP C 178 -4.74 6.62 26.29
CA ASP C 178 -3.44 6.22 26.85
C ASP C 178 -2.79 7.46 27.46
N ILE C 179 -2.81 7.54 28.79
CA ILE C 179 -2.25 8.71 29.48
C ILE C 179 -0.74 8.77 29.38
N LYS C 180 -0.11 7.76 28.76
CA LYS C 180 1.32 7.74 28.53
C LYS C 180 1.71 8.18 27.13
N ASP C 181 0.74 8.38 26.23
CA ASP C 181 0.99 8.71 24.83
C ASP C 181 0.47 10.11 24.55
N VAL C 182 1.35 11.11 24.66
CA VAL C 182 1.03 12.50 24.41
C VAL C 182 1.68 12.92 23.11
N GLY C 183 0.96 13.71 22.31
CA GLY C 183 1.43 14.08 20.98
C GLY C 183 1.81 15.54 20.87
N VAL C 184 2.68 16.02 21.76
CA VAL C 184 2.98 17.44 21.85
C VAL C 184 4.29 17.79 21.13
N ASP C 185 5.23 16.84 21.06
CA ASP C 185 6.54 17.13 20.50
C ASP C 185 6.84 16.28 19.26
N ASN C 186 5.82 15.85 18.54
CA ASN C 186 6.05 15.16 17.28
C ASN C 186 6.23 16.17 16.14
N ALA C 187 6.54 15.64 14.95
CA ALA C 187 6.87 16.51 13.81
C ALA C 187 5.70 17.40 13.41
N GLY C 188 4.47 16.90 13.55
CA GLY C 188 3.30 17.70 13.18
C GLY C 188 3.10 18.89 14.10
N ALA C 189 3.19 18.64 15.41
CA ALA C 189 3.04 19.74 16.37
C ALA C 189 4.13 20.78 16.19
N LYS C 190 5.36 20.33 15.92
CA LYS C 190 6.46 21.26 15.68
C LYS C 190 6.20 22.11 14.44
N ALA C 191 5.71 21.50 13.36
CA ALA C 191 5.42 22.26 12.15
C ALA C 191 4.34 23.30 12.39
N GLY C 192 3.25 22.90 13.07
CA GLY C 192 2.19 23.85 13.36
C GLY C 192 2.65 25.00 14.22
N LEU C 193 3.39 24.71 15.29
CA LEU C 193 3.85 25.78 16.18
C LEU C 193 4.91 26.63 15.49
N THR C 194 5.73 26.04 14.63
CA THR C 194 6.71 26.82 13.89
C THR C 194 6.02 27.82 12.97
N PHE C 195 4.93 27.41 12.32
CA PHE C 195 4.17 28.36 11.51
C PHE C 195 3.62 29.50 12.37
N LEU C 196 3.07 29.16 13.54
CA LEU C 196 2.56 30.18 14.45
C LEU C 196 3.65 31.16 14.86
N VAL C 197 4.80 30.63 15.30
CA VAL C 197 5.90 31.50 15.71
C VAL C 197 6.43 32.31 14.54
N ASP C 198 6.49 31.71 13.35
CA ASP C 198 6.89 32.48 12.16
C ASP C 198 5.94 33.64 11.90
N LEU C 199 4.64 33.43 12.09
CA LEU C 199 3.68 34.51 11.93
C LEU C 199 4.01 35.67 12.86
N ILE C 200 4.47 35.36 14.08
CA ILE C 200 4.81 36.40 15.04
C ILE C 200 6.14 37.06 14.67
N LYS C 201 7.12 36.26 14.24
CA LYS C 201 8.42 36.83 13.87
C LYS C 201 8.32 37.73 12.64
N ASN C 202 7.40 37.42 11.72
CA ASN C 202 7.19 38.22 10.53
C ASN C 202 6.17 39.33 10.72
N LYS C 203 5.77 39.59 11.98
CA LYS C 203 4.93 40.72 12.35
C LYS C 203 3.50 40.60 11.81
N HIS C 204 3.05 39.39 11.49
CA HIS C 204 1.65 39.21 11.12
C HIS C 204 0.76 39.04 12.35
N MET C 205 1.33 38.71 13.51
CA MET C 205 0.61 38.69 14.76
C MET C 205 1.56 39.10 15.88
N ASN C 206 0.97 39.59 16.97
CA ASN C 206 1.70 40.00 18.15
C ASN C 206 1.53 38.93 19.24
N ALA C 207 2.63 38.56 19.88
CA ALA C 207 2.60 37.49 20.87
C ALA C 207 1.77 37.82 22.10
N ASP C 208 1.42 39.09 22.31
CA ASP C 208 0.67 39.49 23.49
C ASP C 208 -0.83 39.57 23.24
N THR C 209 -1.28 39.27 22.03
CA THR C 209 -2.71 39.32 21.72
C THR C 209 -3.47 38.30 22.56
N ASP C 210 -4.49 38.78 23.27
CA ASP C 210 -5.32 37.94 24.13
C ASP C 210 -6.78 38.00 23.66
N TYR C 211 -7.68 37.45 24.49
CA TYR C 211 -9.09 37.36 24.11
C TYR C 211 -9.69 38.74 23.89
N SER C 212 -9.49 39.65 24.84
CA SER C 212 -10.12 40.96 24.78
C SER C 212 -9.56 41.79 23.63
N ILE C 213 -8.24 41.81 23.46
CA ILE C 213 -7.62 42.59 22.39
C ILE C 213 -8.15 42.13 21.03
N ALA C 214 -8.21 40.81 20.82
CA ALA C 214 -8.68 40.30 19.53
C ALA C 214 -10.14 40.63 19.29
N GLU C 215 -10.99 40.43 20.31
CA GLU C 215 -12.41 40.74 20.16
C GLU C 215 -12.63 42.22 19.88
N ALA C 216 -11.92 43.09 20.59
CA ALA C 216 -12.04 44.53 20.37
C ALA C 216 -11.65 44.91 18.95
N ALA C 217 -10.54 44.35 18.44
CA ALA C 217 -10.05 44.73 17.12
C ALA C 217 -11.00 44.27 16.03
N PHE C 218 -11.60 43.09 16.19
CA PHE C 218 -12.53 42.60 15.18
C PHE C 218 -13.79 43.44 15.14
N ASN C 219 -14.27 43.90 16.31
CA ASN C 219 -15.48 44.72 16.36
C ASN C 219 -15.25 46.12 15.81
N LYS C 220 -14.03 46.63 15.90
CA LYS C 220 -13.72 47.94 15.37
C LYS C 220 -13.26 47.88 13.92
N GLY C 221 -13.42 46.73 13.28
CA GLY C 221 -13.06 46.57 11.88
C GLY C 221 -11.57 46.71 11.63
N GLU C 222 -10.74 46.41 12.62
CA GLU C 222 -9.30 46.55 12.46
C GLU C 222 -8.63 45.29 11.91
N THR C 223 -9.21 44.13 12.12
CA THR C 223 -8.68 42.89 11.58
C THR C 223 -9.77 42.19 10.78
N ALA C 224 -9.36 41.51 9.70
CA ALA C 224 -10.33 40.89 8.82
C ALA C 224 -10.85 39.56 9.37
N MET C 225 -10.12 38.94 10.28
CA MET C 225 -10.44 37.60 10.73
C MET C 225 -10.15 37.47 12.22
N THR C 226 -10.90 36.57 12.86
CA THR C 226 -10.57 36.11 14.20
C THR C 226 -11.00 34.65 14.33
N ILE C 227 -10.59 34.02 15.42
CA ILE C 227 -10.92 32.64 15.70
C ILE C 227 -11.64 32.61 17.04
N ASN C 228 -12.86 32.09 17.05
CA ASN C 228 -13.65 32.07 18.27
C ASN C 228 -14.80 31.09 18.12
N GLY C 229 -15.52 30.88 19.22
CA GLY C 229 -16.64 29.97 19.24
C GLY C 229 -17.98 30.67 19.27
N PRO C 230 -19.05 29.86 19.28
CA PRO C 230 -20.40 30.43 19.22
C PRO C 230 -20.73 31.36 20.37
N TRP C 231 -20.08 31.19 21.51
CA TRP C 231 -20.31 32.09 22.64
C TRP C 231 -20.01 33.55 22.30
N ALA C 232 -19.19 33.80 21.28
CA ALA C 232 -18.78 35.16 20.95
C ALA C 232 -19.71 35.84 19.95
N TRP C 233 -20.56 35.09 19.25
CA TRP C 233 -21.36 35.65 18.16
C TRP C 233 -22.21 36.84 18.62
N SER C 234 -22.86 36.71 19.78
CA SER C 234 -23.79 37.74 20.22
C SER C 234 -23.08 39.07 20.52
N ASN C 235 -21.78 39.01 20.84
CA ASN C 235 -20.97 40.18 21.13
C ASN C 235 -20.44 40.90 19.91
N ILE C 236 -20.56 40.32 18.71
CA ILE C 236 -20.08 40.99 17.51
C ILE C 236 -21.05 42.10 17.13
N ASP C 237 -20.49 43.28 16.82
CA ASP C 237 -21.27 44.50 16.61
C ASP C 237 -21.76 44.53 15.17
N THR C 238 -22.97 44.02 14.96
CA THR C 238 -23.56 43.97 13.63
C THR C 238 -23.87 45.35 13.07
N SER C 239 -23.83 46.40 13.89
CA SER C 239 -23.97 47.75 13.36
C SER C 239 -22.68 48.23 12.70
N ALA C 240 -21.56 47.57 12.97
CA ALA C 240 -20.28 47.98 12.39
C ALA C 240 -19.63 46.92 11.52
N VAL C 241 -19.98 45.64 11.71
CA VAL C 241 -19.29 44.54 11.03
C VAL C 241 -20.33 43.58 10.46
N ASN C 242 -20.26 43.34 9.14
CA ASN C 242 -20.95 42.22 8.50
C ASN C 242 -20.01 41.02 8.56
N TYR C 243 -20.30 40.07 9.45
CA TYR C 243 -19.37 38.98 9.68
C TYR C 243 -19.91 37.65 9.17
N GLY C 244 -18.99 36.74 8.87
CA GLY C 244 -19.31 35.36 8.53
C GLY C 244 -18.57 34.39 9.45
N VAL C 245 -18.98 33.13 9.38
CA VAL C 245 -18.40 32.06 10.18
C VAL C 245 -18.20 30.88 9.24
N THR C 246 -16.98 30.36 9.16
CA THR C 246 -16.65 29.40 8.13
C THR C 246 -15.63 28.40 8.67
N VAL C 247 -15.28 27.43 7.82
CA VAL C 247 -14.31 26.40 8.19
C VAL C 247 -12.96 27.05 8.45
N LEU C 248 -12.24 26.51 9.44
CA LEU C 248 -10.88 26.98 9.71
C LEU C 248 -9.99 26.67 8.51
N PRO C 249 -8.91 27.45 8.34
CA PRO C 249 -8.00 27.20 7.21
C PRO C 249 -7.24 25.90 7.40
N THR C 250 -6.87 25.30 6.27
CA THR C 250 -6.00 24.14 6.27
C THR C 250 -4.54 24.56 6.49
N PHE C 251 -3.75 23.62 6.99
CA PHE C 251 -2.31 23.77 7.11
C PHE C 251 -1.65 22.55 6.52
N LYS C 252 -0.80 22.75 5.51
CA LYS C 252 -0.21 21.65 4.75
C LYS C 252 -1.30 20.72 4.20
N GLY C 253 -2.36 21.33 3.66
CA GLY C 253 -3.43 20.61 3.03
C GLY C 253 -4.35 19.84 3.97
N GLN C 254 -4.14 19.96 5.28
CA GLN C 254 -4.92 19.20 6.24
C GLN C 254 -5.76 20.14 7.10
N PRO C 255 -6.99 19.75 7.46
CA PRO C 255 -7.85 20.66 8.22
C PRO C 255 -7.22 21.03 9.56
N SER C 256 -7.49 22.27 9.99
CA SER C 256 -7.27 22.59 11.39
C SER C 256 -8.13 21.69 12.25
N LYS C 257 -7.64 21.37 13.44
CA LYS C 257 -8.29 20.41 14.33
C LYS C 257 -8.58 21.08 15.67
N PRO C 258 -9.68 21.80 15.77
CA PRO C 258 -10.08 22.36 17.07
C PRO C 258 -10.53 21.27 18.06
N PHE C 259 -10.41 21.59 19.34
CA PHE C 259 -11.01 20.77 20.38
C PHE C 259 -12.53 20.83 20.28
N VAL C 260 -13.18 19.67 20.43
CA VAL C 260 -14.64 19.58 20.39
C VAL C 260 -15.16 19.47 21.82
N GLY C 261 -16.07 20.38 22.18
CA GLY C 261 -16.81 20.30 23.43
C GLY C 261 -18.24 19.85 23.17
N VAL C 262 -18.68 18.86 23.96
CA VAL C 262 -20.00 18.25 23.79
C VAL C 262 -20.78 18.42 25.09
N LEU C 263 -21.78 19.30 25.08
CA LEU C 263 -22.69 19.41 26.21
C LEU C 263 -23.43 18.08 26.39
N SER C 264 -23.40 17.55 27.62
CA SER C 264 -23.84 16.18 27.83
C SER C 264 -24.75 16.08 29.04
N ALA C 265 -25.63 15.09 29.00
CA ALA C 265 -26.60 14.83 30.06
C ALA C 265 -26.25 13.47 30.66
N GLY C 266 -25.79 13.49 31.92
CA GLY C 266 -25.43 12.28 32.65
C GLY C 266 -26.47 11.96 33.70
N ILE C 267 -26.65 10.67 33.98
CA ILE C 267 -27.59 10.20 35.00
C ILE C 267 -26.83 9.89 36.28
N ASN C 268 -27.23 10.54 37.38
CA ASN C 268 -26.65 10.28 38.69
C ASN C 268 -26.75 8.80 39.07
N ALA C 269 -25.61 8.23 39.48
CA ALA C 269 -25.58 6.81 39.85
C ALA C 269 -26.44 6.50 41.06
N ALA C 270 -26.66 7.47 41.95
CA ALA C 270 -27.50 7.26 43.13
C ALA C 270 -28.98 7.47 42.85
N SER C 271 -29.36 7.78 41.62
CA SER C 271 -30.75 8.07 41.31
C SER C 271 -31.62 6.81 41.39
N PRO C 272 -32.78 6.90 42.04
CA PRO C 272 -33.81 5.86 41.89
C PRO C 272 -34.71 6.05 40.69
N ASN C 273 -34.40 7.01 39.81
CA ASN C 273 -35.27 7.35 38.69
C ASN C 273 -34.55 7.20 37.36
N LYS C 274 -33.69 6.17 37.26
CA LYS C 274 -32.87 6.02 36.07
C LYS C 274 -33.71 5.74 34.84
N GLU C 275 -34.79 4.98 35.01
N GLU C 275 -34.80 4.99 35.01
CA GLU C 275 -35.66 4.71 33.87
CA GLU C 275 -35.67 4.70 33.88
C GLU C 275 -36.41 5.95 33.44
C GLU C 275 -36.45 5.93 33.45
N LEU C 276 -36.90 6.75 34.41
CA LEU C 276 -37.54 8.01 34.07
C LEU C 276 -36.58 8.93 33.34
N ALA C 277 -35.35 9.06 33.86
CA ALA C 277 -34.35 9.92 33.23
C ALA C 277 -34.07 9.47 31.81
N LYS C 278 -33.92 8.17 31.59
CA LYS C 278 -33.75 7.66 30.23
C LYS C 278 -34.97 8.02 29.38
N GLU C 279 -36.17 7.84 29.91
CA GLU C 279 -37.37 8.18 29.15
C GLU C 279 -37.40 9.66 28.81
N PHE C 280 -37.12 10.52 29.79
CA PHE C 280 -37.14 11.96 29.54
C PHE C 280 -36.12 12.35 28.47
N LEU C 281 -34.88 11.86 28.62
CA LEU C 281 -33.80 12.31 27.74
C LEU C 281 -33.95 11.78 26.32
N GLU C 282 -34.35 10.51 26.18
CA GLU C 282 -34.34 9.92 24.84
C GLU C 282 -35.53 10.38 24.03
N ASN C 283 -36.72 10.34 24.61
CA ASN C 283 -37.95 10.47 23.87
C ASN C 283 -38.65 11.80 24.05
N TYR C 284 -38.17 12.65 24.97
CA TYR C 284 -38.68 14.00 25.11
C TYR C 284 -37.65 15.05 24.73
N LEU C 285 -36.47 15.05 25.36
CA LEU C 285 -35.50 16.11 25.06
C LEU C 285 -34.87 15.90 23.68
N LEU C 286 -34.31 14.72 23.43
CA LEU C 286 -33.59 14.47 22.18
C LEU C 286 -34.56 14.14 21.04
N THR C 287 -35.48 15.07 20.84
CA THR C 287 -36.37 15.07 19.68
C THR C 287 -36.30 16.47 19.08
N ASP C 288 -36.75 16.59 17.83
CA ASP C 288 -36.86 17.91 17.22
C ASP C 288 -37.67 18.84 18.12
N GLU C 289 -38.79 18.34 18.63
CA GLU C 289 -39.66 19.15 19.48
C GLU C 289 -38.94 19.55 20.78
N GLY C 290 -38.20 18.62 21.39
CA GLY C 290 -37.53 18.94 22.64
C GLY C 290 -36.39 19.93 22.46
N LEU C 291 -35.53 19.68 21.48
CA LEU C 291 -34.40 20.59 21.26
C LEU C 291 -34.87 21.96 20.78
N GLU C 292 -35.89 22.01 19.90
CA GLU C 292 -36.44 23.30 19.52
C GLU C 292 -36.98 24.07 20.72
N ALA C 293 -37.66 23.38 21.64
CA ALA C 293 -38.14 24.02 22.85
C ALA C 293 -36.99 24.68 23.62
N VAL C 294 -35.88 23.96 23.77
CA VAL C 294 -34.72 24.50 24.48
C VAL C 294 -34.07 25.61 23.66
N ASN C 295 -33.94 25.39 22.35
CA ASN C 295 -33.18 26.30 21.49
C ASN C 295 -33.90 27.63 21.35
N LYS C 296 -35.22 27.60 21.22
CA LYS C 296 -36.02 28.83 21.13
C LYS C 296 -35.91 29.65 22.41
N ASP C 297 -35.69 29.00 23.55
CA ASP C 297 -35.40 29.73 24.78
C ASP C 297 -34.01 30.36 24.73
N LYS C 298 -32.97 29.54 24.52
CA LYS C 298 -31.61 30.02 24.37
C LYS C 298 -30.93 29.09 23.36
N PRO C 299 -30.29 29.63 22.32
CA PRO C 299 -29.73 28.76 21.26
C PRO C 299 -28.70 27.79 21.82
N LEU C 300 -28.72 26.57 21.27
CA LEU C 300 -27.80 25.51 21.69
C LEU C 300 -26.49 25.50 20.91
N GLY C 301 -26.45 26.15 19.75
CA GLY C 301 -25.36 26.00 18.82
C GLY C 301 -25.68 24.86 17.89
N ALA C 302 -24.70 24.02 17.58
CA ALA C 302 -24.95 22.80 16.84
C ALA C 302 -25.32 21.69 17.81
N VAL C 303 -26.14 20.76 17.36
CA VAL C 303 -26.66 19.70 18.22
C VAL C 303 -26.28 18.33 17.67
N ALA C 304 -26.28 17.35 18.58
CA ALA C 304 -25.90 15.99 18.21
C ALA C 304 -27.01 15.21 17.52
N LEU C 305 -28.26 15.62 17.68
CA LEU C 305 -29.38 14.92 17.05
C LEU C 305 -29.41 15.28 15.58
N LYS C 306 -29.23 14.28 14.71
CA LYS C 306 -29.11 14.54 13.27
C LYS C 306 -30.29 15.35 12.75
N SER C 307 -31.51 14.87 13.00
CA SER C 307 -32.70 15.45 12.40
C SER C 307 -32.81 16.94 12.71
N TYR C 308 -32.55 17.33 13.96
CA TYR C 308 -32.69 18.74 14.30
C TYR C 308 -31.47 19.55 13.87
N GLU C 309 -30.28 18.93 13.84
CA GLU C 309 -29.10 19.63 13.33
C GLU C 309 -29.28 20.06 11.88
N GLU C 310 -29.88 19.20 11.05
CA GLU C 310 -30.16 19.60 9.68
C GLU C 310 -31.06 20.82 9.61
N GLU C 311 -31.92 21.01 10.62
CA GLU C 311 -32.73 22.23 10.67
C GLU C 311 -31.90 23.43 11.12
N LEU C 312 -31.17 23.28 12.24
CA LEU C 312 -30.36 24.37 12.75
C LEU C 312 -29.28 24.78 11.75
N ALA C 313 -28.78 23.83 10.96
CA ALA C 313 -27.70 24.10 10.02
C ALA C 313 -28.12 25.01 8.87
N LYS C 314 -29.40 25.41 8.78
CA LYS C 314 -29.78 26.44 7.82
C LYS C 314 -29.04 27.74 8.08
N ASP C 315 -28.67 27.99 9.34
CA ASP C 315 -27.80 29.07 9.78
C ASP C 315 -26.36 28.67 9.45
N PRO C 316 -25.69 29.39 8.53
CA PRO C 316 -24.34 28.97 8.14
C PRO C 316 -23.33 28.98 9.26
N ARG C 317 -23.55 29.79 10.30
CA ARG C 317 -22.64 29.77 11.43
C ARG C 317 -22.68 28.44 12.17
N ILE C 318 -23.87 27.86 12.31
CA ILE C 318 -23.98 26.56 12.95
C ILE C 318 -23.43 25.47 12.03
N ALA C 319 -23.71 25.57 10.72
CA ALA C 319 -23.15 24.61 9.78
C ALA C 319 -21.62 24.61 9.83
N ALA C 320 -21.00 25.79 9.96
CA ALA C 320 -19.55 25.87 10.05
C ALA C 320 -19.04 25.28 11.35
N THR C 321 -19.69 25.61 12.46
CA THR C 321 -19.36 25.02 13.75
C THR C 321 -19.36 23.49 13.71
N MET C 322 -20.38 22.90 13.08
CA MET C 322 -20.42 21.44 13.01
C MET C 322 -19.30 20.91 12.12
N GLU C 323 -18.99 21.62 11.04
CA GLU C 323 -17.93 21.17 10.13
C GLU C 323 -16.57 21.22 10.80
N ASN C 324 -16.27 22.29 11.53
CA ASN C 324 -15.02 22.33 12.29
C ASN C 324 -15.00 21.27 13.39
N ALA C 325 -16.14 21.04 14.04
CA ALA C 325 -16.22 20.00 15.05
C ALA C 325 -15.91 18.63 14.45
N GLN C 326 -16.50 18.33 13.30
CA GLN C 326 -16.29 17.02 12.68
C GLN C 326 -14.84 16.81 12.28
N LYS C 327 -14.12 17.89 11.96
CA LYS C 327 -12.72 17.79 11.57
C LYS C 327 -11.78 17.87 12.76
N GLY C 328 -12.30 18.10 13.96
CA GLY C 328 -11.48 18.32 15.13
C GLY C 328 -11.20 17.09 15.98
N GLU C 329 -10.75 17.35 17.20
CA GLU C 329 -10.33 16.35 18.17
C GLU C 329 -11.25 16.48 19.37
N ILE C 330 -11.95 15.40 19.73
CA ILE C 330 -12.73 15.39 20.94
C ILE C 330 -11.82 15.75 22.11
N MET C 331 -12.22 16.72 22.92
CA MET C 331 -11.45 17.02 24.11
C MET C 331 -11.42 15.78 25.02
N PRO C 332 -10.23 15.24 25.32
CA PRO C 332 -10.17 14.08 26.22
C PRO C 332 -10.84 14.37 27.55
N ASN C 333 -11.61 13.39 28.03
CA ASN C 333 -12.42 13.58 29.24
C ASN C 333 -11.74 13.03 30.49
N ILE C 334 -10.41 12.98 30.50
CA ILE C 334 -9.68 12.41 31.63
C ILE C 334 -9.06 13.55 32.44
N PRO C 335 -8.88 13.37 33.76
CA PRO C 335 -8.28 14.44 34.58
C PRO C 335 -6.83 14.74 34.24
N GLN C 336 -6.17 13.88 33.45
CA GLN C 336 -4.79 14.16 33.06
C GLN C 336 -4.67 15.36 32.12
N MET C 337 -5.79 15.84 31.58
CA MET C 337 -5.77 17.02 30.72
C MET C 337 -5.29 18.27 31.44
N SER C 338 -5.47 18.34 32.77
CA SER C 338 -5.03 19.51 33.51
C SER C 338 -3.52 19.71 33.35
N ALA C 339 -2.76 18.61 33.35
CA ALA C 339 -1.33 18.72 33.10
C ALA C 339 -1.04 19.09 31.65
N PHE C 340 -1.87 18.60 30.72
CA PHE C 340 -1.71 18.96 29.32
C PHE C 340 -1.86 20.47 29.11
N TRP C 341 -2.93 21.04 29.68
CA TRP C 341 -3.20 22.46 29.47
C TRP C 341 -2.06 23.34 29.95
N TYR C 342 -1.55 23.08 31.16
CA TYR C 342 -0.45 23.88 31.65
C TYR C 342 0.80 23.68 30.80
N ALA C 343 1.10 22.43 30.45
CA ALA C 343 2.29 22.14 29.67
C ALA C 343 2.28 22.91 28.35
N VAL C 344 1.18 22.80 27.60
CA VAL C 344 1.13 23.42 26.28
C VAL C 344 1.05 24.94 26.41
N ARG C 345 0.30 25.45 27.40
CA ARG C 345 0.25 26.89 27.61
CA ARG C 345 0.25 26.89 27.62
C ARG C 345 1.65 27.48 27.78
N THR C 346 2.52 26.78 28.50
CA THR C 346 3.87 27.26 28.71
C THR C 346 4.67 27.23 27.41
N ALA C 347 4.61 26.11 26.69
CA ALA C 347 5.39 25.97 25.45
C ALA C 347 5.07 27.09 24.46
N VAL C 348 3.78 27.37 24.23
CA VAL C 348 3.40 28.36 23.23
C VAL C 348 3.89 29.75 23.64
N ILE C 349 3.64 30.12 24.89
CA ILE C 349 4.05 31.45 25.37
C ILE C 349 5.56 31.60 25.30
N ASN C 350 6.29 30.57 25.72
CA ASN C 350 7.74 30.62 25.68
C ASN C 350 8.25 30.70 24.24
N ALA C 351 7.67 29.90 23.35
CA ALA C 351 8.09 29.92 21.96
C ALA C 351 7.70 31.22 21.27
N ALA C 352 6.50 31.72 21.55
CA ALA C 352 5.99 32.91 20.86
C ALA C 352 6.75 34.16 21.27
N SER C 353 7.13 34.26 22.54
CA SER C 353 7.91 35.39 23.02
C SER C 353 9.40 35.20 22.78
N GLY C 354 9.80 34.10 22.16
CA GLY C 354 11.20 33.85 21.85
C GLY C 354 12.03 33.40 23.03
N ARG C 355 11.42 33.16 24.20
CA ARG C 355 12.20 32.77 25.37
C ARG C 355 12.84 31.40 25.22
N GLN C 356 12.30 30.55 24.34
CA GLN C 356 13.02 29.34 23.94
C GLN C 356 12.61 28.97 22.52
N THR C 357 13.38 28.06 21.94
CA THR C 357 13.05 27.50 20.64
C THR C 357 11.80 26.65 20.71
N VAL C 358 11.17 26.45 19.54
CA VAL C 358 10.00 25.58 19.46
C VAL C 358 10.36 24.17 19.93
N ASP C 359 11.54 23.68 19.54
CA ASP C 359 11.94 22.33 19.91
C ASP C 359 12.07 22.18 21.42
N ALA C 360 12.78 23.12 22.06
CA ALA C 360 12.91 23.07 23.51
C ALA C 360 11.57 23.28 24.20
N ALA C 361 10.75 24.20 23.69
CA ALA C 361 9.43 24.45 24.28
C ALA C 361 8.58 23.19 24.25
N LEU C 362 8.56 22.49 23.12
CA LEU C 362 7.68 21.32 23.00
C LEU C 362 8.27 20.11 23.70
N ALA C 363 9.60 19.95 23.64
CA ALA C 363 10.25 18.91 24.45
C ALA C 363 9.89 19.04 25.92
N ALA C 364 10.00 20.25 26.48
CA ALA C 364 9.62 20.50 27.87
C ALA C 364 8.12 20.24 28.08
N ALA C 365 7.29 20.62 27.13
CA ALA C 365 5.85 20.42 27.29
C ALA C 365 5.50 18.94 27.29
N GLN C 366 6.12 18.17 26.38
CA GLN C 366 5.94 16.72 26.37
C GLN C 366 6.26 16.12 27.74
N THR C 367 7.41 16.50 28.30
CA THR C 367 7.79 16.04 29.63
C THR C 367 6.75 16.43 30.67
N ASN C 368 6.39 17.72 30.72
CA ASN C 368 5.46 18.19 31.75
C ASN C 368 4.11 17.50 31.68
N ALA C 369 3.72 17.02 30.49
CA ALA C 369 2.41 16.40 30.35
C ALA C 369 2.43 14.90 30.59
N ALA C 370 3.53 14.23 30.29
CA ALA C 370 3.54 12.78 30.22
C ALA C 370 4.55 12.09 31.13
N ALA C 371 5.65 12.76 31.50
CA ALA C 371 6.74 12.09 32.23
C ALA C 371 6.24 11.44 33.50
N LYS C 372 5.45 12.16 34.30
CA LYS C 372 4.96 11.63 35.56
C LYS C 372 4.15 10.35 35.36
N ASN C 373 3.28 10.31 34.34
CA ASN C 373 2.48 9.12 34.10
C ASN C 373 3.33 7.97 33.58
N ILE C 374 4.35 8.28 32.77
CA ILE C 374 5.27 7.26 32.29
C ILE C 374 6.04 6.66 33.45
N GLU C 375 6.50 7.51 34.38
CA GLU C 375 7.23 7.00 35.54
C GLU C 375 6.33 6.15 36.43
N LYS C 376 5.10 6.59 36.69
CA LYS C 376 4.15 5.77 37.45
C LYS C 376 4.01 4.38 36.86
N ALA C 377 3.92 4.29 35.53
CA ALA C 377 3.87 2.99 34.88
C ALA C 377 5.15 2.19 35.14
N LYS C 378 6.30 2.86 35.07
CA LYS C 378 7.57 2.17 35.30
C LYS C 378 7.69 1.69 36.73
N ILE C 379 7.27 2.52 37.71
CA ILE C 379 7.32 2.11 39.11
C ILE C 379 6.46 0.87 39.33
N ALA C 380 5.23 0.89 38.80
CA ALA C 380 4.33 -0.25 38.96
C ALA C 380 4.92 -1.52 38.35
N LYS C 381 5.62 -1.40 37.22
CA LYS C 381 6.24 -2.58 36.62
C LYS C 381 7.40 -3.07 37.47
N LEU C 382 8.13 -2.14 38.09
CA LEU C 382 9.16 -2.52 39.06
C LEU C 382 8.56 -3.25 40.25
N GLU C 383 7.44 -2.73 40.77
CA GLU C 383 6.76 -3.37 41.88
C GLU C 383 6.16 -4.72 41.48
N ALA C 384 5.76 -4.85 40.21
CA ALA C 384 5.34 -6.16 39.70
C ALA C 384 6.48 -7.15 39.73
N ASP C 385 7.68 -6.71 39.35
CA ASP C 385 8.84 -7.59 39.43
C ASP C 385 9.13 -7.98 40.87
N ILE C 386 8.99 -7.01 41.79
CA ILE C 386 9.23 -7.28 43.19
C ILE C 386 8.25 -8.34 43.72
N SER C 387 6.97 -8.18 43.40
CA SER C 387 5.98 -9.18 43.81
C SER C 387 6.20 -10.50 43.12
N ALA C 388 6.69 -10.49 41.88
CA ALA C 388 6.95 -11.74 41.18
C ALA C 388 8.12 -12.49 41.81
N ILE C 389 9.16 -11.76 42.21
CA ILE C 389 10.30 -12.39 42.86
C ILE C 389 9.88 -12.93 44.23
N LYS C 390 9.08 -12.17 44.97
CA LYS C 390 8.61 -12.64 46.26
C LYS C 390 7.73 -13.88 46.10
N SER C 391 6.89 -13.88 45.07
CA SER C 391 6.02 -15.04 44.80
C SER C 391 6.85 -16.29 44.54
N ALA C 392 7.83 -16.20 43.64
CA ALA C 392 8.65 -17.36 43.32
C ALA C 392 9.45 -17.80 44.54
N SER C 393 9.99 -16.84 45.30
CA SER C 393 10.73 -17.21 46.51
C SER C 393 9.83 -17.96 47.49
N LEU C 394 8.58 -17.51 47.64
CA LEU C 394 7.64 -18.19 48.52
C LEU C 394 7.31 -19.59 47.99
N SER C 395 7.12 -19.71 46.67
CA SER C 395 6.84 -21.02 46.08
C SER C 395 8.00 -21.99 46.32
N TYR C 396 9.23 -21.49 46.37
CA TYR C 396 10.39 -22.32 46.64
C TYR C 396 10.35 -22.87 48.07
N TYR C 397 10.05 -22.01 49.04
CA TYR C 397 9.93 -22.43 50.43
C TYR C 397 8.90 -23.54 50.59
N ALA C 398 7.80 -23.47 49.82
CA ALA C 398 6.78 -24.52 49.88
C ALA C 398 7.39 -25.90 49.67
N ASP C 399 8.34 -26.02 48.74
CA ASP C 399 8.90 -27.31 48.36
C ASP C 399 10.28 -27.58 48.94
N GLU C 400 11.06 -26.54 49.20
CA GLU C 400 12.45 -26.66 49.64
C GLU C 400 12.70 -26.13 51.04
N SER C 401 11.72 -25.50 51.68
CA SER C 401 11.80 -25.02 53.05
C SER C 401 12.85 -23.93 53.23
N LYS C 402 13.47 -23.45 52.15
CA LYS C 402 14.28 -22.24 52.20
C LYS C 402 13.80 -21.28 51.12
N TYR C 403 14.43 -20.11 51.05
CA TYR C 403 13.98 -19.07 50.12
C TYR C 403 14.75 -19.15 48.80
N THR C 404 16.08 -19.01 48.86
CA THR C 404 16.93 -19.17 47.70
C THR C 404 17.78 -20.43 47.84
N ASP C 405 17.97 -21.15 46.73
CA ASP C 405 19.02 -22.15 46.67
C ASP C 405 20.36 -21.43 46.57
N GLY C 406 21.25 -21.71 47.50
CA GLY C 406 22.41 -20.85 47.65
C GLY C 406 22.05 -19.65 48.51
N GLY C 407 22.80 -18.56 48.32
CA GLY C 407 22.53 -17.37 49.09
C GLY C 407 22.09 -16.15 48.30
N MET C 408 22.54 -16.02 47.05
CA MET C 408 22.35 -14.79 46.31
C MET C 408 22.11 -15.07 44.83
N ILE C 409 21.26 -14.24 44.21
CA ILE C 409 20.87 -14.37 42.81
C ILE C 409 20.90 -13.00 42.16
N SER C 410 21.38 -12.94 40.91
CA SER C 410 21.51 -11.69 40.18
C SER C 410 20.74 -11.75 38.87
N TRP C 411 19.84 -10.79 38.68
CA TRP C 411 19.27 -10.47 37.37
C TRP C 411 19.93 -9.18 36.88
N VAL C 412 20.46 -9.21 35.66
CA VAL C 412 21.05 -8.03 35.03
C VAL C 412 20.56 -7.94 33.60
N LYS C 413 20.26 -6.72 33.14
CA LYS C 413 19.68 -6.50 31.82
C LYS C 413 20.65 -5.75 30.91
N LYS C 414 20.86 -6.29 29.70
CA LYS C 414 21.68 -5.73 28.64
C LYS C 414 21.17 -6.32 27.34
N ASP C 415 21.30 -5.57 26.23
CA ASP C 415 20.82 -6.03 24.92
C ASP C 415 19.33 -6.28 24.99
N GLY C 416 18.60 -5.58 25.86
CA GLY C 416 17.18 -5.91 25.92
C GLY C 416 16.95 -7.31 26.43
N LYS C 417 17.97 -7.93 27.04
CA LYS C 417 17.92 -9.29 27.53
C LYS C 417 18.30 -9.32 29.00
N ILE C 418 17.80 -10.32 29.71
CA ILE C 418 18.05 -10.50 31.13
C ILE C 418 18.96 -11.72 31.31
N ILE C 419 20.02 -11.56 32.08
CA ILE C 419 21.01 -12.60 32.34
C ILE C 419 20.97 -12.93 33.82
N ILE C 420 21.09 -14.22 34.13
CA ILE C 420 21.09 -14.71 35.52
C ILE C 420 22.38 -15.48 35.74
N ASN C 421 23.34 -14.85 36.40
CA ASN C 421 24.60 -15.47 36.87
C ASN C 421 25.37 -16.01 35.66
N GLY C 422 26.08 -17.13 35.81
CA GLY C 422 26.76 -17.77 34.71
C GLY C 422 26.17 -19.15 34.45
N GLY C 423 25.43 -19.65 35.44
CA GLY C 423 24.63 -20.84 35.31
C GLY C 423 23.19 -20.53 35.71
N PHE C 424 22.35 -21.54 35.56
CA PHE C 424 20.93 -21.37 35.83
C PHE C 424 20.63 -21.44 37.32
N LYS C 425 19.65 -20.64 37.75
CA LYS C 425 19.11 -20.68 39.11
C LYS C 425 17.75 -21.36 39.05
N ASP C 426 17.67 -22.56 39.63
CA ASP C 426 16.42 -23.32 39.66
C ASP C 426 15.49 -22.69 40.70
N ASP C 427 14.43 -22.05 40.22
CA ASP C 427 13.36 -21.51 41.07
C ASP C 427 12.03 -22.00 40.52
N PRO C 428 10.92 -21.78 41.28
CA PRO C 428 9.62 -22.40 40.95
C PRO C 428 9.20 -22.46 39.50
N LEU C 429 8.70 -23.64 39.09
CA LEU C 429 8.20 -23.89 37.73
C LEU C 429 9.35 -23.60 36.78
N ALA C 430 9.12 -22.88 35.66
CA ALA C 430 10.21 -22.37 34.82
C ALA C 430 10.84 -21.17 35.52
N ASP C 431 11.16 -21.32 36.81
CA ASP C 431 11.61 -20.25 37.70
C ASP C 431 10.53 -19.19 37.84
N LYS C 432 9.37 -19.38 37.19
CA LYS C 432 8.23 -18.47 37.10
C LYS C 432 8.68 -17.02 37.01
N ILE C 433 9.75 -16.76 36.29
CA ILE C 433 10.35 -15.43 36.22
C ILE C 433 10.77 -15.13 34.79
N GLU C 434 10.01 -15.60 33.81
CA GLU C 434 10.23 -15.12 32.46
C GLU C 434 9.58 -13.77 32.22
N ASN C 435 8.91 -13.22 33.25
CA ASN C 435 8.08 -12.04 33.11
C ASN C 435 8.65 -10.84 33.84
N LEU C 436 9.97 -10.79 34.06
CA LEU C 436 10.55 -9.60 34.68
C LEU C 436 10.78 -8.57 33.58
N GLY C 437 9.99 -7.50 33.60
CA GLY C 437 10.23 -6.40 32.67
C GLY C 437 11.56 -5.73 32.91
N MET C 438 12.00 -5.67 34.18
CA MET C 438 13.12 -4.86 34.63
C MET C 438 12.99 -3.49 33.98
N PRO C 439 11.95 -2.72 34.35
CA PRO C 439 11.64 -1.49 33.59
C PRO C 439 12.77 -0.48 33.59
N TYR C 440 13.65 -0.51 34.58
CA TYR C 440 14.81 0.37 34.57
C TYR C 440 16.10 -0.34 34.17
N ASN C 441 15.99 -1.51 33.51
CA ASN C 441 17.13 -2.27 32.98
C ASN C 441 18.36 -2.33 33.89
N GLY C 442 18.16 -2.22 35.19
CA GLY C 442 19.27 -2.22 36.12
C GLY C 442 19.73 -3.61 36.47
N SER C 443 19.99 -3.82 37.76
CA SER C 443 20.35 -5.11 38.30
C SER C 443 19.48 -5.38 39.53
N TYR C 444 19.08 -6.64 39.70
CA TYR C 444 18.41 -7.12 40.90
C TYR C 444 19.32 -8.07 41.66
N LEU C 445 19.22 -8.06 42.99
CA LEU C 445 20.00 -8.99 43.81
C LEU C 445 19.18 -9.44 45.01
N LEU C 446 18.87 -10.74 45.08
CA LEU C 446 18.16 -11.31 46.21
C LEU C 446 19.16 -12.00 47.14
N MET C 447 19.05 -11.73 48.44
CA MET C 447 20.00 -12.19 49.45
C MET C 447 19.24 -12.78 50.64
N SER C 448 19.73 -13.90 51.16
CA SER C 448 19.10 -14.51 52.32
C SER C 448 20.09 -15.43 53.02
N SER C 449 19.76 -15.82 54.26
CA SER C 449 20.63 -16.63 55.07
C SER C 449 20.01 -18.00 55.31
N PRO C 450 20.78 -19.08 55.14
CA PRO C 450 20.29 -20.42 55.48
C PRO C 450 19.87 -20.54 56.93
N GLY C 451 18.58 -20.62 57.19
CA GLY C 451 18.06 -20.80 58.53
C GLY C 451 17.59 -19.54 59.21
N HIS C 452 17.07 -18.57 58.46
CA HIS C 452 16.52 -17.34 59.02
C HIS C 452 15.28 -16.99 58.21
N GLU C 453 14.11 -17.29 58.77
CA GLU C 453 12.84 -17.16 58.06
C GLU C 453 12.24 -15.77 58.27
N LYS C 454 13.05 -14.76 57.95
CA LYS C 454 12.64 -13.36 58.05
C LYS C 454 13.66 -12.45 57.37
N TYR C 455 14.69 -13.04 56.79
CA TYR C 455 15.74 -12.28 56.09
C TYR C 455 15.62 -12.58 54.59
N LEU C 456 14.75 -11.84 53.92
CA LEU C 456 14.60 -11.88 52.47
C LEU C 456 14.71 -10.45 51.98
N GLU C 457 15.88 -10.06 51.47
CA GLU C 457 16.17 -8.69 51.09
C GLU C 457 16.54 -8.62 49.62
N LEU C 458 15.89 -7.70 48.90
CA LEU C 458 16.11 -7.48 47.48
C LEU C 458 16.75 -6.11 47.27
N SER C 459 17.90 -6.09 46.62
CA SER C 459 18.63 -4.85 46.33
C SER C 459 18.50 -4.55 44.84
N ILE C 460 17.99 -3.36 44.52
CA ILE C 460 17.75 -2.95 43.14
C ILE C 460 18.64 -1.76 42.82
N LEU C 461 19.36 -1.84 41.70
CA LEU C 461 20.26 -0.79 41.23
C LEU C 461 19.78 -0.32 39.86
N PRO C 462 18.75 0.52 39.83
CA PRO C 462 18.16 0.91 38.53
C PRO C 462 19.12 1.70 37.66
N GLU C 463 18.95 1.52 36.35
CA GLU C 463 19.74 2.19 35.32
C GLU C 463 18.78 3.19 34.66
N GLY C 464 18.80 4.41 35.16
CA GLY C 464 17.69 5.32 34.98
C GLY C 464 17.59 6.30 36.13
N GLU C 465 16.86 7.39 35.89
CA GLU C 465 16.60 8.43 36.87
C GLU C 465 15.20 8.32 37.46
N ILE C 466 15.10 8.21 38.79
CA ILE C 466 13.81 8.26 39.49
C ILE C 466 13.62 9.66 40.08
N SER C 467 12.38 10.18 39.97
CA SER C 467 12.05 11.47 40.53
C SER C 467 11.75 11.38 42.04
N LYS C 468 11.75 12.54 42.70
CA LYS C 468 11.31 12.61 44.09
C LYS C 468 9.91 12.02 44.27
N SER C 469 8.97 12.44 43.42
CA SER C 469 7.64 11.84 43.41
C SER C 469 7.71 10.33 43.25
N GLY C 470 8.66 9.84 42.45
CA GLY C 470 8.76 8.41 42.23
C GLY C 470 9.29 7.68 43.45
N LEU C 471 10.42 8.14 44.00
CA LEU C 471 10.98 7.50 45.18
C LEU C 471 10.05 7.61 46.38
N ASP C 472 9.26 8.69 46.46
CA ASP C 472 8.29 8.80 47.55
C ASP C 472 7.11 7.85 47.37
N LYS C 473 6.81 7.49 46.12
CA LYS C 473 5.80 6.45 45.88
C LYS C 473 6.26 5.10 46.40
N LEU C 474 7.56 4.79 46.26
CA LEU C 474 8.08 3.54 46.79
C LEU C 474 8.11 3.56 48.32
N LYS C 475 8.42 4.72 48.90
CA LYS C 475 8.42 4.83 50.36
C LYS C 475 7.02 4.66 50.92
N ASN C 476 5.99 5.12 50.22
CA ASN C 476 4.63 5.01 50.72
C ASN C 476 4.03 3.63 50.49
N ASP C 477 4.55 2.89 49.52
CA ASP C 477 4.04 1.57 49.16
C ASP C 477 4.65 0.46 50.00
N TYR C 478 5.88 0.66 50.47
CA TYR C 478 6.60 -0.33 51.27
C TYR C 478 6.92 0.20 52.66
N GLY C 479 6.55 1.43 52.97
CA GLY C 479 6.80 2.13 54.23
C GLY C 479 8.11 1.88 54.94
N ASN C 480 8.08 1.23 56.11
CA ASN C 480 9.30 1.08 56.88
C ASN C 480 10.25 0.03 56.30
N LEU C 481 9.79 -0.75 55.33
CA LEU C 481 10.53 -1.90 54.83
C LEU C 481 11.40 -1.58 53.63
N ILE C 482 11.79 -0.31 53.45
CA ILE C 482 12.56 0.11 52.27
C ILE C 482 13.54 1.20 52.67
N ASP C 483 14.80 1.04 52.24
CA ASP C 483 15.87 1.98 52.55
C ASP C 483 16.38 2.51 51.21
N ILE C 484 15.88 3.68 50.80
CA ILE C 484 16.30 4.34 49.57
C ILE C 484 17.49 5.23 49.91
N THR C 485 18.69 4.77 49.54
CA THR C 485 19.90 5.53 49.83
C THR C 485 21.04 5.14 48.89
N ASN C 486 22.27 5.13 49.43
CA ASN C 486 23.47 4.81 48.65
C ASN C 486 23.49 5.62 47.36
N ASP C 487 23.17 6.91 47.49
CA ASP C 487 22.93 7.78 46.34
C ASP C 487 24.22 8.50 45.95
N GLN C 488 25.22 7.70 45.58
CA GLN C 488 26.42 8.23 44.94
C GLN C 488 26.16 8.35 43.45
N ASN C 489 25.08 9.08 43.11
CA ASN C 489 24.48 9.20 41.78
C ASN C 489 23.70 7.95 41.40
N LYS C 490 24.21 6.77 41.77
CA LYS C 490 23.46 5.54 41.59
C LYS C 490 22.41 5.41 42.69
N ILE C 491 21.18 5.10 42.31
CA ILE C 491 20.14 4.82 43.29
C ILE C 491 20.25 3.36 43.68
N ASN C 492 20.13 3.09 44.99
CA ASN C 492 20.11 1.71 45.48
C ASN C 492 18.85 1.59 46.33
N ILE C 493 18.00 0.62 45.98
CA ILE C 493 16.80 0.35 46.73
C ILE C 493 16.96 -1.03 47.34
N VAL C 494 16.78 -1.12 48.65
CA VAL C 494 16.83 -2.40 49.34
C VAL C 494 15.48 -2.58 50.00
N ILE C 495 14.83 -3.68 49.66
CA ILE C 495 13.50 -4.00 50.17
C ILE C 495 13.59 -5.30 50.93
N LYS C 496 12.93 -5.35 52.09
CA LYS C 496 12.82 -6.58 52.87
C LYS C 496 11.52 -7.26 52.47
N LEU C 497 11.64 -8.36 51.73
CA LEU C 497 10.44 -9.07 51.29
C LEU C 497 9.76 -9.76 52.48
N LEU C 498 10.52 -10.08 53.51
CA LEU C 498 10.01 -10.75 54.70
C LEU C 498 10.66 -10.19 55.96
N MET D 1 -0.11 42.14 -50.12
CA MET D 1 -1.00 43.17 -49.57
C MET D 1 -1.00 43.15 -48.05
N LYS D 2 -1.32 44.31 -47.46
CA LYS D 2 -1.37 44.47 -46.01
C LYS D 2 -2.52 45.40 -45.67
N ILE D 3 -2.76 45.58 -44.37
CA ILE D 3 -3.92 46.34 -43.91
C ILE D 3 -3.84 47.77 -44.41
N GLU D 4 -4.94 48.26 -44.97
CA GLU D 4 -4.99 49.59 -45.56
C GLU D 4 -5.01 50.68 -44.50
N GLU D 5 -4.13 51.67 -44.67
CA GLU D 5 -4.07 52.81 -43.78
C GLU D 5 -5.21 53.78 -44.11
N GLY D 6 -5.63 54.53 -43.10
CA GLY D 6 -6.65 55.55 -43.29
C GLY D 6 -8.07 55.09 -43.14
N LYS D 7 -8.32 53.85 -42.71
CA LYS D 7 -9.67 53.32 -42.59
C LYS D 7 -9.68 52.29 -41.47
N LEU D 8 -10.88 51.86 -41.10
CA LEU D 8 -11.06 50.86 -40.07
C LEU D 8 -11.86 49.68 -40.62
N VAL D 9 -11.28 48.49 -40.56
CA VAL D 9 -11.99 47.23 -40.79
C VAL D 9 -12.22 46.56 -39.46
N ILE D 10 -13.47 46.20 -39.17
CA ILE D 10 -13.87 45.61 -37.90
C ILE D 10 -14.51 44.25 -38.15
N TRP D 11 -14.08 43.24 -37.39
CA TRP D 11 -14.69 41.92 -37.38
C TRP D 11 -15.48 41.71 -36.10
N ILE D 12 -16.75 41.33 -36.24
CA ILE D 12 -17.62 40.96 -35.12
C ILE D 12 -18.49 39.78 -35.55
N ASN D 13 -18.88 38.95 -34.60
CA ASN D 13 -19.63 37.75 -34.91
C ASN D 13 -21.06 38.09 -35.36
N GLY D 14 -21.59 37.25 -36.25
CA GLY D 14 -22.89 37.48 -36.86
C GLY D 14 -24.07 37.53 -35.90
N ASP D 15 -23.93 36.97 -34.70
CA ASP D 15 -25.04 36.97 -33.75
C ASP D 15 -25.09 38.24 -32.91
N LYS D 16 -24.18 39.17 -33.12
CA LYS D 16 -24.19 40.46 -32.43
C LYS D 16 -24.80 41.53 -33.31
N GLY D 17 -25.05 42.68 -32.70
CA GLY D 17 -25.63 43.80 -33.43
C GLY D 17 -24.62 44.52 -34.31
N TYR D 18 -24.21 43.88 -35.42
CA TYR D 18 -23.23 44.52 -36.30
C TYR D 18 -23.81 45.74 -36.99
N ASN D 19 -25.13 45.75 -37.26
CA ASN D 19 -25.75 46.93 -37.87
C ASN D 19 -25.73 48.11 -36.90
N GLY D 20 -26.04 47.87 -35.63
CA GLY D 20 -25.86 48.93 -34.63
C GLY D 20 -24.42 49.40 -34.60
N LEU D 21 -23.47 48.48 -34.69
CA LEU D 21 -22.06 48.85 -34.71
C LEU D 21 -21.74 49.66 -35.96
N ALA D 22 -22.32 49.29 -37.11
CA ALA D 22 -22.14 50.08 -38.32
C ALA D 22 -22.68 51.50 -38.16
N GLU D 23 -23.75 51.67 -37.37
CA GLU D 23 -24.28 53.01 -37.13
C GLU D 23 -23.27 53.87 -36.36
N VAL D 24 -22.59 53.28 -35.38
CA VAL D 24 -21.51 54.00 -34.71
C VAL D 24 -20.40 54.32 -35.70
N GLY D 25 -20.10 53.38 -36.59
CA GLY D 25 -19.14 53.64 -37.64
C GLY D 25 -19.49 54.84 -38.50
N LYS D 26 -20.78 55.00 -38.81
CA LYS D 26 -21.21 56.14 -39.62
C LYS D 26 -21.03 57.45 -38.87
N LYS D 27 -21.37 57.47 -37.58
CA LYS D 27 -21.12 58.66 -36.77
C LYS D 27 -19.64 58.99 -36.72
N PHE D 28 -18.78 57.97 -36.74
CA PHE D 28 -17.34 58.18 -36.77
C PHE D 28 -16.89 58.74 -38.10
N GLU D 29 -17.51 58.30 -39.20
CA GLU D 29 -17.12 58.80 -40.52
C GLU D 29 -17.61 60.24 -40.71
N LYS D 30 -18.75 60.59 -40.14
CA LYS D 30 -19.20 61.97 -40.22
C LYS D 30 -18.23 62.91 -39.50
N ASP D 31 -17.78 62.53 -38.31
CA ASP D 31 -16.93 63.44 -37.53
C ASP D 31 -15.51 63.53 -38.09
N THR D 32 -15.05 62.49 -38.78
CA THR D 32 -13.64 62.39 -39.16
C THR D 32 -13.39 62.19 -40.63
N GLY D 33 -14.36 61.69 -41.40
CA GLY D 33 -14.13 61.36 -42.79
C GLY D 33 -13.62 59.97 -43.04
N ILE D 34 -13.29 59.22 -41.98
CA ILE D 34 -12.69 57.90 -42.11
C ILE D 34 -13.80 56.85 -42.16
N LYS D 35 -13.81 56.06 -43.22
CA LYS D 35 -14.83 55.02 -43.38
C LYS D 35 -14.57 53.87 -42.42
N VAL D 36 -15.67 53.28 -41.94
CA VAL D 36 -15.64 52.12 -41.05
C VAL D 36 -16.40 50.99 -41.71
N THR D 37 -15.72 49.87 -41.96
CA THR D 37 -16.31 48.68 -42.56
C THR D 37 -16.49 47.60 -41.49
N VAL D 38 -17.73 47.27 -41.18
CA VAL D 38 -18.06 46.19 -40.25
C VAL D 38 -18.37 44.93 -41.07
N GLU D 39 -17.57 43.89 -40.86
CA GLU D 39 -17.81 42.58 -41.44
C GLU D 39 -18.08 41.56 -40.34
N HIS D 40 -18.85 40.52 -40.68
CA HIS D 40 -19.07 39.37 -39.80
C HIS D 40 -18.70 38.09 -40.54
N PRO D 41 -17.41 37.83 -40.72
CA PRO D 41 -17.00 36.60 -41.41
C PRO D 41 -17.33 35.36 -40.59
N ASP D 42 -17.24 34.22 -41.28
CA ASP D 42 -17.53 32.92 -40.67
CA ASP D 42 -17.54 32.93 -40.67
C ASP D 42 -16.29 32.37 -40.00
N LYS D 43 -16.45 31.87 -38.78
CA LYS D 43 -15.32 31.33 -38.01
C LYS D 43 -14.20 32.35 -37.89
N LEU D 44 -14.57 33.61 -37.67
CA LEU D 44 -13.57 34.67 -37.55
C LEU D 44 -12.61 34.41 -36.40
N GLU D 45 -13.03 33.63 -35.41
CA GLU D 45 -12.17 33.32 -34.27
C GLU D 45 -10.96 32.50 -34.69
N GLU D 46 -11.08 31.69 -35.74
CA GLU D 46 -9.95 30.93 -36.22
C GLU D 46 -9.36 31.48 -37.52
N LYS D 47 -10.07 32.38 -38.20
CA LYS D 47 -9.48 33.02 -39.38
CA LYS D 47 -9.50 33.03 -39.38
C LYS D 47 -8.54 34.15 -38.99
N PHE D 48 -8.87 34.89 -37.93
CA PHE D 48 -8.00 35.98 -37.47
C PHE D 48 -6.56 35.52 -37.24
N PRO D 49 -6.27 34.48 -36.46
CA PRO D 49 -4.86 34.09 -36.28
C PRO D 49 -4.14 33.77 -37.58
N GLN D 50 -4.87 33.31 -38.60
CA GLN D 50 -4.26 33.07 -39.90
C GLN D 50 -4.01 34.38 -40.63
N VAL D 51 -5.05 35.18 -40.83
CA VAL D 51 -4.93 36.37 -41.68
C VAL D 51 -4.16 37.49 -40.98
N ALA D 52 -4.26 37.58 -39.66
CA ALA D 52 -3.55 38.64 -38.95
C ALA D 52 -2.05 38.38 -38.93
N ALA D 53 -1.64 37.11 -38.92
CA ALA D 53 -0.22 36.78 -38.87
C ALA D 53 0.50 37.29 -40.11
N THR D 54 -0.13 37.22 -41.28
CA THR D 54 0.48 37.81 -42.46
C THR D 54 0.32 39.32 -42.47
N GLY D 55 -0.44 39.87 -41.52
CA GLY D 55 -0.64 41.30 -41.47
C GLY D 55 -1.69 41.84 -42.40
N ASP D 56 -2.72 41.06 -42.75
CA ASP D 56 -3.80 41.55 -43.59
C ASP D 56 -5.14 41.05 -43.05
N GLY D 57 -5.40 41.34 -41.79
CA GLY D 57 -6.69 41.09 -41.17
C GLY D 57 -7.42 42.39 -40.91
N PRO D 58 -8.38 42.38 -40.00
CA PRO D 58 -9.06 43.61 -39.63
C PRO D 58 -8.22 44.45 -38.67
N ASP D 59 -8.64 45.71 -38.49
CA ASP D 59 -8.02 46.57 -37.48
C ASP D 59 -8.48 46.18 -36.08
N ILE D 60 -9.77 45.85 -35.95
CA ILE D 60 -10.40 45.59 -34.66
C ILE D 60 -11.13 44.25 -34.75
N ILE D 61 -10.96 43.41 -33.74
CA ILE D 61 -11.65 42.12 -33.66
C ILE D 61 -12.48 42.11 -32.38
N PHE D 62 -13.77 41.81 -32.51
CA PHE D 62 -14.66 41.62 -31.37
C PHE D 62 -14.84 40.13 -31.12
N TRP D 63 -14.55 39.69 -29.90
CA TRP D 63 -14.74 38.30 -29.53
C TRP D 63 -14.68 38.17 -28.02
N ALA D 64 -15.19 37.05 -27.52
CA ALA D 64 -15.08 36.72 -26.10
C ALA D 64 -13.62 36.73 -25.68
N HIS D 65 -13.38 37.32 -24.50
CA HIS D 65 -12.03 37.63 -24.04
C HIS D 65 -11.13 36.40 -23.96
N ASP D 66 -11.70 35.21 -23.75
CA ASP D 66 -10.90 34.06 -23.40
C ASP D 66 -10.00 33.61 -24.54
N ARG D 67 -10.33 33.93 -25.79
CA ARG D 67 -9.43 33.65 -26.90
C ARG D 67 -8.27 34.62 -26.99
N PHE D 68 -8.40 35.82 -26.42
CA PHE D 68 -7.44 36.88 -26.67
C PHE D 68 -6.08 36.59 -26.07
N GLY D 69 -6.04 35.87 -24.93
CA GLY D 69 -4.76 35.49 -24.36
C GLY D 69 -3.92 34.68 -25.31
N GLY D 70 -4.55 33.78 -26.08
CA GLY D 70 -3.83 33.06 -27.11
C GLY D 70 -3.27 33.98 -28.18
N TYR D 71 -4.14 34.82 -28.76
CA TYR D 71 -3.71 35.81 -29.74
C TYR D 71 -2.52 36.60 -29.24
N ALA D 72 -2.57 37.03 -27.98
CA ALA D 72 -1.50 37.86 -27.43
C ALA D 72 -0.18 37.10 -27.37
N GLN D 73 -0.21 35.82 -27.01
CA GLN D 73 1.00 35.03 -27.00
C GLN D 73 1.62 34.92 -28.39
N SER D 74 0.80 34.89 -29.42
CA SER D 74 1.27 34.92 -30.80
C SER D 74 1.58 36.34 -31.29
N GLY D 75 1.54 37.32 -30.39
CA GLY D 75 1.80 38.71 -30.74
C GLY D 75 0.87 39.29 -31.79
N LEU D 76 -0.39 38.87 -31.81
CA LEU D 76 -1.33 39.35 -32.81
C LEU D 76 -2.13 40.57 -32.34
N LEU D 77 -1.97 40.99 -31.09
CA LEU D 77 -2.76 42.05 -30.50
C LEU D 77 -1.84 43.13 -29.97
N ALA D 78 -2.21 44.37 -30.22
CA ALA D 78 -1.46 45.51 -29.69
C ALA D 78 -1.82 45.73 -28.23
N GLU D 79 -0.87 46.27 -27.48
CA GLU D 79 -1.19 46.78 -26.15
C GLU D 79 -2.00 48.06 -26.28
N ILE D 80 -3.09 48.15 -25.52
CA ILE D 80 -3.97 49.31 -25.60
C ILE D 80 -3.54 50.33 -24.55
N THR D 81 -3.88 51.60 -24.78
CA THR D 81 -3.34 52.71 -23.97
C THR D 81 -4.42 53.60 -23.35
N PRO D 82 -5.41 53.03 -22.65
CA PRO D 82 -6.41 53.90 -22.03
C PRO D 82 -5.85 54.62 -20.82
N ALA D 83 -6.13 55.92 -20.72
CA ALA D 83 -5.76 56.68 -19.54
C ALA D 83 -6.55 56.20 -18.32
N ALA D 84 -6.04 56.54 -17.13
CA ALA D 84 -6.72 56.17 -15.90
C ALA D 84 -8.17 56.65 -15.89
N ALA D 85 -8.41 57.85 -16.43
CA ALA D 85 -9.77 58.40 -16.46
C ALA D 85 -10.71 57.53 -17.27
N PHE D 86 -10.22 56.95 -18.37
CA PHE D 86 -11.10 56.08 -19.16
C PHE D 86 -11.30 54.73 -18.48
N GLN D 87 -10.25 54.19 -17.86
CA GLN D 87 -10.39 52.91 -17.16
C GLN D 87 -11.44 53.00 -16.06
N ASP D 88 -11.54 54.15 -15.39
CA ASP D 88 -12.48 54.32 -14.30
C ASP D 88 -13.93 54.37 -14.78
N LYS D 89 -14.17 54.45 -16.09
CA LYS D 89 -15.53 54.37 -16.60
C LYS D 89 -16.06 52.94 -16.69
N LEU D 90 -15.18 51.95 -16.64
CA LEU D 90 -15.56 50.55 -16.71
C LEU D 90 -15.35 49.88 -15.36
N TYR D 91 -16.19 48.89 -15.05
CA TYR D 91 -16.05 48.14 -13.81
C TYR D 91 -14.65 47.53 -13.72
N PRO D 92 -13.96 47.70 -12.59
CA PRO D 92 -12.58 47.18 -12.48
C PRO D 92 -12.42 45.71 -12.83
N PHE D 93 -13.34 44.84 -12.43
CA PHE D 93 -13.12 43.41 -12.67
C PHE D 93 -13.13 43.06 -14.15
N THR D 94 -13.75 43.89 -15.01
CA THR D 94 -13.70 43.61 -16.44
C THR D 94 -12.31 43.85 -17.02
N TRP D 95 -11.53 44.76 -16.43
CA TRP D 95 -10.19 44.99 -16.95
C TRP D 95 -9.29 43.78 -16.72
N ASP D 96 -9.61 42.96 -15.71
CA ASP D 96 -8.84 41.75 -15.45
C ASP D 96 -9.07 40.69 -16.51
N ALA D 97 -10.16 40.78 -17.26
CA ALA D 97 -10.45 39.82 -18.32
C ALA D 97 -9.67 40.09 -19.59
N VAL D 98 -9.03 41.25 -19.71
CA VAL D 98 -8.31 41.61 -20.92
C VAL D 98 -6.84 41.89 -20.63
N ARG D 99 -6.27 41.12 -19.71
CA ARG D 99 -4.85 41.19 -19.40
C ARG D 99 -4.14 39.94 -19.91
N TYR D 100 -3.01 40.15 -20.59
CA TYR D 100 -2.02 39.10 -20.76
C TYR D 100 -0.67 39.67 -20.32
N ASN D 101 0.13 38.84 -19.65
CA ASN D 101 1.28 39.32 -18.89
C ASN D 101 0.75 40.40 -17.95
N GLY D 102 1.34 41.60 -17.90
CA GLY D 102 0.70 42.66 -17.15
C GLY D 102 0.16 43.75 -18.06
N LYS D 103 -0.23 43.37 -19.27
CA LYS D 103 -0.58 44.32 -20.31
C LYS D 103 -2.06 44.21 -20.68
N LEU D 104 -2.71 45.37 -20.76
CA LEU D 104 -4.07 45.45 -21.31
C LEU D 104 -4.04 45.17 -22.80
N ILE D 105 -4.84 44.21 -23.26
CA ILE D 105 -4.79 43.82 -24.68
C ILE D 105 -6.16 43.88 -25.37
N ALA D 106 -7.15 44.50 -24.73
CA ALA D 106 -8.47 44.63 -25.37
C ALA D 106 -9.34 45.53 -24.51
N TYR D 107 -10.39 46.06 -25.15
CA TYR D 107 -11.38 46.85 -24.43
C TYR D 107 -12.56 45.97 -24.06
N PRO D 108 -12.97 45.93 -22.80
CA PRO D 108 -14.18 45.17 -22.45
C PRO D 108 -15.44 45.87 -22.95
N ILE D 109 -16.36 45.08 -23.51
CA ILE D 109 -17.62 45.59 -24.04
C ILE D 109 -18.81 45.09 -23.20
N ALA D 110 -19.01 43.79 -23.12
CA ALA D 110 -20.18 43.19 -22.48
C ALA D 110 -19.73 42.15 -21.47
N VAL D 111 -20.65 41.81 -20.55
CA VAL D 111 -20.36 40.89 -19.45
C VAL D 111 -21.47 39.84 -19.41
N GLU D 112 -21.07 38.57 -19.34
CA GLU D 112 -22.00 37.46 -19.40
C GLU D 112 -21.71 36.44 -18.32
N ALA D 113 -22.77 35.92 -17.70
CA ALA D 113 -22.62 34.85 -16.72
C ALA D 113 -23.97 34.15 -16.54
N LEU D 114 -23.91 32.89 -16.10
CA LEU D 114 -25.09 32.13 -15.75
C LEU D 114 -25.84 32.80 -14.60
N SER D 115 -27.16 32.66 -14.61
CA SER D 115 -28.00 33.07 -13.49
C SER D 115 -28.97 31.96 -13.15
N LEU D 116 -29.66 32.13 -12.02
CA LEU D 116 -30.79 31.29 -11.66
C LEU D 116 -32.07 31.83 -12.31
N ILE D 117 -32.69 31.02 -13.17
CA ILE D 117 -33.96 31.34 -13.82
C ILE D 117 -35.05 30.51 -13.17
N TYR D 118 -36.12 31.17 -12.72
CA TYR D 118 -37.17 30.50 -11.95
C TYR D 118 -38.56 30.87 -12.45
N ASN D 119 -39.48 29.93 -12.28
CA ASN D 119 -40.89 30.09 -12.67
C ASN D 119 -41.63 30.75 -11.51
N LYS D 120 -42.09 31.98 -11.74
CA LYS D 120 -42.74 32.76 -10.69
C LYS D 120 -44.08 32.14 -10.25
N ASP D 121 -44.73 31.39 -11.14
CA ASP D 121 -46.00 30.78 -10.77
C ASP D 121 -45.79 29.57 -9.86
N LEU D 122 -44.81 28.72 -10.18
CA LEU D 122 -44.50 27.59 -9.32
C LEU D 122 -43.75 28.00 -8.08
N LEU D 123 -43.03 29.12 -8.13
CA LEU D 123 -42.04 29.45 -7.11
C LEU D 123 -41.83 30.95 -7.06
N PRO D 124 -42.74 31.71 -6.44
CA PRO D 124 -42.56 33.16 -6.37
C PRO D 124 -41.38 33.59 -5.54
N ASN D 125 -40.93 32.77 -4.59
CA ASN D 125 -39.73 33.04 -3.81
C ASN D 125 -38.67 31.97 -4.07
N PRO D 126 -37.70 32.24 -4.95
CA PRO D 126 -36.69 31.23 -5.22
C PRO D 126 -35.74 31.05 -4.04
N PRO D 127 -35.15 29.87 -3.88
CA PRO D 127 -34.24 29.63 -2.76
C PRO D 127 -32.94 30.43 -2.88
N LYS D 128 -32.46 30.91 -1.73
CA LYS D 128 -31.18 31.59 -1.63
C LYS D 128 -30.00 30.63 -1.53
N THR D 129 -30.22 29.39 -1.09
CA THR D 129 -29.15 28.44 -0.84
C THR D 129 -29.38 27.17 -1.66
N TRP D 130 -28.27 26.53 -2.05
CA TRP D 130 -28.36 25.20 -2.64
C TRP D 130 -28.91 24.20 -1.63
N GLU D 131 -28.60 24.38 -0.35
CA GLU D 131 -28.89 23.35 0.66
C GLU D 131 -30.38 23.09 0.80
N GLU D 132 -31.21 24.08 0.54
CA GLU D 132 -32.66 23.93 0.72
C GLU D 132 -33.38 23.38 -0.50
N ILE D 133 -32.68 23.13 -1.61
CA ILE D 133 -33.29 22.63 -2.84
C ILE D 133 -33.79 21.19 -2.66
N PRO D 134 -33.09 20.29 -1.95
CA PRO D 134 -33.68 18.96 -1.67
C PRO D 134 -35.07 19.02 -1.04
N ALA D 135 -35.23 19.79 0.04
CA ALA D 135 -36.54 19.88 0.68
C ALA D 135 -37.57 20.49 -0.25
N LEU D 136 -37.14 21.48 -1.05
CA LEU D 136 -38.02 22.12 -2.01
C LEU D 136 -38.46 21.17 -3.11
N ASP D 137 -37.54 20.33 -3.60
CA ASP D 137 -37.89 19.35 -4.61
C ASP D 137 -38.92 18.35 -4.09
N LYS D 138 -38.84 18.00 -2.81
CA LYS D 138 -39.83 17.09 -2.24
C LYS D 138 -41.21 17.71 -2.22
N GLU D 139 -41.30 19.00 -1.87
CA GLU D 139 -42.62 19.63 -1.85
CA GLU D 139 -42.59 19.68 -1.86
C GLU D 139 -43.20 19.74 -3.25
N LEU D 140 -42.37 20.06 -4.25
CA LEU D 140 -42.87 20.25 -5.61
C LEU D 140 -43.17 18.93 -6.30
N LYS D 141 -42.40 17.87 -6.02
CA LYS D 141 -42.68 16.58 -6.64
C LYS D 141 -44.03 16.03 -6.22
N ALA D 142 -44.50 16.38 -5.01
CA ALA D 142 -45.83 15.97 -4.57
C ALA D 142 -46.90 16.53 -5.49
N LYS D 143 -46.60 17.60 -6.22
CA LYS D 143 -47.53 18.23 -7.15
C LYS D 143 -47.14 17.97 -8.60
N GLY D 144 -46.26 16.99 -8.84
CA GLY D 144 -45.88 16.63 -10.18
C GLY D 144 -44.84 17.51 -10.83
N LYS D 145 -44.10 18.31 -10.05
CA LYS D 145 -43.10 19.23 -10.58
C LYS D 145 -41.77 18.99 -9.90
N SER D 146 -40.69 19.35 -10.59
CA SER D 146 -39.35 19.29 -10.02
C SER D 146 -38.88 20.68 -9.63
N ALA D 147 -37.86 20.71 -8.76
CA ALA D 147 -37.30 21.99 -8.32
C ALA D 147 -36.38 22.60 -9.37
N LEU D 148 -35.48 21.80 -9.93
CA LEU D 148 -34.33 22.34 -10.64
C LEU D 148 -33.88 21.39 -11.73
N MET D 149 -33.85 21.87 -12.98
CA MET D 149 -33.20 21.13 -14.07
C MET D 149 -32.26 22.05 -14.83
N PHE D 150 -31.02 21.61 -15.00
CA PHE D 150 -30.05 22.34 -15.81
C PHE D 150 -29.02 21.35 -16.36
N ASN D 151 -28.26 21.82 -17.34
CA ASN D 151 -27.32 20.99 -18.09
C ASN D 151 -26.22 20.44 -17.19
N LEU D 152 -26.18 19.12 -17.00
CA LEU D 152 -25.16 18.48 -16.19
C LEU D 152 -24.02 17.88 -17.01
N GLN D 153 -24.12 17.94 -18.34
CA GLN D 153 -23.12 17.29 -19.19
C GLN D 153 -21.88 18.16 -19.40
N GLU D 154 -21.99 19.47 -19.23
CA GLU D 154 -20.93 20.41 -19.57
C GLU D 154 -20.46 21.14 -18.33
N PRO D 155 -19.16 21.12 -18.02
CA PRO D 155 -18.69 21.74 -16.77
C PRO D 155 -18.91 23.24 -16.69
N TYR D 156 -19.11 23.94 -17.81
CA TYR D 156 -19.54 25.34 -17.75
C TYR D 156 -20.75 25.50 -16.84
N PHE D 157 -21.71 24.57 -16.94
CA PHE D 157 -22.95 24.71 -16.17
C PHE D 157 -22.83 24.21 -14.75
N THR D 158 -21.95 23.25 -14.47
CA THR D 158 -21.82 22.71 -13.12
C THR D 158 -20.74 23.41 -12.32
N TRP D 159 -19.81 24.10 -12.98
CA TRP D 159 -18.73 24.79 -12.27
C TRP D 159 -19.19 25.80 -11.22
N PRO D 160 -20.30 26.54 -11.37
CA PRO D 160 -20.65 27.51 -10.32
C PRO D 160 -20.80 26.88 -8.95
N LEU D 161 -21.35 25.68 -8.88
CA LEU D 161 -21.50 25.00 -7.60
C LEU D 161 -20.18 24.39 -7.14
N ILE D 162 -19.46 23.73 -8.06
CA ILE D 162 -18.19 23.11 -7.72
C ILE D 162 -17.17 24.13 -7.20
N ALA D 163 -17.18 25.35 -7.75
CA ALA D 163 -16.19 26.34 -7.35
C ALA D 163 -16.57 27.12 -6.09
N ALA D 164 -17.84 27.06 -5.68
CA ALA D 164 -18.35 27.99 -4.68
C ALA D 164 -17.55 27.94 -3.38
N ASP D 165 -17.17 26.75 -2.95
CA ASP D 165 -16.51 26.54 -1.68
C ASP D 165 -15.00 26.43 -1.81
N GLY D 166 -14.44 26.69 -2.99
CA GLY D 166 -13.00 26.80 -3.13
C GLY D 166 -12.38 26.33 -4.43
N GLY D 167 -13.16 25.72 -5.32
CA GLY D 167 -12.65 25.38 -6.63
C GLY D 167 -12.21 26.61 -7.42
N TYR D 168 -11.21 26.42 -8.27
CA TYR D 168 -10.81 27.43 -9.24
C TYR D 168 -10.12 26.73 -10.40
N ALA D 169 -10.11 27.42 -11.55
CA ALA D 169 -9.46 26.84 -12.73
C ALA D 169 -7.94 27.05 -12.67
N PHE D 170 -7.49 28.29 -12.80
CA PHE D 170 -6.09 28.63 -12.67
C PHE D 170 -5.93 29.82 -11.74
N LYS D 171 -4.95 29.76 -10.84
CA LYS D 171 -4.69 30.87 -9.94
C LYS D 171 -4.26 32.11 -10.72
N TYR D 172 -4.85 33.25 -10.37
CA TYR D 172 -4.66 34.53 -11.05
C TYR D 172 -4.04 35.58 -10.14
N ALA D 173 -2.93 36.18 -10.57
CA ALA D 173 -2.29 37.21 -9.76
C ALA D 173 -1.44 38.12 -10.64
N ALA D 174 -1.58 39.43 -10.45
CA ALA D 174 -0.87 40.46 -11.23
C ALA D 174 -1.09 40.31 -12.73
N GLY D 175 -2.33 40.06 -13.12
CA GLY D 175 -2.66 39.92 -14.53
C GLY D 175 -2.14 38.66 -15.18
N LYS D 176 -1.71 37.66 -14.42
CA LYS D 176 -1.13 36.46 -14.99
C LYS D 176 -1.76 35.23 -14.36
N TYR D 177 -1.87 34.17 -15.15
CA TYR D 177 -2.30 32.86 -14.68
C TYR D 177 -1.09 31.94 -14.49
N ASP D 178 -1.05 31.27 -13.34
CA ASP D 178 -0.05 30.23 -13.08
C ASP D 178 -0.63 28.93 -13.62
N ILE D 179 -0.13 28.49 -14.79
CA ILE D 179 -0.64 27.30 -15.46
C ILE D 179 -0.31 26.04 -14.67
N LYS D 180 0.44 26.19 -13.58
CA LYS D 180 0.79 25.05 -12.74
C LYS D 180 -0.14 24.90 -11.54
N ASP D 181 -1.00 25.89 -11.28
CA ASP D 181 -1.82 25.92 -10.06
C ASP D 181 -3.29 25.80 -10.47
N VAL D 182 -3.80 24.56 -10.45
CA VAL D 182 -5.19 24.26 -10.81
C VAL D 182 -5.93 23.92 -9.53
N GLY D 183 -7.17 24.40 -9.42
CA GLY D 183 -7.94 24.23 -8.20
C GLY D 183 -9.10 23.27 -8.34
N VAL D 184 -8.82 22.06 -8.83
CA VAL D 184 -9.88 21.11 -9.16
C VAL D 184 -10.08 20.05 -8.07
N ASP D 185 -9.02 19.71 -7.32
CA ASP D 185 -9.09 18.62 -6.35
C ASP D 185 -8.87 19.09 -4.91
N ASN D 186 -9.19 20.34 -4.62
CA ASN D 186 -9.14 20.80 -3.24
C ASN D 186 -10.44 20.46 -2.51
N ALA D 187 -10.49 20.76 -1.22
CA ALA D 187 -11.65 20.40 -0.41
C ALA D 187 -12.91 21.13 -0.87
N GLY D 188 -12.76 22.37 -1.35
CA GLY D 188 -13.93 23.12 -1.81
C GLY D 188 -14.57 22.51 -3.03
N ALA D 189 -13.77 22.15 -4.03
CA ALA D 189 -14.33 21.50 -5.21
C ALA D 189 -14.99 20.18 -4.87
N LYS D 190 -14.36 19.40 -3.96
CA LYS D 190 -14.93 18.13 -3.54
C LYS D 190 -16.29 18.32 -2.88
N ALA D 191 -16.40 19.29 -1.97
CA ALA D 191 -17.67 19.56 -1.31
C ALA D 191 -18.75 19.92 -2.33
N GLY D 192 -18.42 20.81 -3.27
CA GLY D 192 -19.37 21.20 -4.30
C GLY D 192 -19.81 20.05 -5.18
N LEU D 193 -18.85 19.25 -5.66
CA LEU D 193 -19.21 18.12 -6.52
C LEU D 193 -19.94 17.04 -5.74
N THR D 194 -19.60 16.86 -4.47
CA THR D 194 -20.32 15.91 -3.63
C THR D 194 -21.78 16.30 -3.48
N PHE D 195 -22.04 17.60 -3.27
CA PHE D 195 -23.43 18.05 -3.20
C PHE D 195 -24.15 17.76 -4.51
N LEU D 196 -23.51 18.06 -5.64
CA LEU D 196 -24.12 17.78 -6.93
C LEU D 196 -24.44 16.30 -7.07
N VAL D 197 -23.47 15.43 -6.75
CA VAL D 197 -23.70 14.00 -6.84
C VAL D 197 -24.79 13.57 -5.87
N ASP D 198 -24.82 14.18 -4.67
CA ASP D 198 -25.90 13.90 -3.72
C ASP D 198 -27.27 14.24 -4.29
N LEU D 199 -27.37 15.35 -5.03
CA LEU D 199 -28.63 15.69 -5.67
C LEU D 199 -29.10 14.58 -6.62
N ILE D 200 -28.15 13.96 -7.33
CA ILE D 200 -28.50 12.90 -8.27
C ILE D 200 -28.81 11.60 -7.55
N LYS D 201 -28.02 11.25 -6.54
CA LYS D 201 -28.27 10.00 -5.83
C LYS D 201 -29.60 10.00 -5.09
N ASN D 202 -30.03 11.16 -4.61
CA ASN D 202 -31.32 11.30 -3.95
C ASN D 202 -32.46 11.61 -4.91
N LYS D 203 -32.24 11.50 -6.22
CA LYS D 203 -33.27 11.61 -7.24
C LYS D 203 -33.84 13.02 -7.37
N HIS D 204 -33.10 14.05 -6.94
CA HIS D 204 -33.54 15.41 -7.21
C HIS D 204 -33.14 15.89 -8.59
N MET D 205 -32.18 15.21 -9.22
CA MET D 205 -31.79 15.47 -10.60
C MET D 205 -31.36 14.15 -11.22
N ASN D 206 -31.33 14.11 -12.55
CA ASN D 206 -30.91 12.92 -13.28
CA ASN D 206 -30.94 12.93 -13.32
C ASN D 206 -29.61 13.20 -14.01
N ALA D 207 -28.70 12.22 -13.99
CA ALA D 207 -27.35 12.42 -14.49
C ALA D 207 -27.31 12.63 -16.00
N ASP D 208 -28.39 12.35 -16.72
CA ASP D 208 -28.42 12.49 -18.17
C ASP D 208 -29.02 13.81 -18.64
N THR D 209 -29.45 14.67 -17.73
CA THR D 209 -30.04 15.94 -18.14
C THR D 209 -29.01 16.79 -18.88
N ASP D 210 -29.36 17.22 -20.09
CA ASP D 210 -28.49 18.03 -20.92
C ASP D 210 -29.19 19.37 -21.20
N TYR D 211 -28.59 20.16 -22.10
CA TYR D 211 -29.11 21.49 -22.37
C TYR D 211 -30.53 21.44 -22.91
N SER D 212 -30.80 20.58 -23.89
CA SER D 212 -32.12 20.56 -24.51
CA SER D 212 -32.13 20.58 -24.50
C SER D 212 -33.19 20.05 -23.54
N ILE D 213 -32.87 19.00 -22.79
CA ILE D 213 -33.85 18.45 -21.85
C ILE D 213 -34.22 19.48 -20.80
N ALA D 214 -33.22 20.17 -20.25
CA ALA D 214 -33.49 21.16 -19.22
C ALA D 214 -34.29 22.33 -19.77
N GLU D 215 -33.91 22.83 -20.94
CA GLU D 215 -34.63 23.94 -21.56
C GLU D 215 -36.07 23.58 -21.83
N ALA D 216 -36.31 22.40 -22.40
CA ALA D 216 -37.68 21.96 -22.67
C ALA D 216 -38.50 21.88 -21.40
N ALA D 217 -37.92 21.31 -20.33
CA ALA D 217 -38.69 21.12 -19.10
C ALA D 217 -39.05 22.46 -18.47
N PHE D 218 -38.13 23.41 -18.46
CA PHE D 218 -38.44 24.71 -17.88
C PHE D 218 -39.44 25.48 -18.74
N ASN D 219 -39.29 25.38 -20.06
CA ASN D 219 -40.14 26.18 -20.94
C ASN D 219 -41.55 25.62 -20.98
N LYS D 220 -41.72 24.32 -20.74
CA LYS D 220 -43.05 23.71 -20.62
C LYS D 220 -43.58 23.73 -19.18
N GLY D 221 -42.93 24.48 -18.29
CA GLY D 221 -43.40 24.60 -16.93
C GLY D 221 -43.36 23.33 -16.10
N GLU D 222 -42.46 22.42 -16.41
CA GLU D 222 -42.34 21.16 -15.69
C GLU D 222 -41.38 21.24 -14.51
N THR D 223 -40.42 22.15 -14.55
CA THR D 223 -39.49 22.36 -13.44
C THR D 223 -39.54 23.82 -13.01
N ALA D 224 -39.36 24.05 -11.71
CA ALA D 224 -39.51 25.39 -11.17
C ALA D 224 -38.30 26.29 -11.45
N MET D 225 -37.12 25.71 -11.67
CA MET D 225 -35.89 26.49 -11.85
CA MET D 225 -35.92 26.51 -11.90
C MET D 225 -35.03 25.83 -12.93
N THR D 226 -34.18 26.65 -13.53
CA THR D 226 -33.10 26.18 -14.41
C THR D 226 -31.93 27.13 -14.21
N ILE D 227 -30.79 26.77 -14.79
CA ILE D 227 -29.60 27.63 -14.74
C ILE D 227 -29.17 27.89 -16.17
N ASN D 228 -29.12 29.16 -16.55
CA ASN D 228 -28.80 29.47 -17.94
C ASN D 228 -28.37 30.93 -18.05
N GLY D 229 -27.93 31.29 -19.25
CA GLY D 229 -27.46 32.62 -19.52
C GLY D 229 -28.42 33.42 -20.37
N PRO D 230 -28.02 34.66 -20.67
CA PRO D 230 -28.92 35.57 -21.43
C PRO D 230 -29.28 35.07 -22.81
N TRP D 231 -28.44 34.26 -23.45
CA TRP D 231 -28.77 33.71 -24.77
C TRP D 231 -30.07 32.90 -24.74
N ALA D 232 -30.50 32.44 -23.57
CA ALA D 232 -31.68 31.60 -23.44
C ALA D 232 -32.97 32.37 -23.20
N TRP D 233 -32.89 33.65 -22.83
CA TRP D 233 -34.08 34.40 -22.44
C TRP D 233 -35.13 34.42 -23.54
N SER D 234 -34.71 34.65 -24.78
CA SER D 234 -35.68 34.83 -25.85
C SER D 234 -36.50 33.57 -26.11
N ASN D 235 -35.96 32.39 -25.77
CA ASN D 235 -36.73 31.17 -25.95
C ASN D 235 -37.73 30.97 -24.82
N ILE D 236 -37.50 31.61 -23.66
CA ILE D 236 -38.49 31.55 -22.61
C ILE D 236 -39.56 32.60 -22.87
N ASP D 237 -39.18 33.72 -23.49
CA ASP D 237 -40.15 34.74 -23.88
C ASP D 237 -41.21 34.15 -24.82
N THR D 238 -40.77 33.41 -25.83
CA THR D 238 -41.71 32.77 -26.75
C THR D 238 -42.46 31.60 -26.11
N SER D 239 -42.03 31.14 -24.94
N SER D 239 -42.15 31.26 -24.86
CA SER D 239 -42.77 30.11 -24.23
CA SER D 239 -42.84 30.21 -24.14
C SER D 239 -43.88 30.70 -23.38
C SER D 239 -43.91 30.79 -23.22
N ALA D 240 -43.81 32.01 -23.12
N ALA D 240 -44.76 29.90 -22.71
CA ALA D 240 -44.70 32.81 -22.30
CA ALA D 240 -45.82 30.27 -21.77
C ALA D 240 -44.42 32.68 -20.80
C ALA D 240 -45.35 30.21 -20.32
N VAL D 241 -43.75 31.59 -20.40
N VAL D 241 -44.27 30.93 -20.00
CA VAL D 241 -43.61 31.25 -18.97
CA VAL D 241 -43.69 30.88 -18.65
C VAL D 241 -43.27 32.48 -18.16
C VAL D 241 -43.40 32.31 -18.19
N ASN D 242 -43.97 32.68 -17.04
CA ASN D 242 -43.69 33.89 -16.27
C ASN D 242 -42.43 33.64 -15.44
N TYR D 243 -41.30 34.11 -15.94
CA TYR D 243 -40.02 33.76 -15.37
C TYR D 243 -39.33 34.96 -14.73
N GLY D 244 -38.41 34.64 -13.81
CA GLY D 244 -37.51 35.59 -13.23
C GLY D 244 -36.08 35.13 -13.38
N VAL D 245 -35.16 36.06 -13.11
CA VAL D 245 -33.73 35.82 -13.22
C VAL D 245 -33.09 36.48 -12.01
N THR D 246 -32.29 35.73 -11.26
CA THR D 246 -31.86 36.20 -9.95
C THR D 246 -30.48 35.66 -9.63
N VAL D 247 -29.96 36.04 -8.46
CA VAL D 247 -28.67 35.56 -8.00
C VAL D 247 -28.70 34.05 -7.82
N LEU D 248 -27.59 33.40 -8.19
CA LEU D 248 -27.47 31.97 -7.99
C LEU D 248 -27.51 31.64 -6.50
N PRO D 249 -27.94 30.43 -6.13
CA PRO D 249 -27.96 30.09 -4.71
C PRO D 249 -26.54 29.98 -4.17
N THR D 250 -26.40 30.32 -2.89
CA THR D 250 -25.12 30.11 -2.23
C THR D 250 -24.95 28.65 -1.84
N PHE D 251 -23.69 28.26 -1.66
CA PHE D 251 -23.36 26.92 -1.17
C PHE D 251 -22.41 27.07 0.01
N LYS D 252 -22.81 26.53 1.16
CA LYS D 252 -22.06 26.67 2.40
C LYS D 252 -21.79 28.13 2.75
N GLY D 253 -22.81 28.97 2.56
CA GLY D 253 -22.72 30.38 2.88
C GLY D 253 -21.93 31.22 1.91
N GLN D 254 -21.49 30.66 0.79
CA GLN D 254 -20.63 31.30 -0.20
C GLN D 254 -21.31 31.39 -1.56
N PRO D 255 -21.12 32.48 -2.30
CA PRO D 255 -21.78 32.62 -3.60
C PRO D 255 -21.36 31.52 -4.56
N SER D 256 -22.29 31.11 -5.41
CA SER D 256 -21.90 30.36 -6.61
C SER D 256 -20.99 31.24 -7.47
N LYS D 257 -20.05 30.60 -8.17
CA LYS D 257 -19.04 31.29 -8.96
C LYS D 257 -19.08 30.80 -10.40
N PRO D 258 -19.98 31.33 -11.21
CA PRO D 258 -19.99 30.99 -12.64
C PRO D 258 -18.80 31.62 -13.37
N PHE D 259 -18.44 30.99 -14.49
CA PHE D 259 -17.46 31.58 -15.39
C PHE D 259 -18.02 32.85 -16.04
N VAL D 260 -17.18 33.89 -16.09
CA VAL D 260 -17.55 35.17 -16.67
C VAL D 260 -16.97 35.26 -18.07
N GLY D 261 -17.83 35.54 -19.04
CA GLY D 261 -17.40 35.86 -20.40
C GLY D 261 -17.55 37.36 -20.66
N VAL D 262 -16.49 37.95 -21.20
CA VAL D 262 -16.44 39.38 -21.45
C VAL D 262 -16.19 39.57 -22.95
N LEU D 263 -17.22 40.01 -23.67
CA LEU D 263 -17.04 40.37 -25.06
C LEU D 263 -16.06 41.54 -25.15
N SER D 264 -15.03 41.37 -25.96
CA SER D 264 -13.92 42.32 -25.95
C SER D 264 -13.53 42.71 -27.37
N ALA D 265 -12.96 43.90 -27.48
CA ALA D 265 -12.53 44.47 -28.76
C ALA D 265 -11.02 44.62 -28.72
N GLY D 266 -10.34 43.84 -29.56
CA GLY D 266 -8.89 43.87 -29.65
C GLY D 266 -8.42 44.59 -30.91
N ILE D 267 -7.27 45.25 -30.81
CA ILE D 267 -6.67 45.96 -31.92
C ILE D 267 -5.55 45.10 -32.51
N ASN D 268 -5.68 44.79 -33.81
CA ASN D 268 -4.67 44.05 -34.55
C ASN D 268 -3.30 44.70 -34.43
N ALA D 269 -2.30 43.89 -34.05
CA ALA D 269 -0.94 44.42 -33.88
C ALA D 269 -0.35 44.92 -35.19
N ALA D 270 -0.80 44.36 -36.32
CA ALA D 270 -0.34 44.77 -37.63
C ALA D 270 -1.11 45.97 -38.19
N SER D 271 -2.06 46.51 -37.44
CA SER D 271 -2.85 47.63 -37.93
C SER D 271 -2.02 48.90 -37.98
N PRO D 272 -2.03 49.64 -39.08
CA PRO D 272 -1.49 51.01 -39.09
C PRO D 272 -2.46 52.07 -38.60
N ASN D 273 -3.61 51.67 -38.05
CA ASN D 273 -4.66 52.59 -37.64
C ASN D 273 -5.00 52.43 -36.16
N LYS D 274 -3.97 52.23 -35.33
CA LYS D 274 -4.19 51.96 -33.91
C LYS D 274 -4.81 53.16 -33.21
N GLU D 275 -4.37 54.37 -33.55
CA GLU D 275 -4.93 55.56 -32.92
C GLU D 275 -6.38 55.76 -33.33
N LEU D 276 -6.70 55.52 -34.61
CA LEU D 276 -8.10 55.56 -35.05
C LEU D 276 -8.94 54.56 -34.27
N ALA D 277 -8.45 53.32 -34.16
CA ALA D 277 -9.18 52.29 -33.44
C ALA D 277 -9.40 52.70 -31.98
N LYS D 278 -8.37 53.25 -31.34
CA LYS D 278 -8.52 53.73 -29.96
C LYS D 278 -9.57 54.82 -29.86
N GLU D 279 -9.53 55.80 -30.78
CA GLU D 279 -10.52 56.86 -30.76
C GLU D 279 -11.92 56.32 -30.94
N PHE D 280 -12.10 55.40 -31.89
CA PHE D 280 -13.42 54.81 -32.13
C PHE D 280 -13.96 54.09 -30.90
N LEU D 281 -13.14 53.23 -30.31
CA LEU D 281 -13.63 52.37 -29.23
C LEU D 281 -13.93 53.16 -27.96
N GLU D 282 -13.04 54.08 -27.60
CA GLU D 282 -13.15 54.77 -26.32
C GLU D 282 -14.23 55.84 -26.35
N ASN D 283 -14.24 56.66 -27.41
CA ASN D 283 -15.05 57.86 -27.46
C ASN D 283 -16.25 57.76 -28.38
N TYR D 284 -16.40 56.66 -29.12
CA TYR D 284 -17.63 56.43 -29.88
C TYR D 284 -18.39 55.21 -29.39
N LEU D 285 -17.76 54.02 -29.36
CA LEU D 285 -18.49 52.82 -28.99
C LEU D 285 -18.79 52.80 -27.50
N LEU D 286 -17.76 52.94 -26.67
CA LEU D 286 -17.89 52.81 -25.22
C LEU D 286 -18.46 54.09 -24.60
N THR D 287 -19.62 54.49 -25.12
CA THR D 287 -20.43 55.55 -24.58
C THR D 287 -21.86 55.05 -24.45
N ASP D 288 -22.68 55.78 -23.68
CA ASP D 288 -24.10 55.46 -23.63
C ASP D 288 -24.71 55.41 -25.02
N GLU D 289 -24.41 56.41 -25.85
CA GLU D 289 -24.96 56.48 -27.19
C GLU D 289 -24.48 55.34 -28.07
N GLY D 290 -23.18 55.01 -28.00
CA GLY D 290 -22.65 53.95 -28.83
C GLY D 290 -23.14 52.57 -28.44
N LEU D 291 -23.13 52.26 -27.15
CA LEU D 291 -23.62 50.96 -26.71
C LEU D 291 -25.12 50.85 -26.95
N GLU D 292 -25.85 51.94 -26.73
CA GLU D 292 -27.28 51.97 -27.05
C GLU D 292 -27.53 51.62 -28.52
N ALA D 293 -26.72 52.18 -29.41
CA ALA D 293 -26.84 51.84 -30.83
C ALA D 293 -26.70 50.33 -31.06
N VAL D 294 -25.67 49.72 -30.47
CA VAL D 294 -25.47 48.29 -30.64
C VAL D 294 -26.56 47.49 -29.95
N ASN D 295 -26.94 47.91 -28.74
CA ASN D 295 -27.86 47.14 -27.93
C ASN D 295 -29.26 47.09 -28.55
N LYS D 296 -29.72 48.22 -29.11
CA LYS D 296 -31.03 48.23 -29.76
C LYS D 296 -31.06 47.31 -30.98
N ASP D 297 -29.93 47.11 -31.66
CA ASP D 297 -29.90 46.16 -32.76
C ASP D 297 -29.99 44.72 -32.23
N LYS D 298 -29.07 44.35 -31.33
CA LYS D 298 -29.13 43.08 -30.65
C LYS D 298 -28.62 43.30 -29.23
N PRO D 299 -29.36 42.84 -28.22
CA PRO D 299 -28.99 43.15 -26.84
C PRO D 299 -27.61 42.62 -26.49
N LEU D 300 -26.89 43.40 -25.68
CA LEU D 300 -25.56 43.02 -25.23
C LEU D 300 -25.58 42.23 -23.93
N GLY D 301 -26.68 42.29 -23.19
CA GLY D 301 -26.68 41.76 -21.84
C GLY D 301 -26.24 42.85 -20.89
N ALA D 302 -25.38 42.52 -19.94
CA ALA D 302 -24.76 43.52 -19.09
C ALA D 302 -23.51 44.05 -19.78
N VAL D 303 -23.17 45.31 -19.50
CA VAL D 303 -22.06 45.96 -20.16
C VAL D 303 -21.04 46.38 -19.12
N ALA D 304 -19.80 46.55 -19.57
CA ALA D 304 -18.72 46.93 -18.67
C ALA D 304 -18.70 48.42 -18.38
N LEU D 305 -19.32 49.22 -19.24
CA LEU D 305 -19.35 50.67 -19.04
C LEU D 305 -20.36 50.99 -17.96
N LYS D 306 -19.88 51.58 -16.85
CA LYS D 306 -20.73 51.84 -15.69
C LYS D 306 -21.96 52.65 -16.08
N SER D 307 -21.75 53.76 -16.79
CA SER D 307 -22.83 54.70 -17.07
C SER D 307 -24.01 54.02 -17.76
N TYR D 308 -23.75 53.17 -18.76
CA TYR D 308 -24.84 52.53 -19.46
C TYR D 308 -25.36 51.28 -18.74
N GLU D 309 -24.49 50.59 -17.99
CA GLU D 309 -24.96 49.49 -17.17
C GLU D 309 -25.98 49.98 -16.15
N GLU D 310 -25.75 51.17 -15.59
CA GLU D 310 -26.67 51.78 -14.65
C GLU D 310 -28.07 51.91 -15.26
N GLU D 311 -28.15 52.13 -16.57
CA GLU D 311 -29.45 52.18 -17.23
C GLU D 311 -30.00 50.77 -17.52
N LEU D 312 -29.16 49.89 -18.09
CA LEU D 312 -29.62 48.55 -18.45
C LEU D 312 -30.03 47.74 -17.22
N ALA D 313 -29.37 47.96 -16.09
CA ALA D 313 -29.63 47.19 -14.88
C ALA D 313 -30.99 47.50 -14.25
N LYS D 314 -31.72 48.47 -14.79
CA LYS D 314 -33.10 48.67 -14.38
C LYS D 314 -33.95 47.43 -14.68
N ASP D 315 -33.56 46.66 -15.69
CA ASP D 315 -34.08 45.33 -15.99
C ASP D 315 -33.45 44.37 -14.99
N PRO D 316 -34.25 43.76 -14.09
CA PRO D 316 -33.67 42.90 -13.06
C PRO D 316 -32.93 41.69 -13.60
N ARG D 317 -33.25 41.22 -14.81
CA ARG D 317 -32.49 40.12 -15.40
C ARG D 317 -31.05 40.54 -15.67
N ILE D 318 -30.85 41.77 -16.12
CA ILE D 318 -29.50 42.28 -16.37
C ILE D 318 -28.77 42.57 -15.06
N ALA D 319 -29.48 43.15 -14.09
CA ALA D 319 -28.87 43.36 -12.77
C ALA D 319 -28.42 42.04 -12.16
N ALA D 320 -29.18 40.96 -12.40
CA ALA D 320 -28.79 39.66 -11.88
C ALA D 320 -27.56 39.13 -12.60
N THR D 321 -27.55 39.22 -13.93
CA THR D 321 -26.39 38.81 -14.71
C THR D 321 -25.11 39.50 -14.25
N MET D 322 -25.17 40.82 -13.99
CA MET D 322 -23.98 41.51 -13.51
C MET D 322 -23.63 41.06 -12.09
N GLU D 323 -24.63 40.81 -11.26
CA GLU D 323 -24.34 40.41 -9.88
C GLU D 323 -23.70 39.03 -9.83
N ASN D 324 -24.21 38.07 -10.61
CA ASN D 324 -23.56 36.76 -10.65
C ASN D 324 -22.15 36.86 -11.22
N ALA D 325 -21.96 37.71 -12.24
CA ALA D 325 -20.63 37.91 -12.81
C ALA D 325 -19.66 38.47 -11.78
N GLN D 326 -20.07 39.50 -11.03
CA GLN D 326 -19.17 40.12 -10.07
C GLN D 326 -18.72 39.13 -9.00
N LYS D 327 -19.57 38.15 -8.68
CA LYS D 327 -19.24 37.12 -7.71
C LYS D 327 -18.55 35.92 -8.33
N GLY D 328 -18.43 35.87 -9.66
CA GLY D 328 -17.93 34.71 -10.34
C GLY D 328 -16.44 34.72 -10.60
N GLU D 329 -16.02 33.85 -11.51
CA GLU D 329 -14.62 33.65 -11.85
C GLU D 329 -14.48 34.00 -13.31
N ILE D 330 -13.64 35.01 -13.61
CA ILE D 330 -13.31 35.30 -14.99
C ILE D 330 -12.74 34.06 -15.62
N MET D 331 -13.28 33.67 -16.77
CA MET D 331 -12.73 32.56 -17.51
C MET D 331 -11.29 32.86 -17.92
N PRO D 332 -10.31 32.04 -17.49
CA PRO D 332 -8.92 32.28 -17.87
C PRO D 332 -8.75 32.30 -19.38
N ASN D 333 -7.95 33.24 -19.87
CA ASN D 333 -7.80 33.46 -21.29
C ASN D 333 -6.58 32.76 -21.89
N ILE D 334 -6.14 31.68 -21.25
CA ILE D 334 -4.93 30.98 -21.72
C ILE D 334 -5.34 29.70 -22.45
N PRO D 335 -4.56 29.24 -23.44
CA PRO D 335 -4.94 28.00 -24.14
C PRO D 335 -4.88 26.75 -23.27
N GLN D 336 -4.30 26.82 -22.07
CA GLN D 336 -4.29 25.66 -21.18
C GLN D 336 -5.69 25.31 -20.68
N MET D 337 -6.67 26.21 -20.85
CA MET D 337 -8.04 25.91 -20.48
C MET D 337 -8.58 24.71 -21.23
N SER D 338 -8.03 24.41 -22.42
CA SER D 338 -8.52 23.27 -23.19
C SER D 338 -8.38 21.98 -22.40
N ALA D 339 -7.25 21.81 -21.71
CA ALA D 339 -7.07 20.63 -20.87
C ALA D 339 -7.94 20.69 -19.63
N PHE D 340 -8.18 21.89 -19.08
CA PHE D 340 -9.08 22.02 -17.95
C PHE D 340 -10.48 21.53 -18.29
N TRP D 341 -11.02 21.99 -19.42
CA TRP D 341 -12.39 21.65 -19.78
C TRP D 341 -12.57 20.14 -19.90
N TYR D 342 -11.68 19.46 -20.62
CA TYR D 342 -11.85 18.03 -20.85
C TYR D 342 -11.65 17.24 -19.57
N ALA D 343 -10.70 17.65 -18.72
CA ALA D 343 -10.50 16.98 -17.44
C ALA D 343 -11.75 17.10 -16.57
N VAL D 344 -12.25 18.32 -16.39
CA VAL D 344 -13.38 18.51 -15.48
C VAL D 344 -14.64 17.90 -16.06
N ARG D 345 -14.80 17.96 -17.39
CA ARG D 345 -15.96 17.33 -18.01
C ARG D 345 -16.00 15.83 -17.70
N THR D 346 -14.87 15.15 -17.86
CA THR D 346 -14.82 13.72 -17.55
C THR D 346 -15.13 13.46 -16.08
N ALA D 347 -14.50 14.22 -15.18
CA ALA D 347 -14.71 14.03 -13.75
C ALA D 347 -16.18 14.16 -13.36
N VAL D 348 -16.85 15.21 -13.84
CA VAL D 348 -18.24 15.44 -13.47
C VAL D 348 -19.11 14.29 -13.98
N ILE D 349 -18.89 13.90 -15.24
CA ILE D 349 -19.69 12.81 -15.83
C ILE D 349 -19.45 11.51 -15.06
N ASN D 350 -18.19 11.22 -14.76
CA ASN D 350 -17.86 9.99 -14.06
C ASN D 350 -18.44 9.97 -12.64
N ALA D 351 -18.29 11.07 -11.90
CA ALA D 351 -18.78 11.11 -10.53
C ALA D 351 -20.31 11.06 -10.50
N ALA D 352 -20.96 11.78 -11.43
CA ALA D 352 -22.42 11.86 -11.41
C ALA D 352 -23.04 10.52 -11.78
N SER D 353 -22.44 9.81 -12.74
CA SER D 353 -22.95 8.49 -13.11
C SER D 353 -22.44 7.39 -12.19
N GLY D 354 -21.64 7.74 -11.18
CA GLY D 354 -21.14 6.76 -10.23
C GLY D 354 -20.00 5.89 -10.69
N ARG D 355 -19.40 6.17 -11.86
CA ARG D 355 -18.29 5.35 -12.32
C ARG D 355 -17.11 5.42 -11.35
N GLN D 356 -16.97 6.52 -10.63
CA GLN D 356 -15.92 6.65 -9.63
C GLN D 356 -16.38 7.58 -8.53
N THR D 357 -15.64 7.56 -7.42
CA THR D 357 -15.89 8.48 -6.32
C THR D 357 -15.53 9.91 -6.70
N VAL D 358 -16.08 10.86 -5.93
CA VAL D 358 -15.76 12.27 -6.12
C VAL D 358 -14.26 12.49 -6.00
N ASP D 359 -13.63 11.85 -5.02
CA ASP D 359 -12.21 12.05 -4.77
C ASP D 359 -11.38 11.55 -5.94
N ALA D 360 -11.66 10.35 -6.43
CA ALA D 360 -10.92 9.82 -7.57
C ALA D 360 -11.18 10.64 -8.83
N ALA D 361 -12.44 11.04 -9.05
CA ALA D 361 -12.78 11.82 -10.22
C ALA D 361 -11.97 13.12 -10.27
N LEU D 362 -11.87 13.81 -9.14
CA LEU D 362 -11.20 15.11 -9.14
C LEU D 362 -9.69 14.96 -9.10
N ALA D 363 -9.17 13.98 -8.34
CA ALA D 363 -7.74 13.67 -8.39
C ALA D 363 -7.27 13.41 -9.82
N ALA D 364 -8.00 12.56 -10.55
CA ALA D 364 -7.67 12.32 -11.95
C ALA D 364 -7.79 13.59 -12.78
N ALA D 365 -8.80 14.43 -12.49
CA ALA D 365 -8.98 15.65 -13.26
C ALA D 365 -7.85 16.65 -13.01
N GLN D 366 -7.45 16.83 -11.74
CA GLN D 366 -6.32 17.67 -11.42
C GLN D 366 -5.07 17.26 -12.20
N THR D 367 -4.79 15.96 -12.21
CA THR D 367 -3.66 15.44 -12.99
C THR D 367 -3.81 15.78 -14.47
N ASN D 368 -4.97 15.45 -15.06
CA ASN D 368 -5.17 15.66 -16.49
C ASN D 368 -5.05 17.13 -16.86
N ALA D 369 -5.33 18.03 -15.92
CA ALA D 369 -5.32 19.45 -16.21
C ALA D 369 -3.96 20.11 -15.97
N ALA D 370 -3.16 19.58 -15.02
CA ALA D 370 -1.98 20.29 -14.54
C ALA D 370 -0.67 19.54 -14.71
N ALA D 371 -0.69 18.20 -14.74
CA ALA D 371 0.54 17.43 -14.65
C ALA D 371 1.53 17.77 -15.75
N LYS D 372 1.08 17.81 -17.00
CA LYS D 372 1.97 18.11 -18.12
C LYS D 372 2.63 19.46 -17.97
N ASN D 373 1.89 20.47 -17.51
CA ASN D 373 2.48 21.79 -17.36
C ASN D 373 3.47 21.83 -16.21
N ILE D 374 3.19 21.09 -15.14
CA ILE D 374 4.08 21.05 -13.99
C ILE D 374 5.41 20.39 -14.37
N GLU D 375 5.34 19.28 -15.10
CA GLU D 375 6.56 18.59 -15.51
C GLU D 375 7.38 19.43 -16.49
N LYS D 376 6.71 20.06 -17.48
CA LYS D 376 7.44 20.95 -18.39
C LYS D 376 8.24 21.99 -17.62
N ALA D 377 7.63 22.58 -16.58
CA ALA D 377 8.34 23.55 -15.77
C ALA D 377 9.53 22.92 -15.06
N LYS D 378 9.34 21.71 -14.53
CA LYS D 378 10.42 21.05 -13.82
C LYS D 378 11.55 20.64 -14.76
N ILE D 379 11.22 20.17 -15.97
CA ILE D 379 12.25 19.84 -16.94
C ILE D 379 13.06 21.09 -17.29
N ALA D 380 12.36 22.19 -17.58
CA ALA D 380 13.03 23.44 -17.93
C ALA D 380 13.94 23.92 -16.81
N LYS D 381 13.50 23.79 -15.56
CA LYS D 381 14.33 24.21 -14.44
C LYS D 381 15.52 23.27 -14.26
N LEU D 382 15.32 21.97 -14.51
CA LEU D 382 16.43 21.03 -14.49
C LEU D 382 17.49 21.41 -15.52
N GLU D 383 17.04 21.76 -16.73
CA GLU D 383 17.97 22.18 -17.79
C GLU D 383 18.62 23.51 -17.46
N ALA D 384 17.91 24.41 -16.76
CA ALA D 384 18.54 25.63 -16.28
C ALA D 384 19.67 25.32 -15.31
N ASP D 385 19.47 24.34 -14.43
CA ASP D 385 20.53 23.93 -13.51
C ASP D 385 21.72 23.36 -14.28
N ILE D 386 21.46 22.58 -15.32
CA ILE D 386 22.55 22.01 -16.12
C ILE D 386 23.37 23.11 -16.77
N SER D 387 22.70 24.09 -17.38
CA SER D 387 23.40 25.21 -17.99
C SER D 387 24.11 26.06 -16.94
N ALA D 388 23.55 26.14 -15.74
CA ALA D 388 24.21 26.91 -14.69
C ALA D 388 25.50 26.23 -14.23
N ILE D 389 25.47 24.90 -14.13
CA ILE D 389 26.68 24.16 -13.76
C ILE D 389 27.73 24.26 -14.85
N LYS D 390 27.32 24.13 -16.12
CA LYS D 390 28.26 24.22 -17.22
C LYS D 390 28.91 25.60 -17.29
N SER D 391 28.12 26.66 -17.05
CA SER D 391 28.66 28.01 -17.05
C SER D 391 29.74 28.18 -15.99
N ALA D 392 29.46 27.74 -14.76
CA ALA D 392 30.40 27.92 -13.67
C ALA D 392 31.70 27.15 -13.93
N SER D 393 31.60 25.92 -14.43
CA SER D 393 32.79 25.16 -14.78
C SER D 393 33.60 25.86 -15.87
N LEU D 394 32.91 26.43 -16.85
CA LEU D 394 33.60 27.19 -17.90
C LEU D 394 34.28 28.43 -17.33
N SER D 395 33.60 29.14 -16.42
CA SER D 395 34.21 30.29 -15.77
C SER D 395 35.45 29.90 -14.99
N TYR D 396 35.48 28.68 -14.45
CA TYR D 396 36.64 28.23 -13.70
C TYR D 396 37.84 28.07 -14.63
N TYR D 397 37.64 27.45 -15.80
CA TYR D 397 38.71 27.30 -16.78
C TYR D 397 39.27 28.65 -17.20
N ALA D 398 38.40 29.66 -17.35
CA ALA D 398 38.88 30.99 -17.70
C ALA D 398 39.97 31.49 -16.76
N ASP D 399 39.81 31.23 -15.46
CA ASP D 399 40.74 31.76 -14.46
C ASP D 399 41.74 30.75 -13.95
N GLU D 400 41.41 29.46 -13.94
CA GLU D 400 42.29 28.46 -13.37
C GLU D 400 42.74 27.45 -14.41
N SER D 401 42.32 27.60 -15.67
CA SER D 401 42.64 26.71 -16.78
C SER D 401 42.16 25.28 -16.55
N LYS D 402 41.18 25.08 -15.66
CA LYS D 402 40.63 23.75 -15.44
C LYS D 402 39.14 23.87 -15.10
N TYR D 403 38.47 22.71 -15.04
CA TYR D 403 37.01 22.66 -14.88
C TYR D 403 36.56 22.53 -13.43
N THR D 404 37.03 21.51 -12.71
CA THR D 404 36.69 21.37 -11.31
C THR D 404 37.83 21.87 -10.45
N ASP D 405 37.62 21.81 -9.15
CA ASP D 405 38.64 22.16 -8.18
C ASP D 405 39.32 20.93 -7.59
N GLY D 406 38.64 19.78 -7.58
CA GLY D 406 39.22 18.58 -7.05
C GLY D 406 38.72 17.32 -7.72
N GLY D 407 38.18 17.47 -8.94
CA GLY D 407 37.68 16.37 -9.71
C GLY D 407 36.18 16.14 -9.59
N MET D 408 35.58 16.47 -8.45
CA MET D 408 34.18 16.11 -8.25
C MET D 408 33.47 17.14 -7.38
N ILE D 409 32.18 17.32 -7.63
CA ILE D 409 31.31 18.16 -6.81
C ILE D 409 29.92 17.51 -6.77
N SER D 410 29.29 17.53 -5.59
CA SER D 410 27.97 16.93 -5.39
C SER D 410 26.99 17.95 -4.83
N TRP D 411 25.84 18.08 -5.49
CA TRP D 411 24.67 18.77 -4.93
C TRP D 411 23.63 17.75 -4.50
N VAL D 412 23.12 17.86 -3.26
CA VAL D 412 22.08 16.98 -2.75
C VAL D 412 21.02 17.81 -2.03
N LYS D 413 19.74 17.49 -2.27
CA LYS D 413 18.63 18.23 -1.71
C LYS D 413 17.76 17.36 -0.81
N LYS D 414 17.55 17.80 0.44
CA LYS D 414 16.64 17.18 1.40
C LYS D 414 16.14 18.30 2.31
N ASP D 415 14.92 18.15 2.86
CA ASP D 415 14.32 19.17 3.71
C ASP D 415 14.14 20.50 2.97
N GLY D 416 13.98 20.46 1.65
CA GLY D 416 13.81 21.73 0.98
C GLY D 416 15.07 22.56 0.94
N LYS D 417 16.21 21.96 1.30
CA LYS D 417 17.49 22.64 1.35
C LYS D 417 18.51 21.84 0.57
N ILE D 418 19.52 22.52 0.05
CA ILE D 418 20.51 21.93 -0.84
C ILE D 418 21.87 21.96 -0.14
N ILE D 419 22.56 20.82 -0.14
CA ILE D 419 23.88 20.67 0.46
C ILE D 419 24.87 20.37 -0.65
N ILE D 420 26.06 20.94 -0.55
CA ILE D 420 27.12 20.72 -1.53
C ILE D 420 28.32 20.12 -0.81
N ASN D 421 28.51 18.81 -0.97
CA ASN D 421 29.71 18.16 -0.45
C ASN D 421 30.96 18.76 -1.07
N GLY D 422 30.94 19.01 -2.38
CA GLY D 422 32.02 19.70 -3.04
C GLY D 422 31.97 21.20 -2.80
N GLY D 423 32.77 21.92 -3.56
CA GLY D 423 32.70 23.36 -3.53
C GLY D 423 33.26 24.01 -4.78
N PHE D 424 33.48 25.32 -4.67
CA PHE D 424 34.25 26.11 -5.65
C PHE D 424 33.53 26.04 -6.99
N LYS D 425 34.20 25.64 -8.08
CA LYS D 425 33.66 25.50 -9.43
C LYS D 425 32.17 25.23 -9.51
N ASP D 431 23.69 33.36 -12.03
CA ASP D 431 23.62 32.91 -10.64
C ASP D 431 24.92 32.21 -10.23
N LYS D 432 24.82 31.23 -9.35
CA LYS D 432 25.98 30.47 -8.90
C LYS D 432 25.49 29.09 -8.49
N ILE D 433 26.43 28.14 -8.41
CA ILE D 433 26.11 26.72 -8.18
C ILE D 433 25.25 26.52 -6.94
N GLU D 434 24.98 27.59 -6.19
CA GLU D 434 24.21 27.52 -4.96
C GLU D 434 22.82 28.14 -5.09
N ASN D 435 22.42 28.57 -6.29
CA ASN D 435 21.04 28.96 -6.59
C ASN D 435 20.37 27.97 -7.55
N LEU D 436 20.69 26.69 -7.40
CA LEU D 436 20.08 25.63 -8.19
C LEU D 436 18.70 25.27 -7.61
N GLY D 437 17.66 25.41 -8.43
CA GLY D 437 16.33 25.00 -8.02
C GLY D 437 16.24 23.53 -7.64
N MET D 438 17.01 22.67 -8.33
CA MET D 438 16.92 21.21 -8.21
C MET D 438 15.46 20.75 -8.23
N PRO D 439 14.75 20.92 -9.33
CA PRO D 439 13.28 20.71 -9.32
C PRO D 439 12.87 19.30 -8.96
N TYR D 440 13.72 18.30 -9.20
CA TYR D 440 13.42 16.93 -8.81
C TYR D 440 14.21 16.49 -7.60
N ASN D 441 14.72 17.45 -6.81
CA ASN D 441 15.50 17.18 -5.62
C ASN D 441 16.56 16.15 -6.02
N GLY D 442 16.72 15.06 -5.27
CA GLY D 442 17.73 14.07 -5.60
C GLY D 442 19.16 14.56 -5.42
N SER D 443 20.05 14.10 -6.31
CA SER D 443 21.45 14.48 -6.28
C SER D 443 21.99 14.80 -7.67
N TYR D 444 22.91 15.77 -7.74
CA TYR D 444 23.72 16.05 -8.92
C TYR D 444 25.17 15.69 -8.63
N LEU D 445 25.89 15.23 -9.65
CA LEU D 445 27.32 14.91 -9.49
C LEU D 445 28.08 15.26 -10.77
N LEU D 446 29.02 16.19 -10.67
CA LEU D 446 29.85 16.64 -11.78
C LEU D 446 31.24 16.00 -11.78
N MET D 447 31.73 15.64 -12.97
CA MET D 447 33.00 14.94 -13.13
C MET D 447 33.85 15.66 -14.18
N SER D 448 35.10 15.95 -13.85
CA SER D 448 36.05 16.53 -14.80
C SER D 448 37.48 16.41 -14.26
N SER D 449 38.45 16.56 -15.14
CA SER D 449 39.86 16.41 -14.82
C SER D 449 40.69 16.99 -15.97
N PRO D 450 41.94 17.46 -15.71
CA PRO D 450 42.80 17.93 -16.81
C PRO D 450 43.02 16.91 -17.92
N GLY D 451 41.95 16.49 -18.58
CA GLY D 451 42.08 15.56 -19.69
C GLY D 451 41.53 16.06 -21.01
N HIS D 452 42.39 16.71 -21.80
CA HIS D 452 42.08 17.17 -23.16
C HIS D 452 40.77 17.97 -23.21
N GLU D 453 40.65 18.94 -22.31
CA GLU D 453 39.50 19.83 -22.21
C GLU D 453 38.17 19.11 -22.41
N LYS D 454 37.92 18.13 -21.53
CA LYS D 454 36.64 17.42 -21.55
C LYS D 454 36.41 16.64 -20.25
N TYR D 455 35.88 15.41 -20.39
CA TYR D 455 35.38 14.57 -19.30
C TYR D 455 34.25 15.23 -18.53
N LEU D 456 33.90 16.47 -18.89
CA LEU D 456 32.85 17.20 -18.20
C LEU D 456 31.54 16.42 -18.26
N GLU D 457 31.25 15.66 -17.21
CA GLU D 457 30.09 14.77 -17.17
C GLU D 457 29.26 15.04 -15.91
N LEU D 458 27.94 15.18 -16.08
CA LEU D 458 27.02 15.43 -14.99
C LEU D 458 26.06 14.25 -14.84
N SER D 459 26.01 13.67 -13.65
CA SER D 459 25.11 12.55 -13.35
C SER D 459 24.00 13.01 -12.41
N ILE D 460 22.75 12.83 -12.83
CA ILE D 460 21.58 13.27 -12.07
C ILE D 460 20.74 12.05 -11.70
N LEU D 461 20.41 11.94 -10.41
CA LEU D 461 19.57 10.86 -9.88
C LEU D 461 18.31 11.49 -9.27
N PRO D 462 17.33 11.85 -10.09
CA PRO D 462 16.16 12.58 -9.54
C PRO D 462 15.37 11.73 -8.55
N GLU D 463 14.84 12.38 -7.52
CA GLU D 463 14.00 11.75 -6.52
C GLU D 463 12.52 11.96 -6.81
N GLY D 464 12.14 11.63 -8.04
CA GLY D 464 10.84 11.88 -8.62
C GLY D 464 10.65 10.92 -9.77
N GLU D 465 9.38 10.74 -10.19
CA GLU D 465 9.06 9.93 -11.38
C GLU D 465 8.82 10.79 -12.63
N ILE D 466 9.88 11.08 -13.40
CA ILE D 466 9.67 11.74 -14.69
C ILE D 466 8.97 10.80 -15.63
N SER D 467 8.09 11.38 -16.44
CA SER D 467 7.30 10.62 -17.40
C SER D 467 8.16 10.22 -18.60
N LYS D 468 7.64 9.24 -19.35
CA LYS D 468 8.22 8.87 -20.63
C LYS D 468 8.33 10.07 -21.55
N SER D 469 7.23 10.81 -21.72
CA SER D 469 7.27 12.06 -22.48
C SER D 469 8.37 12.98 -21.99
N GLY D 470 8.62 12.99 -20.68
CA GLY D 470 9.65 13.84 -20.13
C GLY D 470 11.06 13.35 -20.46
N LEU D 471 11.32 12.07 -20.17
CA LEU D 471 12.64 11.51 -20.47
C LEU D 471 12.94 11.55 -21.97
N ASP D 472 11.90 11.44 -22.81
CA ASP D 472 12.10 11.55 -24.24
C ASP D 472 12.39 12.99 -24.67
N LYS D 473 11.86 13.97 -23.93
CA LYS D 473 12.24 15.35 -24.22
C LYS D 473 13.72 15.59 -23.91
N LEU D 474 14.22 14.98 -22.83
CA LEU D 474 15.64 15.13 -22.51
C LEU D 474 16.52 14.45 -23.54
N LYS D 475 16.02 13.37 -24.17
CA LYS D 475 16.82 12.65 -25.14
C LYS D 475 16.90 13.38 -26.47
N ASN D 476 15.86 14.12 -26.84
CA ASN D 476 15.68 14.65 -28.18
C ASN D 476 15.72 16.18 -28.25
N ASP D 477 15.72 16.89 -27.13
CA ASP D 477 15.72 18.34 -27.13
C ASP D 477 17.11 18.80 -27.52
N TYR D 478 18.01 18.86 -26.53
CA TYR D 478 19.41 19.15 -26.75
C TYR D 478 20.28 18.04 -26.19
N GLY D 479 19.67 16.92 -25.82
CA GLY D 479 20.34 15.79 -25.20
C GLY D 479 21.39 15.02 -25.98
N ASN D 480 21.05 14.49 -27.15
CA ASN D 480 21.96 13.65 -27.91
C ASN D 480 22.47 12.54 -27.00
N LEU D 481 23.76 12.49 -26.72
CA LEU D 481 24.27 11.53 -25.75
C LEU D 481 23.82 11.94 -24.36
N ILE D 482 22.87 11.18 -23.82
CA ILE D 482 22.40 11.31 -22.45
C ILE D 482 22.12 9.90 -21.97
N ASP D 483 22.52 9.59 -20.74
CA ASP D 483 22.42 8.22 -20.26
C ASP D 483 21.32 8.14 -19.21
N ILE D 484 20.10 7.86 -19.67
CA ILE D 484 18.98 7.58 -18.79
C ILE D 484 18.96 6.07 -18.62
N THR D 485 19.72 5.58 -17.64
CA THR D 485 19.58 4.17 -17.29
C THR D 485 18.25 3.98 -16.55
N ASN D 486 17.93 2.74 -16.22
CA ASN D 486 16.66 2.43 -15.59
C ASN D 486 16.82 1.31 -14.57
N ASP D 487 17.56 1.59 -13.50
CA ASP D 487 17.37 0.83 -12.27
C ASP D 487 15.92 0.98 -11.86
N GLN D 488 15.20 -0.13 -11.76
CA GLN D 488 13.76 -0.04 -11.56
C GLN D 488 13.45 0.73 -10.28
N ASN D 489 12.48 1.62 -10.38
CA ASN D 489 12.11 2.57 -9.32
C ASN D 489 13.26 3.53 -9.01
N LYS D 490 14.14 3.78 -10.00
CA LYS D 490 15.26 4.70 -9.79
C LYS D 490 15.96 5.08 -11.11
N ILE D 491 15.56 6.22 -11.69
CA ILE D 491 16.17 6.69 -12.93
C ILE D 491 17.53 7.32 -12.65
N ASN D 492 18.49 7.10 -13.56
CA ASN D 492 19.81 7.73 -13.52
C ASN D 492 20.07 8.43 -14.84
N ILE D 493 20.43 9.71 -14.78
CA ILE D 493 20.73 10.52 -15.98
C ILE D 493 22.18 11.01 -15.93
N VAL D 494 22.90 10.80 -17.04
CA VAL D 494 24.27 11.27 -17.22
C VAL D 494 24.35 12.13 -18.48
N ILE D 495 24.82 13.37 -18.33
CA ILE D 495 24.98 14.30 -19.44
C ILE D 495 26.45 14.68 -19.56
N LYS D 496 26.96 14.74 -20.79
CA LYS D 496 28.33 15.18 -21.07
C LYS D 496 28.32 16.64 -21.49
N LEU D 497 28.78 17.52 -20.60
CA LEU D 497 28.78 18.96 -20.85
C LEU D 497 29.82 19.37 -21.90
N LEU D 498 30.84 18.54 -22.14
CA LEU D 498 31.94 18.81 -23.06
C LEU D 498 32.76 20.02 -22.61
#